data_4ALX
#
_entry.id   4ALX
#
_cell.length_a   119.249
_cell.length_b   121.308
_cell.length_c   152.074
_cell.angle_alpha   90.00
_cell.angle_beta   90.00
_cell.angle_gamma   90.00
#
_symmetry.space_group_name_H-M   'P 21 21 21'
#
loop_
_entity.id
_entity.type
_entity.pdbx_description
1 polymer 'ACETYLCHOLINE BINDING PROTEIN'
2 non-polymer "(4bS,6S)-6-methoxy-1,4,6,7,9,10,12,13-octahydro-3H,5H-pyrano[4',3':3,4]pyrido[2,1-i]indol-3-one"
3 non-polymer 'PENTAETHYLENE GLYCOL'
4 non-polymer 'MAGNESIUM ION'
5 water water
#
_entity_poly.entity_id   1
_entity_poly.type   'polypeptide(L)'
_entity_poly.pdbx_seq_one_letter_code
;MRRNIFCLACLWIVQACLSLDRADILYNIRQTSRPDVIPTQRDRPVAVSVSLKFINILEVNEITNEVDVVFWQQTTWSDR
TLAWNSSHSPDQVSVPISSLWVPDLAAYNAISKPEVLTPQLARVVSDGEVLYMPSIRQRFSCDVSGVDTESGATCRIKIG
SWTHHSREISVDPTTENSDDSEYFSQYSRFEILDVTQKKNSVTYSCCPEAYEDVEVSLNFRKKGRSEIL
;
_entity_poly.pdbx_strand_id   A,B,C,D,E,F,G,H,I,J
#
# COMPACT_ATOMS: atom_id res chain seq x y z
N LEU A 20 2.53 -0.92 28.84
CA LEU A 20 1.76 -1.31 27.67
C LEU A 20 0.29 -1.34 28.00
N ASP A 21 -0.55 -0.86 27.10
CA ASP A 21 -1.96 -1.11 27.25
C ASP A 21 -2.41 -2.15 26.23
N ARG A 22 -3.66 -2.58 26.39
CA ARG A 22 -4.27 -3.52 25.44
C ARG A 22 -4.00 -3.17 23.96
N ALA A 23 -4.28 -1.92 23.57
CA ALA A 23 -4.09 -1.46 22.18
C ALA A 23 -2.66 -1.67 21.65
N ASP A 24 -1.67 -1.37 22.49
CA ASP A 24 -0.26 -1.55 22.13
C ASP A 24 0.11 -3.02 21.89
N ILE A 25 -0.32 -3.88 22.80
CA ILE A 25 -0.07 -5.32 22.68
C ILE A 25 -0.65 -5.86 21.38
N LEU A 26 -1.90 -5.50 21.11
CA LEU A 26 -2.57 -5.95 19.89
C LEU A 26 -1.90 -5.36 18.64
N TYR A 27 -1.48 -4.10 18.72
CA TYR A 27 -0.81 -3.46 17.58
C TYR A 27 0.52 -4.19 17.31
N ASN A 28 1.30 -4.38 18.36
CA ASN A 28 2.56 -5.08 18.25
C ASN A 28 2.39 -6.48 17.64
N ILE A 29 1.40 -7.23 18.12
CA ILE A 29 1.13 -8.56 17.58
C ILE A 29 0.76 -8.49 16.12
N ARG A 30 -0.20 -7.62 15.77
CA ARG A 30 -0.58 -7.48 14.36
C ARG A 30 0.59 -7.09 13.46
N GLN A 31 1.41 -6.14 13.90
CA GLN A 31 2.50 -5.62 13.06
C GLN A 31 3.65 -6.58 12.86
N THR A 32 3.84 -7.52 13.77
CA THR A 32 4.97 -8.44 13.66
C THR A 32 4.54 -9.89 13.49
N SER A 33 3.25 -10.12 13.31
CA SER A 33 2.69 -11.47 13.16
C SER A 33 3.19 -12.19 11.93
N ARG A 34 3.60 -13.44 12.10
CA ARG A 34 3.87 -14.33 10.96
C ARG A 34 2.94 -15.54 11.04
N PRO A 35 1.68 -15.36 10.68
CA PRO A 35 0.69 -16.43 10.78
C PRO A 35 0.99 -17.64 9.90
N ASP A 36 1.86 -17.47 8.91
CA ASP A 36 2.28 -18.57 8.03
C ASP A 36 3.44 -19.39 8.63
N VAL A 37 3.98 -18.94 9.77
CA VAL A 37 5.22 -19.50 10.28
C VAL A 37 5.04 -20.22 11.62
N ILE A 38 5.25 -21.52 11.61
CA ILE A 38 5.09 -22.32 12.79
C ILE A 38 6.16 -21.87 13.79
N PRO A 39 5.77 -21.60 15.03
CA PRO A 39 6.73 -21.03 15.97
C PRO A 39 7.59 -22.09 16.64
N THR A 40 8.34 -22.87 15.84
CA THR A 40 9.24 -23.87 16.38
C THR A 40 10.42 -23.14 16.96
N GLN A 41 10.67 -23.39 18.24
CA GLN A 41 11.78 -22.77 18.96
C GLN A 41 12.91 -23.77 19.12
N ARG A 42 14.02 -23.51 18.42
CA ARG A 42 15.21 -24.36 18.45
C ARG A 42 15.02 -25.73 17.82
N ASP A 43 14.13 -25.81 16.83
CA ASP A 43 13.93 -27.04 16.03
C ASP A 43 13.36 -28.21 16.85
N ARG A 44 12.76 -27.88 17.99
CA ARG A 44 11.89 -28.79 18.71
C ARG A 44 10.48 -28.57 18.15
N PRO A 45 9.64 -29.62 18.18
CA PRO A 45 8.29 -29.42 17.64
C PRO A 45 7.49 -28.45 18.52
N VAL A 46 6.47 -27.81 17.95
CA VAL A 46 5.49 -27.10 18.73
C VAL A 46 4.57 -28.14 19.35
N ALA A 47 4.46 -28.11 20.67
CA ALA A 47 3.59 -29.03 21.37
C ALA A 47 2.17 -28.49 21.39
N VAL A 48 1.26 -29.21 20.72
CA VAL A 48 -0.12 -28.78 20.69
C VAL A 48 -1.02 -29.71 21.49
N SER A 49 -1.83 -29.14 22.37
CA SER A 49 -2.81 -29.90 23.12
C SER A 49 -4.17 -29.75 22.49
N VAL A 50 -4.83 -30.87 22.24
CA VAL A 50 -6.16 -30.91 21.65
C VAL A 50 -7.11 -31.70 22.52
N SER A 51 -8.30 -31.16 22.73
CA SER A 51 -9.27 -31.79 23.59
C SER A 51 -10.66 -31.43 23.06
N LEU A 52 -11.51 -32.44 22.81
CA LEU A 52 -12.84 -32.15 22.33
C LEU A 52 -13.86 -32.15 23.47
N LYS A 53 -14.59 -31.06 23.61
CA LYS A 53 -15.70 -31.01 24.55
C LYS A 53 -17.01 -31.13 23.77
N PHE A 54 -17.66 -32.27 23.86
CA PHE A 54 -18.89 -32.48 23.13
C PHE A 54 -20.06 -31.70 23.72
N ILE A 55 -20.83 -31.06 22.85
CA ILE A 55 -21.91 -30.19 23.27
C ILE A 55 -23.23 -30.81 22.85
N ASN A 56 -23.24 -31.36 21.66
CA ASN A 56 -24.46 -31.96 21.15
C ASN A 56 -24.22 -32.99 20.07
N ILE A 57 -25.13 -33.96 20.00
CA ILE A 57 -25.14 -34.95 18.95
C ILE A 57 -26.48 -34.79 18.27
N LEU A 58 -26.47 -34.39 17.01
CA LEU A 58 -27.67 -33.84 16.37
C LEU A 58 -28.38 -34.81 15.46
N GLU A 59 -27.58 -35.62 14.79
CA GLU A 59 -28.13 -36.58 13.87
C GLU A 59 -27.22 -37.77 13.85
N VAL A 60 -27.84 -38.93 13.79
CA VAL A 60 -27.15 -40.18 13.87
C VAL A 60 -27.81 -41.13 12.86
N ASN A 61 -27.02 -41.86 12.12
CA ASN A 61 -27.56 -42.76 11.11
C ASN A 61 -26.82 -44.08 11.19
N GLU A 62 -27.48 -45.11 11.70
CA GLU A 62 -26.84 -46.40 11.92
C GLU A 62 -26.69 -47.19 10.63
N ILE A 63 -27.48 -46.82 9.62
CA ILE A 63 -27.37 -47.45 8.32
C ILE A 63 -26.13 -46.94 7.57
N THR A 64 -25.94 -45.63 7.56
CA THR A 64 -24.83 -45.06 6.81
C THR A 64 -23.57 -44.88 7.65
N ASN A 65 -23.68 -45.13 8.96
CA ASN A 65 -22.56 -44.89 9.89
C ASN A 65 -22.04 -43.46 9.83
N GLU A 66 -22.95 -42.51 9.95
CA GLU A 66 -22.58 -41.11 9.94
C GLU A 66 -23.20 -40.45 11.14
N VAL A 67 -22.49 -39.45 11.65
CA VAL A 67 -22.94 -38.73 12.83
C VAL A 67 -22.67 -37.24 12.65
N ASP A 68 -23.59 -36.42 13.15
CA ASP A 68 -23.49 -34.97 13.09
C ASP A 68 -23.29 -34.46 14.52
N VAL A 69 -22.25 -33.68 14.76
CA VAL A 69 -21.79 -33.40 16.11
C VAL A 69 -21.39 -31.94 16.31
N VAL A 70 -21.72 -31.39 17.47
CA VAL A 70 -21.22 -30.07 17.83
C VAL A 70 -20.25 -30.21 18.99
N PHE A 71 -19.06 -29.62 18.86
CA PHE A 71 -18.05 -29.71 19.89
C PHE A 71 -17.16 -28.45 20.01
N TRP A 72 -16.65 -28.24 21.20
CA TRP A 72 -15.71 -27.17 21.44
C TRP A 72 -14.30 -27.78 21.35
N GLN A 73 -13.50 -27.29 20.43
CA GLN A 73 -12.18 -27.87 20.21
C GLN A 73 -11.14 -27.06 20.96
N GLN A 74 -10.86 -27.49 22.18
CA GLN A 74 -9.90 -26.83 23.05
C GLN A 74 -8.50 -27.07 22.51
N THR A 75 -7.84 -26.00 22.09
CA THR A 75 -6.55 -26.10 21.43
C THR A 75 -5.53 -25.14 22.04
N THR A 76 -4.42 -25.67 22.53
CA THR A 76 -3.44 -24.83 23.19
C THR A 76 -2.04 -25.16 22.71
N TRP A 77 -1.22 -24.13 22.66
CA TRP A 77 0.20 -24.27 22.32
C TRP A 77 0.92 -23.01 22.76
N SER A 78 2.23 -23.02 22.66
CA SER A 78 3.01 -21.88 23.10
C SER A 78 3.64 -21.21 21.88
N ASP A 79 3.55 -19.88 21.82
CA ASP A 79 4.22 -19.10 20.76
C ASP A 79 4.96 -17.96 21.45
N ARG A 80 6.24 -18.17 21.71
CA ARG A 80 7.03 -17.21 22.48
C ARG A 80 7.26 -15.88 21.75
N THR A 81 7.04 -15.84 20.44
CA THR A 81 7.17 -14.60 19.69
C THR A 81 6.06 -13.63 20.03
N LEU A 82 5.10 -14.08 20.86
CA LEU A 82 3.94 -13.25 21.20
C LEU A 82 4.07 -12.69 22.61
N ALA A 83 5.05 -13.17 23.36
CA ALA A 83 5.18 -12.79 24.76
C ALA A 83 5.45 -11.30 24.95
N TRP A 84 5.00 -10.76 26.09
CA TRP A 84 5.29 -9.37 26.45
C TRP A 84 5.46 -9.25 27.96
N ASN A 85 6.06 -8.15 28.40
CA ASN A 85 6.25 -7.88 29.82
C ASN A 85 4.92 -7.53 30.48
N SER A 86 4.49 -8.39 31.39
CA SER A 86 3.16 -8.26 31.98
C SER A 86 3.08 -7.19 33.08
N SER A 87 4.24 -6.66 33.47
CA SER A 87 4.28 -5.63 34.52
C SER A 87 3.51 -4.40 34.08
N HIS A 88 2.57 -3.98 34.93
CA HIS A 88 1.72 -2.80 34.66
C HIS A 88 0.98 -2.89 33.32
N SER A 89 0.71 -4.12 32.90
CA SER A 89 0.02 -4.37 31.65
C SER A 89 -1.00 -5.48 31.86
N PRO A 90 -2.00 -5.57 30.97
CA PRO A 90 -2.93 -6.70 31.01
C PRO A 90 -2.19 -8.02 30.84
N ASP A 91 -2.68 -9.05 31.50
CA ASP A 91 -2.08 -10.37 31.50
C ASP A 91 -2.47 -11.18 30.24
N GLN A 92 -3.60 -10.83 29.61
CA GLN A 92 -4.13 -11.59 28.49
C GLN A 92 -4.87 -10.68 27.53
N VAL A 93 -4.89 -11.03 26.25
CA VAL A 93 -5.71 -10.32 25.28
C VAL A 93 -6.42 -11.31 24.34
N SER A 94 -7.47 -10.85 23.67
CA SER A 94 -8.14 -11.60 22.61
C SER A 94 -7.63 -11.15 21.25
N VAL A 95 -7.16 -12.09 20.45
CA VAL A 95 -6.54 -11.78 19.18
C VAL A 95 -7.27 -12.52 18.06
N PRO A 96 -7.59 -11.81 16.96
CA PRO A 96 -8.19 -12.51 15.81
C PRO A 96 -7.19 -13.55 15.31
N ILE A 97 -7.65 -14.75 14.95
CA ILE A 97 -6.70 -15.80 14.60
C ILE A 97 -6.00 -15.52 13.28
N SER A 98 -6.58 -14.63 12.48
CA SER A 98 -5.92 -14.18 11.25
C SER A 98 -4.59 -13.47 11.52
N SER A 99 -4.37 -13.04 12.75
CA SER A 99 -3.09 -12.44 13.12
C SER A 99 -2.13 -13.42 13.78
N LEU A 100 -2.47 -14.70 13.83
CA LEU A 100 -1.66 -15.66 14.57
C LEU A 100 -1.39 -16.87 13.73
N TRP A 101 -0.27 -17.54 13.97
CA TRP A 101 -0.11 -18.91 13.51
C TRP A 101 -1.07 -19.78 14.29
N VAL A 102 -1.76 -20.66 13.57
CA VAL A 102 -2.68 -21.63 14.18
C VAL A 102 -2.37 -22.99 13.58
N PRO A 103 -2.34 -24.06 14.42
CA PRO A 103 -1.99 -25.38 13.88
C PRO A 103 -3.00 -25.81 12.81
N ASP A 104 -2.50 -26.46 11.76
CA ASP A 104 -3.36 -26.90 10.66
C ASP A 104 -4.03 -28.26 10.97
N LEU A 105 -4.82 -28.30 12.04
CA LEU A 105 -5.44 -29.54 12.46
C LEU A 105 -6.54 -29.89 11.48
N ALA A 106 -6.74 -31.19 11.24
CA ALA A 106 -7.89 -31.66 10.49
C ALA A 106 -8.45 -32.92 11.13
N ALA A 107 -9.75 -33.12 10.95
CA ALA A 107 -10.37 -34.36 11.38
C ALA A 107 -10.32 -35.31 10.19
N TYR A 108 -9.53 -36.37 10.33
CA TYR A 108 -9.26 -37.29 9.24
C TYR A 108 -10.48 -38.07 8.72
N ASN A 109 -11.49 -38.25 9.55
CA ASN A 109 -12.67 -38.97 9.12
C ASN A 109 -13.89 -38.08 9.04
N ALA A 110 -13.65 -36.78 8.89
CA ALA A 110 -14.75 -35.84 8.62
C ALA A 110 -15.28 -35.99 7.20
N ILE A 111 -16.57 -35.77 7.02
CA ILE A 111 -17.18 -35.87 5.69
C ILE A 111 -17.92 -34.61 5.35
N SER A 112 -17.78 -33.59 6.20
CA SER A 112 -18.30 -32.27 5.87
C SER A 112 -17.29 -31.24 6.32
N LYS A 113 -17.36 -30.05 5.75
CA LYS A 113 -16.52 -28.92 6.13
C LYS A 113 -16.82 -28.59 7.59
N PRO A 114 -15.80 -28.23 8.37
CA PRO A 114 -16.09 -27.76 9.73
C PRO A 114 -16.83 -26.41 9.73
N GLU A 115 -17.97 -26.36 10.39
CA GLU A 115 -18.77 -25.14 10.44
C GLU A 115 -18.44 -24.49 11.79
N VAL A 116 -17.79 -23.33 11.75
CA VAL A 116 -17.39 -22.66 12.98
C VAL A 116 -18.53 -21.76 13.42
N LEU A 117 -18.95 -21.90 14.68
CA LEU A 117 -20.14 -21.23 15.17
C LEU A 117 -19.84 -20.05 16.08
N THR A 118 -18.56 -19.76 16.30
CA THR A 118 -18.15 -18.79 17.30
C THR A 118 -17.22 -17.74 16.70
N PRO A 119 -17.08 -16.58 17.37
CA PRO A 119 -16.10 -15.57 16.90
C PRO A 119 -14.69 -16.15 16.81
N GLN A 120 -14.02 -15.93 15.69
CA GLN A 120 -12.70 -16.53 15.47
C GLN A 120 -11.59 -15.75 16.17
N LEU A 121 -11.57 -15.85 17.50
CA LEU A 121 -10.62 -15.18 18.37
C LEU A 121 -9.91 -16.20 19.25
N ALA A 122 -8.63 -15.99 19.48
CA ALA A 122 -7.88 -16.78 20.44
C ALA A 122 -7.55 -15.91 21.64
N ARG A 123 -7.26 -16.56 22.76
CA ARG A 123 -6.87 -15.87 23.96
C ARG A 123 -5.37 -16.06 24.15
N VAL A 124 -4.65 -14.96 24.24
CA VAL A 124 -3.20 -15.01 24.35
C VAL A 124 -2.73 -14.47 25.68
N VAL A 125 -1.94 -15.27 26.40
CA VAL A 125 -1.36 -14.91 27.69
C VAL A 125 0.02 -14.26 27.50
N SER A 126 0.41 -13.39 28.42
CA SER A 126 1.67 -12.64 28.27
C SER A 126 2.92 -13.50 28.13
N ASP A 127 2.87 -14.74 28.59
CA ASP A 127 4.01 -15.65 28.43
C ASP A 127 4.03 -16.37 27.10
N GLY A 128 3.07 -16.08 26.23
CA GLY A 128 3.02 -16.67 24.91
C GLY A 128 2.14 -17.90 24.76
N GLU A 129 1.47 -18.29 25.84
CA GLU A 129 0.52 -19.39 25.76
C GLU A 129 -0.70 -18.93 24.98
N VAL A 130 -1.17 -19.75 24.05
CA VAL A 130 -2.35 -19.42 23.26
C VAL A 130 -3.47 -20.43 23.51
N LEU A 131 -4.69 -19.94 23.66
CA LEU A 131 -5.84 -20.83 23.72
C LEU A 131 -6.79 -20.42 22.60
N TYR A 132 -7.13 -21.37 21.75
CA TYR A 132 -8.11 -21.19 20.68
C TYR A 132 -9.15 -22.29 20.87
N MET A 133 -10.42 -21.92 20.96
CA MET A 133 -11.47 -22.92 21.21
C MET A 133 -12.75 -22.64 20.43
N PRO A 134 -12.76 -23.00 19.15
CA PRO A 134 -13.96 -22.74 18.35
C PRO A 134 -15.02 -23.76 18.66
N SER A 135 -16.28 -23.35 18.54
CA SER A 135 -17.37 -24.30 18.52
C SER A 135 -17.55 -24.76 17.07
N ILE A 136 -17.52 -26.06 16.86
CA ILE A 136 -17.59 -26.62 15.53
C ILE A 136 -18.75 -27.59 15.38
N ARG A 137 -19.49 -27.46 14.27
CA ARG A 137 -20.44 -28.48 13.86
C ARG A 137 -19.91 -29.17 12.63
N GLN A 138 -19.86 -30.48 12.67
CA GLN A 138 -19.22 -31.23 11.60
C GLN A 138 -19.78 -32.66 11.57
N ARG A 139 -19.74 -33.26 10.39
CA ARG A 139 -20.26 -34.59 10.21
C ARG A 139 -19.10 -35.58 10.07
N PHE A 140 -19.24 -36.77 10.65
CA PHE A 140 -18.16 -37.74 10.64
C PHE A 140 -18.63 -39.10 10.18
N SER A 141 -17.71 -39.85 9.58
CA SER A 141 -17.92 -41.25 9.27
C SER A 141 -17.26 -42.03 10.40
N CYS A 142 -18.08 -42.76 11.13
CA CYS A 142 -17.58 -43.57 12.26
C CYS A 142 -18.60 -44.66 12.65
N ASP A 143 -18.23 -45.50 13.61
CA ASP A 143 -19.05 -46.65 13.95
C ASP A 143 -20.24 -46.26 14.82
N VAL A 144 -21.43 -46.33 14.24
CA VAL A 144 -22.64 -45.93 14.94
C VAL A 144 -23.37 -47.17 15.46
N SER A 145 -22.86 -48.34 15.14
CA SER A 145 -23.53 -49.58 15.54
C SER A 145 -23.65 -49.69 17.06
N GLY A 146 -24.86 -50.00 17.51
CA GLY A 146 -25.11 -50.16 18.94
C GLY A 146 -25.62 -48.92 19.64
N VAL A 147 -25.93 -47.87 18.87
CA VAL A 147 -26.38 -46.61 19.44
C VAL A 147 -27.69 -46.77 20.23
N ASP A 148 -28.52 -47.74 19.85
CA ASP A 148 -29.82 -47.98 20.48
C ASP A 148 -29.78 -49.04 21.58
N THR A 149 -28.59 -49.44 21.99
CA THR A 149 -28.43 -50.44 23.03
C THR A 149 -27.89 -49.77 24.29
N GLU A 150 -27.90 -50.50 25.39
CA GLU A 150 -27.39 -49.99 26.67
C GLU A 150 -25.89 -49.72 26.62
N SER A 151 -25.16 -50.53 25.84
CA SER A 151 -23.72 -50.39 25.71
C SER A 151 -23.36 -49.16 24.87
N GLY A 152 -24.27 -48.76 24.00
CA GLY A 152 -24.05 -47.60 23.15
C GLY A 152 -23.10 -47.82 21.99
N ALA A 153 -22.94 -46.78 21.17
CA ALA A 153 -21.98 -46.80 20.08
C ALA A 153 -20.66 -46.17 20.52
N THR A 154 -19.57 -46.54 19.84
CA THR A 154 -18.30 -45.88 20.07
C THR A 154 -17.79 -45.31 18.77
N CYS A 155 -17.91 -43.99 18.66
CA CYS A 155 -17.50 -43.27 17.47
C CYS A 155 -16.12 -42.66 17.67
N ARG A 156 -15.17 -43.00 16.81
CA ARG A 156 -13.81 -42.50 16.94
C ARG A 156 -13.53 -41.36 15.97
N ILE A 157 -13.02 -40.26 16.52
CA ILE A 157 -12.67 -39.09 15.73
C ILE A 157 -11.18 -38.81 15.78
N LYS A 158 -10.56 -38.75 14.61
CA LYS A 158 -9.12 -38.66 14.50
C LYS A 158 -8.71 -37.24 14.08
N ILE A 159 -7.98 -36.57 14.97
CA ILE A 159 -7.57 -35.20 14.72
C ILE A 159 -6.05 -34.99 14.81
N GLY A 160 -5.47 -34.42 13.77
CA GLY A 160 -4.03 -34.20 13.74
C GLY A 160 -3.64 -33.16 12.70
N SER A 161 -2.36 -32.79 12.71
CA SER A 161 -1.88 -31.85 11.71
C SER A 161 -2.01 -32.46 10.33
N TRP A 162 -2.46 -31.67 9.37
CA TRP A 162 -2.58 -32.17 8.02
C TRP A 162 -1.23 -32.30 7.35
N THR A 163 -0.32 -31.35 7.59
CA THR A 163 0.94 -31.29 6.83
C THR A 163 2.23 -31.32 7.65
N HIS A 164 2.14 -31.18 8.97
CA HIS A 164 3.34 -31.09 9.80
C HIS A 164 3.58 -32.42 10.53
N HIS A 165 4.74 -33.02 10.31
CA HIS A 165 5.09 -34.26 11.00
C HIS A 165 5.53 -34.02 12.46
N SER A 166 5.91 -35.10 13.14
CA SER A 166 6.09 -35.12 14.60
C SER A 166 7.26 -34.28 15.11
N ARG A 167 8.19 -33.92 14.23
CA ARG A 167 9.29 -33.05 14.63
C ARG A 167 8.91 -31.59 14.46
N GLU A 168 7.76 -31.33 13.85
CA GLU A 168 7.27 -29.95 13.71
C GLU A 168 6.09 -29.67 14.61
N ILE A 169 5.12 -30.59 14.63
CA ILE A 169 4.01 -30.52 15.57
C ILE A 169 3.80 -31.86 16.26
N SER A 170 3.74 -31.84 17.59
CA SER A 170 3.36 -33.03 18.32
C SER A 170 2.00 -32.70 18.93
N VAL A 171 1.09 -33.66 18.91
CA VAL A 171 -0.20 -33.46 19.54
C VAL A 171 -0.38 -34.36 20.75
N ASP A 172 -1.00 -33.83 21.78
CA ASP A 172 -1.23 -34.59 22.99
C ASP A 172 -2.62 -34.29 23.52
N PRO A 173 -3.32 -35.28 24.06
CA PRO A 173 -4.58 -34.90 24.71
C PRO A 173 -4.28 -34.03 25.92
N THR A 174 -5.19 -33.09 26.18
CA THR A 174 -5.14 -32.28 27.38
C THR A 174 -5.43 -33.21 28.53
N THR A 175 -4.43 -33.35 29.39
CA THR A 175 -4.43 -34.31 30.47
C THR A 175 -5.45 -33.97 31.60
N GLU A 176 -6.22 -32.90 31.41
CA GLU A 176 -7.25 -32.48 32.35
C GLU A 176 -8.31 -33.55 32.65
N ASN A 177 -8.66 -33.71 33.93
CA ASN A 177 -9.81 -34.54 34.32
C ASN A 177 -11.05 -33.69 34.19
N SER A 178 -12.15 -34.30 33.77
CA SER A 178 -13.38 -33.55 33.55
C SER A 178 -14.60 -34.44 33.42
N ASP A 179 -15.74 -33.86 33.78
CA ASP A 179 -17.07 -34.40 33.53
C ASP A 179 -17.24 -34.44 32.02
N ASP A 180 -17.33 -35.62 31.44
CA ASP A 180 -17.47 -35.75 30.00
C ASP A 180 -18.73 -35.04 29.48
N SER A 181 -19.72 -34.92 30.36
CA SER A 181 -20.98 -34.31 29.97
C SER A 181 -21.05 -32.89 30.47
N GLU A 182 -19.93 -32.38 30.99
CA GLU A 182 -19.92 -31.06 31.61
C GLU A 182 -20.65 -30.05 30.75
N TYR A 183 -20.32 -30.02 29.47
CA TYR A 183 -21.02 -29.04 28.66
C TYR A 183 -22.02 -29.69 27.71
N PHE A 184 -22.19 -31.00 27.80
CA PHE A 184 -23.13 -31.66 26.91
C PHE A 184 -24.55 -31.23 27.19
N SER A 185 -25.29 -30.91 26.13
CA SER A 185 -26.64 -30.41 26.28
C SER A 185 -27.59 -31.46 26.88
N GLN A 186 -28.34 -31.06 27.90
CA GLN A 186 -29.30 -31.96 28.53
C GLN A 186 -30.51 -32.28 27.64
N TYR A 187 -30.66 -31.55 26.55
CA TYR A 187 -31.83 -31.69 25.70
C TYR A 187 -31.58 -32.55 24.46
N SER A 188 -30.36 -33.04 24.31
CA SER A 188 -30.06 -33.95 23.22
C SER A 188 -30.88 -35.24 23.33
N ARG A 189 -31.17 -35.87 22.20
CA ARG A 189 -31.76 -37.20 22.17
C ARG A 189 -30.77 -38.20 22.73
N PHE A 190 -29.48 -37.82 22.79
CA PHE A 190 -28.44 -38.76 23.15
C PHE A 190 -27.77 -38.38 24.45
N GLU A 191 -26.97 -39.30 24.98
CA GLU A 191 -26.23 -39.06 26.22
C GLU A 191 -24.85 -39.68 26.08
N ILE A 192 -23.90 -39.15 26.82
CA ILE A 192 -22.53 -39.60 26.70
C ILE A 192 -22.20 -40.56 27.82
N LEU A 193 -21.62 -41.71 27.48
CA LEU A 193 -21.28 -42.73 28.48
C LEU A 193 -19.83 -42.54 28.89
N ASP A 194 -18.98 -42.26 27.90
CA ASP A 194 -17.56 -42.09 28.16
C ASP A 194 -16.86 -41.42 26.98
N VAL A 195 -15.79 -40.67 27.29
CA VAL A 195 -14.95 -40.11 26.25
C VAL A 195 -13.51 -40.43 26.61
N THR A 196 -12.80 -41.10 25.71
CA THR A 196 -11.38 -41.36 25.94
C THR A 196 -10.54 -40.82 24.81
N GLN A 197 -9.34 -40.40 25.16
CA GLN A 197 -8.43 -39.72 24.25
C GLN A 197 -7.06 -40.40 24.30
N LYS A 198 -6.46 -40.67 23.16
CA LYS A 198 -5.08 -41.11 23.13
C LYS A 198 -4.33 -40.51 21.94
N LYS A 199 -3.02 -40.72 21.89
CA LYS A 199 -2.24 -40.19 20.80
C LYS A 199 -1.73 -41.34 19.92
N ASN A 200 -1.78 -41.18 18.61
CA ASN A 200 -1.15 -42.12 17.66
C ASN A 200 -0.02 -41.52 16.85
N SER A 201 0.95 -42.34 16.44
CA SER A 201 1.91 -41.95 15.43
C SER A 201 1.69 -42.83 14.22
N VAL A 202 1.61 -42.22 13.04
CA VAL A 202 1.32 -42.95 11.81
C VAL A 202 2.36 -42.54 10.80
N THR A 203 2.84 -43.49 10.01
CA THR A 203 3.68 -43.12 8.88
C THR A 203 2.90 -43.25 7.58
N TYR A 204 3.02 -42.25 6.71
CA TYR A 204 2.37 -42.28 5.40
C TYR A 204 3.39 -42.51 4.29
N SER A 205 2.93 -43.05 3.16
CA SER A 205 3.80 -43.39 2.04
C SER A 205 4.62 -42.18 1.53
N CYS A 206 4.03 -41.00 1.56
CA CYS A 206 4.65 -39.80 0.99
C CYS A 206 5.96 -39.42 1.67
N CYS A 207 6.01 -39.63 2.98
CA CYS A 207 7.04 -39.03 3.79
C CYS A 207 7.66 -40.07 4.73
N PRO A 208 8.93 -39.89 5.06
CA PRO A 208 9.60 -40.82 5.97
C PRO A 208 9.28 -40.52 7.43
N GLU A 209 8.93 -39.28 7.74
CA GLU A 209 8.62 -38.90 9.11
C GLU A 209 7.22 -39.34 9.56
N ALA A 210 7.05 -39.48 10.87
CA ALA A 210 5.78 -39.92 11.43
C ALA A 210 4.89 -38.73 11.73
N TYR A 211 3.58 -38.91 11.55
CA TYR A 211 2.59 -37.86 11.85
C TYR A 211 1.77 -38.23 13.08
N GLU A 212 1.55 -37.28 13.97
CA GLU A 212 0.83 -37.56 15.20
C GLU A 212 -0.65 -37.18 15.07
N ASP A 213 -1.50 -37.95 15.73
CA ASP A 213 -2.89 -37.56 15.84
C ASP A 213 -3.42 -37.87 17.23
N VAL A 214 -4.52 -37.22 17.60
CA VAL A 214 -5.27 -37.61 18.78
C VAL A 214 -6.55 -38.31 18.32
N GLU A 215 -6.79 -39.50 18.86
CA GLU A 215 -7.98 -40.28 18.54
C GLU A 215 -8.91 -40.14 19.72
N VAL A 216 -10.08 -39.58 19.48
CA VAL A 216 -11.07 -39.36 20.50
C VAL A 216 -12.23 -40.37 20.35
N SER A 217 -12.41 -41.21 21.37
CA SER A 217 -13.45 -42.23 21.36
C SER A 217 -14.67 -41.75 22.12
N LEU A 218 -15.74 -41.48 21.40
CA LEU A 218 -16.99 -41.03 22.00
C LEU A 218 -17.96 -42.20 22.16
N ASN A 219 -18.17 -42.64 23.40
CA ASN A 219 -19.14 -43.69 23.70
C ASN A 219 -20.45 -43.06 24.12
N PHE A 220 -21.48 -43.23 23.30
CA PHE A 220 -22.76 -42.56 23.53
C PHE A 220 -23.91 -43.46 23.14
N ARG A 221 -25.12 -43.12 23.58
CA ARG A 221 -26.31 -43.89 23.22
C ARG A 221 -27.55 -43.00 23.17
N LYS A 222 -28.56 -43.47 22.43
CA LYS A 222 -29.87 -42.85 22.48
C LYS A 222 -30.40 -43.08 23.90
N LYS A 223 -31.21 -42.14 24.40
CA LYS A 223 -31.79 -42.27 25.72
C LYS A 223 -33.09 -43.09 25.70
N GLY A 224 -33.53 -43.51 26.88
CA GLY A 224 -34.79 -44.22 27.04
C GLY A 224 -34.89 -45.54 26.28
N ARG A 225 -33.75 -46.24 26.15
CA ARG A 225 -33.71 -47.52 25.44
C ARG A 225 -33.46 -48.71 26.38
N SER A 226 -33.19 -48.43 27.65
CA SER A 226 -33.07 -49.49 28.65
C SER A 226 -33.97 -49.15 29.82
N GLU A 227 -35.28 -49.17 29.59
CA GLU A 227 -36.23 -48.72 30.59
C GLU A 227 -36.48 -49.79 31.64
N ILE A 228 -37.06 -49.37 32.75
CA ILE A 228 -37.41 -50.25 33.87
C ILE A 228 -38.91 -50.21 34.06
N LEU A 229 -39.45 -48.99 33.97
CA LEU A 229 -40.84 -48.66 34.22
C LEU A 229 -41.19 -48.55 35.72
N LEU B 20 19.50 -20.61 6.32
CA LEU B 20 18.09 -20.28 6.21
C LEU B 20 17.29 -20.97 7.30
N ASP B 21 16.34 -20.25 7.89
CA ASP B 21 15.34 -20.92 8.71
C ASP B 21 13.99 -20.96 8.01
N ARG B 22 13.02 -21.57 8.67
CA ARG B 22 11.68 -21.73 8.15
C ARG B 22 11.06 -20.41 7.73
N ALA B 23 11.12 -19.44 8.64
CA ALA B 23 10.60 -18.11 8.36
C ALA B 23 11.19 -17.44 7.10
N ASP B 24 12.49 -17.61 6.88
CA ASP B 24 13.13 -17.03 5.68
C ASP B 24 12.63 -17.70 4.39
N ILE B 25 12.61 -19.03 4.38
CA ILE B 25 12.14 -19.79 3.23
C ILE B 25 10.73 -19.38 2.87
N LEU B 26 9.87 -19.29 3.87
CA LEU B 26 8.47 -18.93 3.62
C LEU B 26 8.35 -17.49 3.19
N TYR B 27 9.13 -16.61 3.80
CA TYR B 27 9.15 -15.20 3.38
C TYR B 27 9.59 -15.08 1.91
N ASN B 28 10.69 -15.74 1.56
CA ASN B 28 11.20 -15.71 0.19
C ASN B 28 10.17 -16.20 -0.81
N ILE B 29 9.50 -17.30 -0.48
CA ILE B 29 8.48 -17.85 -1.37
C ILE B 29 7.31 -16.90 -1.54
N ARG B 30 6.83 -16.35 -0.43
CA ARG B 30 5.72 -15.39 -0.49
C ARG B 30 6.09 -14.13 -1.30
N GLN B 31 7.27 -13.55 -1.04
CA GLN B 31 7.72 -12.33 -1.73
C GLN B 31 7.99 -12.48 -3.23
N THR B 32 8.35 -13.67 -3.68
CA THR B 32 8.70 -13.86 -5.09
C THR B 32 7.73 -14.79 -5.81
N SER B 33 6.63 -15.15 -5.16
CA SER B 33 5.66 -16.10 -5.73
C SER B 33 4.96 -15.54 -6.94
N ARG B 34 4.88 -16.33 -8.00
CA ARG B 34 3.99 -16.00 -9.11
C ARG B 34 2.95 -17.09 -9.27
N PRO B 35 1.91 -17.07 -8.43
CA PRO B 35 0.88 -18.14 -8.45
C PRO B 35 0.08 -18.20 -9.74
N ASP B 36 0.13 -17.14 -10.53
CA ASP B 36 -0.60 -17.08 -11.79
C ASP B 36 0.23 -17.66 -12.93
N VAL B 37 1.48 -18.00 -12.66
CA VAL B 37 2.42 -18.41 -13.71
C VAL B 37 2.85 -19.86 -13.63
N ILE B 38 2.46 -20.63 -14.65
CA ILE B 38 2.79 -22.04 -14.69
C ILE B 38 4.29 -22.17 -14.83
N PRO B 39 4.92 -22.99 -13.98
CA PRO B 39 6.39 -23.01 -13.96
C PRO B 39 6.99 -23.92 -15.03
N THR B 40 6.63 -23.66 -16.29
CA THR B 40 7.22 -24.39 -17.41
C THR B 40 8.67 -23.98 -17.57
N GLN B 41 9.54 -24.97 -17.71
CA GLN B 41 10.97 -24.75 -17.89
C GLN B 41 11.39 -25.25 -19.26
N ARG B 42 11.75 -24.31 -20.13
CA ARG B 42 12.35 -24.61 -21.44
C ARG B 42 11.35 -25.24 -22.41
N ASP B 43 10.09 -24.83 -22.30
CA ASP B 43 9.02 -25.25 -23.21
C ASP B 43 8.75 -26.76 -23.20
N ARG B 44 9.16 -27.40 -22.12
CA ARG B 44 8.59 -28.68 -21.75
C ARG B 44 7.39 -28.38 -20.85
N PRO B 45 6.36 -29.22 -20.92
CA PRO B 45 5.19 -29.10 -20.06
C PRO B 45 5.55 -29.37 -18.59
N VAL B 46 4.76 -28.82 -17.67
CA VAL B 46 4.88 -29.21 -16.27
C VAL B 46 4.26 -30.59 -16.11
N ALA B 47 5.05 -31.55 -15.64
CA ALA B 47 4.53 -32.90 -15.44
C ALA B 47 3.80 -33.01 -14.11
N VAL B 48 2.50 -33.19 -14.16
CA VAL B 48 1.70 -33.31 -12.96
C VAL B 48 1.28 -34.76 -12.73
N SER B 49 1.50 -35.26 -11.52
CA SER B 49 0.97 -36.58 -11.16
C SER B 49 -0.28 -36.42 -10.31
N VAL B 50 -1.31 -37.17 -10.67
CA VAL B 50 -2.60 -37.14 -9.97
C VAL B 50 -3.02 -38.54 -9.58
N SER B 51 -3.53 -38.69 -8.38
CA SER B 51 -3.88 -39.99 -7.86
C SER B 51 -4.99 -39.79 -6.83
N LEU B 52 -6.12 -40.45 -7.01
CA LEU B 52 -7.21 -40.33 -6.07
C LEU B 52 -7.21 -41.45 -5.05
N LYS B 53 -7.16 -41.08 -3.77
CA LYS B 53 -7.29 -42.05 -2.69
C LYS B 53 -8.69 -41.95 -2.12
N PHE B 54 -9.51 -42.94 -2.42
CA PHE B 54 -10.90 -42.89 -1.97
C PHE B 54 -10.99 -43.15 -0.49
N ILE B 55 -11.82 -42.36 0.18
CA ILE B 55 -11.93 -42.44 1.63
C ILE B 55 -13.33 -42.90 2.00
N ASN B 56 -14.31 -42.40 1.27
CA ASN B 56 -15.66 -42.80 1.55
C ASN B 56 -16.58 -42.65 0.35
N ILE B 57 -17.61 -43.50 0.30
CA ILE B 57 -18.69 -43.36 -0.67
C ILE B 57 -19.96 -43.18 0.12
N LEU B 58 -20.56 -41.99 0.02
CA LEU B 58 -21.57 -41.55 0.99
C LEU B 58 -22.98 -41.70 0.51
N GLU B 59 -23.18 -41.48 -0.78
CA GLU B 59 -24.51 -41.61 -1.33
C GLU B 59 -24.38 -42.09 -2.75
N VAL B 60 -25.28 -42.98 -3.11
CA VAL B 60 -25.26 -43.63 -4.38
C VAL B 60 -26.70 -43.67 -4.85
N ASN B 61 -26.94 -43.41 -6.13
CA ASN B 61 -28.31 -43.43 -6.65
C ASN B 61 -28.28 -44.07 -8.01
N GLU B 62 -28.79 -45.30 -8.08
CA GLU B 62 -28.73 -46.08 -9.32
C GLU B 62 -29.76 -45.61 -10.36
N ILE B 63 -30.79 -44.93 -9.89
CA ILE B 63 -31.76 -44.33 -10.80
C ILE B 63 -31.22 -43.09 -11.52
N THR B 64 -30.55 -42.21 -10.78
CA THR B 64 -30.05 -40.98 -11.38
C THR B 64 -28.61 -41.08 -11.88
N ASN B 65 -27.97 -42.21 -11.60
CA ASN B 65 -26.54 -42.39 -11.90
C ASN B 65 -25.65 -41.28 -11.31
N GLU B 66 -25.83 -41.04 -10.01
CA GLU B 66 -25.04 -40.04 -9.32
C GLU B 66 -24.42 -40.66 -8.08
N VAL B 67 -23.22 -40.20 -7.74
CA VAL B 67 -22.51 -40.71 -6.60
C VAL B 67 -21.84 -39.56 -5.84
N ASP B 68 -21.81 -39.68 -4.52
CA ASP B 68 -21.24 -38.67 -3.65
C ASP B 68 -20.01 -39.30 -3.01
N VAL B 69 -18.87 -38.65 -3.10
CA VAL B 69 -17.61 -39.31 -2.80
C VAL B 69 -16.63 -38.42 -2.02
N VAL B 70 -15.89 -39.01 -1.10
CA VAL B 70 -14.82 -38.29 -0.43
C VAL B 70 -13.48 -38.91 -0.79
N PHE B 71 -12.56 -38.10 -1.32
CA PHE B 71 -11.26 -38.63 -1.72
C PHE B 71 -10.13 -37.65 -1.42
N TRP B 72 -8.92 -38.20 -1.26
CA TRP B 72 -7.74 -37.37 -1.11
C TRP B 72 -7.06 -37.28 -2.46
N GLN B 73 -6.94 -36.07 -2.99
CA GLN B 73 -6.39 -35.88 -4.32
C GLN B 73 -4.88 -35.64 -4.27
N GLN B 74 -4.12 -36.71 -4.35
CA GLN B 74 -2.67 -36.61 -4.29
C GLN B 74 -2.15 -35.98 -5.56
N THR B 75 -1.49 -34.82 -5.43
CA THR B 75 -1.11 -34.03 -6.58
C THR B 75 0.33 -33.59 -6.44
N THR B 76 1.16 -33.94 -7.42
CA THR B 76 2.58 -33.60 -7.33
C THR B 76 3.11 -33.06 -8.64
N TRP B 77 4.06 -32.14 -8.53
CA TRP B 77 4.69 -31.54 -9.68
C TRP B 77 5.93 -30.83 -9.17
N SER B 78 6.77 -30.39 -10.09
CA SER B 78 8.01 -29.73 -9.73
C SER B 78 7.92 -28.25 -10.09
N ASP B 79 8.34 -27.38 -9.18
CA ASP B 79 8.45 -25.94 -9.44
C ASP B 79 9.82 -25.46 -9.00
N ARG B 80 10.76 -25.43 -9.94
CA ARG B 80 12.15 -25.13 -9.58
C ARG B 80 12.38 -23.70 -9.06
N THR B 81 11.42 -22.81 -9.29
CA THR B 81 11.53 -21.45 -8.79
C THR B 81 11.39 -21.40 -7.28
N LEU B 82 11.05 -22.53 -6.67
CA LEU B 82 10.82 -22.59 -5.23
C LEU B 82 12.01 -23.23 -4.50
N ALA B 83 12.96 -23.75 -5.25
CA ALA B 83 14.06 -24.49 -4.63
C ALA B 83 14.94 -23.61 -3.74
N TRP B 84 15.57 -24.22 -2.74
CA TRP B 84 16.54 -23.51 -1.91
C TRP B 84 17.65 -24.45 -1.47
N ASN B 85 18.75 -23.88 -1.00
CA ASN B 85 19.88 -24.66 -0.52
C ASN B 85 19.52 -25.30 0.81
N SER B 86 19.47 -26.63 0.83
CA SER B 86 19.00 -27.36 2.00
C SER B 86 20.06 -27.49 3.10
N SER B 87 21.29 -27.11 2.80
CA SER B 87 22.38 -27.19 3.78
C SER B 87 22.07 -26.35 5.00
N HIS B 88 22.11 -26.99 6.17
CA HIS B 88 21.76 -26.36 7.44
C HIS B 88 20.50 -25.53 7.32
N SER B 89 19.50 -26.14 6.74
CA SER B 89 18.17 -25.57 6.63
C SER B 89 17.20 -26.70 6.62
N PRO B 90 15.93 -26.42 6.93
CA PRO B 90 14.89 -27.44 6.83
C PRO B 90 14.77 -27.97 5.40
N ASP B 91 14.38 -29.24 5.30
CA ASP B 91 14.30 -29.92 4.02
C ASP B 91 12.96 -29.66 3.33
N GLN B 92 11.94 -29.33 4.12
CA GLN B 92 10.58 -29.15 3.64
C GLN B 92 9.85 -28.09 4.45
N VAL B 93 8.90 -27.41 3.82
CA VAL B 93 8.01 -26.48 4.51
C VAL B 93 6.57 -26.62 4.03
N SER B 94 5.64 -26.16 4.85
CA SER B 94 4.23 -26.10 4.50
C SER B 94 3.90 -24.70 4.03
N VAL B 95 3.31 -24.60 2.86
CA VAL B 95 3.07 -23.30 2.22
C VAL B 95 1.60 -23.18 1.85
N PRO B 96 0.96 -22.05 2.19
CA PRO B 96 -0.43 -21.83 1.77
C PRO B 96 -0.47 -21.82 0.23
N ILE B 97 -1.44 -22.51 -0.37
CA ILE B 97 -1.47 -22.63 -1.81
C ILE B 97 -1.72 -21.29 -2.49
N SER B 98 -2.26 -20.32 -1.77
CA SER B 98 -2.41 -18.97 -2.31
C SER B 98 -1.05 -18.36 -2.68
N SER B 99 0.03 -18.90 -2.13
CA SER B 99 1.36 -18.39 -2.46
C SER B 99 2.04 -19.21 -3.56
N LEU B 100 1.34 -20.16 -4.16
CA LEU B 100 1.96 -21.08 -5.12
C LEU B 100 1.15 -21.17 -6.41
N TRP B 101 1.82 -21.50 -7.51
CA TRP B 101 1.07 -21.94 -8.68
C TRP B 101 0.59 -23.33 -8.39
N VAL B 102 -0.67 -23.59 -8.72
CA VAL B 102 -1.27 -24.90 -8.55
C VAL B 102 -1.97 -25.25 -9.86
N PRO B 103 -1.83 -26.50 -10.31
CA PRO B 103 -2.49 -26.89 -11.57
C PRO B 103 -4.00 -26.71 -11.52
N ASP B 104 -4.59 -26.23 -12.62
CA ASP B 104 -6.00 -25.94 -12.68
C ASP B 104 -6.81 -27.20 -13.04
N LEU B 105 -6.64 -28.25 -12.23
CA LEU B 105 -7.32 -29.52 -12.48
C LEU B 105 -8.81 -29.39 -12.26
N ALA B 106 -9.60 -30.09 -13.08
CA ALA B 106 -11.04 -30.19 -12.84
C ALA B 106 -11.53 -31.61 -13.07
N ALA B 107 -12.58 -31.98 -12.38
CA ALA B 107 -13.26 -33.25 -12.65
C ALA B 107 -14.32 -32.98 -13.71
N TYR B 108 -14.09 -33.47 -14.92
CA TYR B 108 -14.99 -33.20 -16.04
C TYR B 108 -16.45 -33.69 -15.89
N ASN B 109 -16.68 -34.72 -15.10
CA ASN B 109 -18.05 -35.20 -14.89
C ASN B 109 -18.57 -34.91 -13.49
N ALA B 110 -18.01 -33.88 -12.85
CA ALA B 110 -18.49 -33.45 -11.54
C ALA B 110 -19.80 -32.68 -11.70
N ILE B 111 -20.70 -32.84 -10.74
CA ILE B 111 -21.97 -32.13 -10.81
C ILE B 111 -22.20 -31.31 -9.56
N SER B 112 -21.18 -31.25 -8.71
CA SER B 112 -21.19 -30.28 -7.62
C SER B 112 -19.82 -29.62 -7.48
N LYS B 113 -19.80 -28.47 -6.83
CA LYS B 113 -18.56 -27.80 -6.48
C LYS B 113 -17.71 -28.71 -5.59
N PRO B 114 -16.40 -28.76 -5.84
CA PRO B 114 -15.56 -29.52 -4.91
C PRO B 114 -15.53 -28.87 -3.53
N GLU B 115 -15.90 -29.62 -2.50
CA GLU B 115 -15.90 -29.15 -1.12
C GLU B 115 -14.59 -29.58 -0.47
N VAL B 116 -13.68 -28.64 -0.23
CA VAL B 116 -12.41 -28.96 0.36
C VAL B 116 -12.53 -29.04 1.89
N LEU B 117 -12.08 -30.15 2.47
CA LEU B 117 -12.31 -30.42 3.88
C LEU B 117 -11.06 -30.23 4.75
N THR B 118 -9.94 -29.85 4.12
CA THR B 118 -8.68 -29.82 4.82
C THR B 118 -8.01 -28.46 4.67
N PRO B 119 -7.06 -28.13 5.57
CA PRO B 119 -6.31 -26.86 5.44
C PRO B 119 -5.64 -26.77 4.07
N GLN B 120 -5.77 -25.61 3.43
CA GLN B 120 -5.25 -25.45 2.07
C GLN B 120 -3.75 -25.17 2.03
N LEU B 121 -2.96 -26.19 2.37
CA LEU B 121 -1.52 -26.08 2.45
C LEU B 121 -0.89 -27.14 1.57
N ALA B 122 0.21 -26.81 0.93
CA ALA B 122 0.99 -27.78 0.19
C ALA B 122 2.30 -27.99 0.93
N ARG B 123 2.94 -29.10 0.64
CA ARG B 123 4.22 -29.40 1.22
C ARG B 123 5.28 -29.22 0.14
N VAL B 124 6.25 -28.36 0.41
CA VAL B 124 7.28 -28.06 -0.59
C VAL B 124 8.68 -28.53 -0.14
N VAL B 125 9.32 -29.32 -0.99
CA VAL B 125 10.65 -29.84 -0.71
C VAL B 125 11.71 -28.89 -1.28
N SER B 126 12.89 -28.86 -0.66
CA SER B 126 13.96 -27.93 -1.07
C SER B 126 14.39 -28.02 -2.53
N ASP B 127 14.14 -29.14 -3.20
CA ASP B 127 14.47 -29.27 -4.62
C ASP B 127 13.35 -28.76 -5.54
N GLY B 128 12.29 -28.23 -4.95
CA GLY B 128 11.20 -27.69 -5.74
C GLY B 128 10.03 -28.63 -5.97
N GLU B 129 10.07 -29.84 -5.42
CA GLU B 129 8.95 -30.77 -5.56
C GLU B 129 7.81 -30.31 -4.64
N VAL B 130 6.59 -30.31 -5.18
CA VAL B 130 5.45 -29.86 -4.43
C VAL B 130 4.47 -31.00 -4.28
N LEU B 131 3.90 -31.16 -3.09
CA LEU B 131 2.84 -32.10 -2.86
C LEU B 131 1.64 -31.34 -2.29
N TYR B 132 0.53 -31.39 -2.99
CA TYR B 132 -0.72 -30.82 -2.53
C TYR B 132 -1.74 -31.96 -2.49
N MET B 133 -2.41 -32.15 -1.36
CA MET B 133 -3.34 -33.27 -1.21
C MET B 133 -4.57 -32.90 -0.41
N PRO B 134 -5.51 -32.20 -1.05
CA PRO B 134 -6.73 -31.83 -0.33
C PRO B 134 -7.69 -33.02 -0.18
N SER B 135 -8.44 -33.03 0.92
CA SER B 135 -9.55 -33.93 1.01
C SER B 135 -10.77 -33.26 0.36
N ILE B 136 -11.42 -33.97 -0.54
CA ILE B 136 -12.50 -33.38 -1.31
C ILE B 136 -13.76 -34.22 -1.22
N ARG B 137 -14.88 -33.57 -0.95
CA ARG B 137 -16.15 -34.22 -1.13
C ARG B 137 -16.82 -33.63 -2.35
N GLN B 138 -17.29 -34.48 -3.25
CA GLN B 138 -17.82 -34.00 -4.52
C GLN B 138 -18.77 -35.04 -5.13
N ARG B 139 -19.74 -34.55 -5.89
CA ARG B 139 -20.73 -35.41 -6.49
C ARG B 139 -20.44 -35.59 -7.99
N PHE B 140 -20.63 -36.81 -8.47
CA PHE B 140 -20.30 -37.13 -9.84
C PHE B 140 -21.44 -37.80 -10.59
N SER B 141 -21.49 -37.55 -11.89
CA SER B 141 -22.37 -38.27 -12.79
C SER B 141 -21.55 -39.41 -13.39
N CYS B 142 -21.92 -40.64 -13.08
CA CYS B 142 -21.20 -41.80 -13.60
C CYS B 142 -22.08 -43.04 -13.53
N ASP B 143 -21.56 -44.15 -14.07
CA ASP B 143 -22.34 -45.37 -14.15
C ASP B 143 -22.40 -46.11 -12.81
N VAL B 144 -23.57 -46.07 -12.20
CA VAL B 144 -23.81 -46.69 -10.91
C VAL B 144 -24.48 -48.09 -11.08
N SER B 145 -24.75 -48.47 -12.31
CA SER B 145 -25.48 -49.72 -12.55
C SER B 145 -24.66 -50.90 -12.07
N GLY B 146 -25.29 -51.78 -11.30
CA GLY B 146 -24.66 -52.99 -10.82
C GLY B 146 -24.08 -52.85 -9.42
N VAL B 147 -24.36 -51.73 -8.76
CA VAL B 147 -23.80 -51.48 -7.45
C VAL B 147 -24.24 -52.54 -6.41
N ASP B 148 -25.42 -53.13 -6.62
CA ASP B 148 -25.98 -54.08 -5.68
C ASP B 148 -25.67 -55.51 -6.05
N THR B 149 -24.80 -55.69 -7.04
CA THR B 149 -24.44 -57.03 -7.48
C THR B 149 -23.01 -57.34 -7.02
N GLU B 150 -22.59 -58.58 -7.18
CA GLU B 150 -21.26 -59.01 -6.74
C GLU B 150 -20.17 -58.41 -7.63
N SER B 151 -20.52 -58.17 -8.89
CA SER B 151 -19.58 -57.55 -9.82
C SER B 151 -19.37 -56.07 -9.50
N GLY B 152 -20.39 -55.44 -8.94
CA GLY B 152 -20.32 -54.05 -8.53
C GLY B 152 -20.49 -53.07 -9.68
N ALA B 153 -20.44 -51.79 -9.35
CA ALA B 153 -20.52 -50.75 -10.36
C ALA B 153 -19.10 -50.29 -10.72
N THR B 154 -18.97 -49.70 -11.90
CA THR B 154 -17.72 -49.07 -12.26
C THR B 154 -17.96 -47.62 -12.61
N CYS B 155 -17.60 -46.75 -11.69
CA CYS B 155 -17.77 -45.32 -11.85
C CYS B 155 -16.46 -44.66 -12.32
N ARG B 156 -16.49 -43.99 -13.47
CA ARG B 156 -15.29 -43.36 -14.00
C ARG B 156 -15.25 -41.86 -13.73
N ILE B 157 -14.14 -41.40 -13.18
CA ILE B 157 -13.95 -39.98 -12.90
C ILE B 157 -12.82 -39.46 -13.75
N LYS B 158 -13.13 -38.41 -14.51
CA LYS B 158 -12.17 -37.83 -15.43
C LYS B 158 -11.58 -36.50 -14.91
N ILE B 159 -10.27 -36.50 -14.70
CA ILE B 159 -9.60 -35.32 -14.15
C ILE B 159 -8.49 -34.86 -15.06
N GLY B 160 -8.50 -33.57 -15.41
CA GLY B 160 -7.41 -32.97 -16.15
C GLY B 160 -7.41 -31.46 -16.05
N SER B 161 -6.39 -30.83 -16.63
CA SER B 161 -6.33 -29.38 -16.68
C SER B 161 -7.54 -28.80 -17.41
N TRP B 162 -8.11 -27.74 -16.86
CA TRP B 162 -9.23 -27.11 -17.53
C TRP B 162 -8.75 -26.34 -18.76
N THR B 163 -7.63 -25.62 -18.66
CA THR B 163 -7.25 -24.69 -19.71
C THR B 163 -5.86 -24.90 -20.31
N HIS B 164 -5.05 -25.79 -19.73
CA HIS B 164 -3.69 -26.02 -20.24
C HIS B 164 -3.58 -27.29 -21.09
N HIS B 165 -3.14 -27.15 -22.34
CA HIS B 165 -2.97 -28.33 -23.19
C HIS B 165 -1.68 -29.12 -22.89
N SER B 166 -1.49 -30.21 -23.64
CA SER B 166 -0.44 -31.17 -23.36
C SER B 166 1.02 -30.67 -23.42
N ARG B 167 1.27 -29.54 -24.08
CA ARG B 167 2.63 -29.00 -24.09
C ARG B 167 2.84 -28.02 -22.94
N GLU B 168 1.78 -27.77 -22.16
CA GLU B 168 1.87 -26.93 -20.96
C GLU B 168 1.76 -27.74 -19.70
N ILE B 169 0.77 -28.63 -19.65
CA ILE B 169 0.61 -29.56 -18.54
C ILE B 169 0.42 -30.97 -19.07
N SER B 170 1.21 -31.91 -18.59
CA SER B 170 0.91 -33.30 -18.86
C SER B 170 0.45 -33.95 -17.56
N VAL B 171 -0.53 -34.85 -17.63
CA VAL B 171 -0.95 -35.54 -16.42
C VAL B 171 -0.67 -37.02 -16.51
N ASP B 172 -0.26 -37.61 -15.41
CA ASP B 172 0.08 -39.02 -15.37
C ASP B 172 -0.38 -39.59 -14.04
N PRO B 173 -0.88 -40.83 -14.04
CA PRO B 173 -1.14 -41.45 -12.73
C PRO B 173 0.17 -41.82 -12.03
N THR B 174 0.13 -42.23 -10.78
CA THR B 174 1.37 -42.68 -10.12
C THR B 174 1.51 -44.21 -10.09
N ASP B 179 -2.69 -51.19 -2.47
CA ASP B 179 -4.04 -51.32 -1.90
C ASP B 179 -4.86 -50.09 -2.28
N ASP B 180 -5.95 -50.33 -2.99
CA ASP B 180 -6.77 -49.25 -3.55
C ASP B 180 -7.55 -48.55 -2.46
N SER B 181 -7.93 -49.35 -1.47
CA SER B 181 -8.58 -48.87 -0.27
C SER B 181 -7.58 -48.85 0.87
N GLU B 182 -6.45 -48.18 0.68
CA GLU B 182 -5.48 -48.10 1.76
C GLU B 182 -6.12 -47.27 2.86
N TYR B 183 -6.86 -46.22 2.47
CA TYR B 183 -7.45 -45.33 3.45
C TYR B 183 -8.98 -45.36 3.45
N PHE B 184 -9.58 -46.30 2.74
CA PHE B 184 -11.03 -46.31 2.62
C PHE B 184 -11.62 -46.64 3.96
N SER B 185 -12.67 -45.92 4.34
CA SER B 185 -13.29 -46.09 5.65
C SER B 185 -13.94 -47.48 5.77
N GLN B 186 -13.69 -48.16 6.88
CA GLN B 186 -14.31 -49.47 7.12
C GLN B 186 -15.78 -49.38 7.46
N TYR B 187 -16.27 -48.16 7.69
CA TYR B 187 -17.64 -47.95 8.13
C TYR B 187 -18.60 -47.56 7.01
N SER B 188 -18.07 -47.47 5.79
CA SER B 188 -18.91 -47.19 4.64
C SER B 188 -19.90 -48.34 4.37
N ARG B 189 -21.07 -48.00 3.81
CA ARG B 189 -22.01 -48.98 3.29
C ARG B 189 -21.37 -49.72 2.11
N PHE B 190 -20.34 -49.13 1.52
CA PHE B 190 -19.77 -49.71 0.32
C PHE B 190 -18.34 -50.22 0.54
N GLU B 191 -17.84 -50.95 -0.44
CA GLU B 191 -16.49 -51.48 -0.39
C GLU B 191 -15.91 -51.41 -1.79
N ILE B 192 -14.59 -51.28 -1.86
CA ILE B 192 -13.95 -51.07 -3.15
C ILE B 192 -13.38 -52.40 -3.64
N LEU B 193 -13.69 -52.73 -4.88
CA LEU B 193 -13.21 -53.96 -5.48
C LEU B 193 -11.90 -53.70 -6.22
N ASP B 194 -11.82 -52.56 -6.90
CA ASP B 194 -10.62 -52.22 -7.66
C ASP B 194 -10.62 -50.76 -8.09
N VAL B 195 -9.43 -50.19 -8.23
CA VAL B 195 -9.28 -48.84 -8.74
C VAL B 195 -8.20 -48.86 -9.80
N THR B 196 -8.55 -48.47 -11.02
CA THR B 196 -7.57 -48.36 -12.07
C THR B 196 -7.51 -46.94 -12.64
N GLN B 197 -6.31 -46.55 -13.05
CA GLN B 197 -6.09 -45.23 -13.61
C GLN B 197 -5.57 -45.40 -15.04
N LYS B 198 -6.13 -44.65 -15.97
CA LYS B 198 -5.76 -44.75 -17.37
C LYS B 198 -5.65 -43.34 -17.94
N LYS B 199 -4.61 -43.08 -18.74
CA LYS B 199 -4.35 -41.75 -19.24
C LYS B 199 -5.00 -41.52 -20.62
N ASN B 200 -5.51 -40.32 -20.88
CA ASN B 200 -6.10 -40.00 -22.19
C ASN B 200 -5.62 -38.67 -22.76
N SER B 201 -5.57 -38.58 -24.08
CA SER B 201 -5.40 -37.30 -24.78
C SER B 201 -6.65 -37.03 -25.60
N VAL B 202 -7.20 -35.84 -25.47
CA VAL B 202 -8.45 -35.50 -26.14
C VAL B 202 -8.26 -34.19 -26.87
N THR B 203 -8.77 -34.12 -28.09
CA THR B 203 -8.76 -32.84 -28.79
C THR B 203 -10.15 -32.23 -28.77
N TYR B 204 -10.21 -30.94 -28.48
CA TYR B 204 -11.49 -30.24 -28.44
C TYR B 204 -11.60 -29.29 -29.63
N SER B 205 -12.83 -28.95 -30.01
CA SER B 205 -13.08 -28.10 -31.18
C SER B 205 -12.39 -26.73 -31.11
N CYS B 206 -12.30 -26.17 -29.91
CA CYS B 206 -11.75 -24.83 -29.73
C CYS B 206 -10.29 -24.70 -30.14
N CYS B 207 -9.52 -25.75 -29.88
CA CYS B 207 -8.08 -25.64 -29.95
C CYS B 207 -7.48 -26.80 -30.76
N PRO B 208 -6.34 -26.55 -31.38
CA PRO B 208 -5.68 -27.60 -32.17
C PRO B 208 -4.89 -28.55 -31.30
N GLU B 209 -4.49 -28.08 -30.14
CA GLU B 209 -3.67 -28.90 -29.25
C GLU B 209 -4.50 -29.91 -28.47
N ALA B 210 -3.84 -30.99 -28.04
CA ALA B 210 -4.49 -32.04 -27.28
C ALA B 210 -4.43 -31.72 -25.78
N TYR B 211 -5.47 -32.13 -25.06
CA TYR B 211 -5.54 -31.96 -23.61
C TYR B 211 -5.48 -33.32 -22.92
N GLU B 212 -4.66 -33.43 -21.89
CA GLU B 212 -4.50 -34.70 -21.19
C GLU B 212 -5.43 -34.82 -19.98
N ASP B 213 -5.87 -36.04 -19.69
CA ASP B 213 -6.62 -36.28 -18.48
C ASP B 213 -6.29 -37.64 -17.91
N VAL B 214 -6.54 -37.81 -16.62
CA VAL B 214 -6.47 -39.13 -16.02
C VAL B 214 -7.89 -39.59 -15.79
N GLU B 215 -8.18 -40.82 -16.20
CA GLU B 215 -9.49 -41.40 -16.01
C GLU B 215 -9.41 -42.49 -14.95
N VAL B 216 -10.09 -42.26 -13.84
CA VAL B 216 -10.00 -43.14 -12.69
C VAL B 216 -11.26 -43.99 -12.62
N SER B 217 -11.08 -45.30 -12.75
CA SER B 217 -12.21 -46.23 -12.70
C SER B 217 -12.32 -46.83 -11.30
N LEU B 218 -13.41 -46.48 -10.61
CA LEU B 218 -13.69 -46.97 -9.28
C LEU B 218 -14.69 -48.10 -9.35
N ASN B 219 -14.23 -49.32 -9.10
CA ASN B 219 -15.10 -50.50 -9.08
C ASN B 219 -15.50 -50.83 -7.64
N PHE B 220 -16.78 -50.65 -7.32
CA PHE B 220 -17.23 -50.77 -5.94
C PHE B 220 -18.62 -51.39 -5.88
N ARG B 221 -19.03 -51.83 -4.70
CA ARG B 221 -20.35 -52.43 -4.53
C ARG B 221 -20.85 -52.25 -3.11
N LYS B 222 -22.16 -52.47 -2.92
CA LYS B 222 -22.74 -52.43 -1.58
C LYS B 222 -22.25 -53.63 -0.79
N LYS B 223 -21.97 -53.42 0.49
CA LYS B 223 -21.45 -54.48 1.34
C LYS B 223 -22.51 -55.55 1.56
N GLY B 224 -22.09 -56.81 1.59
CA GLY B 224 -23.00 -57.93 1.78
C GLY B 224 -23.79 -57.89 3.08
N LEU C 20 9.27 -12.13 -25.34
CA LEU C 20 8.39 -12.27 -24.19
C LEU C 20 8.23 -13.73 -23.79
N ASP C 21 8.23 -14.00 -22.50
CA ASP C 21 7.83 -15.32 -22.03
C ASP C 21 6.45 -15.23 -21.35
N ARG C 22 5.89 -16.38 -20.98
CA ARG C 22 4.61 -16.43 -20.28
C ARG C 22 4.53 -15.47 -19.12
N ALA C 23 5.56 -15.50 -18.25
CA ALA C 23 5.56 -14.68 -17.05
C ALA C 23 5.43 -13.19 -17.38
N ASP C 24 6.08 -12.75 -18.45
CA ASP C 24 6.05 -11.35 -18.84
C ASP C 24 4.67 -10.94 -19.33
N ILE C 25 4.09 -11.78 -20.18
CA ILE C 25 2.77 -11.53 -20.73
C ILE C 25 1.76 -11.43 -19.59
N LEU C 26 1.82 -12.37 -18.66
CA LEU C 26 0.90 -12.39 -17.54
C LEU C 26 1.14 -11.19 -16.63
N TYR C 27 2.40 -10.83 -16.43
CA TYR C 27 2.72 -9.68 -15.60
C TYR C 27 2.18 -8.41 -16.24
N ASN C 28 2.41 -8.26 -17.55
CA ASN C 28 1.92 -7.09 -18.26
C ASN C 28 0.40 -6.95 -18.20
N ILE C 29 -0.30 -8.07 -18.38
CA ILE C 29 -1.76 -8.08 -18.31
C ILE C 29 -2.23 -7.69 -16.92
N ARG C 30 -1.64 -8.30 -15.89
CA ARG C 30 -2.03 -8.00 -14.52
C ARG C 30 -1.79 -6.52 -14.16
N GLN C 31 -0.62 -6.00 -14.55
CA GLN C 31 -0.26 -4.62 -14.22
C GLN C 31 -1.07 -3.54 -14.94
N THR C 32 -1.62 -3.85 -16.12
CA THR C 32 -2.35 -2.84 -16.89
C THR C 32 -3.82 -3.22 -17.08
N SER C 33 -4.27 -4.25 -16.39
CA SER C 33 -5.66 -4.71 -16.50
C SER C 33 -6.67 -3.69 -15.97
N ARG C 34 -7.71 -3.44 -16.75
CA ARG C 34 -8.86 -2.67 -16.27
C ARG C 34 -10.11 -3.56 -16.33
N PRO C 35 -10.27 -4.45 -15.35
CA PRO C 35 -11.38 -5.42 -15.37
C PRO C 35 -12.75 -4.78 -15.22
N ASP C 36 -12.77 -3.53 -14.79
CA ASP C 36 -14.02 -2.79 -14.66
C ASP C 36 -14.41 -2.08 -15.95
N VAL C 37 -13.54 -2.13 -16.96
CA VAL C 37 -13.71 -1.32 -18.17
C VAL C 37 -13.98 -2.14 -19.40
N ILE C 38 -15.16 -1.95 -19.98
CA ILE C 38 -15.56 -2.73 -21.15
C ILE C 38 -14.65 -2.27 -22.29
N PRO C 39 -14.03 -3.24 -23.00
CA PRO C 39 -13.07 -2.85 -24.05
C PRO C 39 -13.73 -2.43 -25.37
N THR C 40 -14.62 -1.45 -25.34
CA THR C 40 -15.21 -0.93 -26.57
C THR C 40 -14.17 -0.09 -27.26
N GLN C 41 -13.92 -0.32 -28.54
CA GLN C 41 -13.08 0.61 -29.26
C GLN C 41 -13.90 1.31 -30.32
N ARG C 42 -13.86 2.65 -30.28
CA ARG C 42 -14.56 3.51 -31.25
C ARG C 42 -16.08 3.53 -31.07
N ASP C 43 -16.52 3.38 -29.83
CA ASP C 43 -17.95 3.38 -29.49
C ASP C 43 -18.79 2.41 -30.33
N ARG C 44 -18.10 1.39 -30.86
CA ARG C 44 -18.75 0.18 -31.34
C ARG C 44 -18.97 -0.72 -30.14
N PRO C 45 -19.98 -1.60 -30.20
CA PRO C 45 -20.16 -2.55 -29.10
C PRO C 45 -19.08 -3.64 -29.10
N VAL C 46 -18.80 -4.19 -27.92
CA VAL C 46 -18.02 -5.42 -27.85
C VAL C 46 -18.90 -6.57 -28.31
N ALA C 47 -18.46 -7.31 -29.32
CA ALA C 47 -19.23 -8.44 -29.81
C ALA C 47 -18.94 -9.69 -28.98
N VAL C 48 -19.95 -10.16 -28.24
CA VAL C 48 -19.79 -11.34 -27.42
C VAL C 48 -20.53 -12.51 -28.04
N SER C 49 -19.83 -13.63 -28.21
CA SER C 49 -20.48 -14.87 -28.62
C SER C 49 -20.74 -15.75 -27.40
N VAL C 50 -21.95 -16.29 -27.30
CA VAL C 50 -22.36 -17.15 -26.20
C VAL C 50 -22.95 -18.45 -26.74
N SER C 51 -22.61 -19.56 -26.11
CA SER C 51 -23.05 -20.85 -26.61
C SER C 51 -23.07 -21.79 -25.43
N LEU C 52 -24.21 -22.42 -25.15
CA LEU C 52 -24.30 -23.34 -24.02
C LEU C 52 -24.13 -24.79 -24.47
N LYS C 53 -23.16 -25.48 -23.89
CA LYS C 53 -22.96 -26.90 -24.14
C LYS C 53 -23.52 -27.68 -22.96
N PHE C 54 -24.65 -28.32 -23.15
CA PHE C 54 -25.28 -29.02 -22.04
C PHE C 54 -24.52 -30.29 -21.71
N ILE C 55 -24.26 -30.48 -20.42
CA ILE C 55 -23.51 -31.64 -19.94
C ILE C 55 -24.40 -32.60 -19.17
N ASN C 56 -25.33 -32.06 -18.40
CA ASN C 56 -26.23 -32.90 -17.64
C ASN C 56 -27.52 -32.20 -17.28
N ILE C 57 -28.59 -33.00 -17.19
CA ILE C 57 -29.86 -32.54 -16.66
C ILE C 57 -30.14 -33.37 -15.42
N LEU C 58 -30.13 -32.73 -14.25
CA LEU C 58 -30.03 -33.47 -12.99
C LEU C 58 -31.34 -33.65 -12.29
N GLU C 59 -32.20 -32.66 -12.40
CA GLU C 59 -33.48 -32.70 -11.73
C GLU C 59 -34.46 -31.94 -12.58
N VAL C 60 -35.65 -32.49 -12.67
CA VAL C 60 -36.71 -31.95 -13.48
C VAL C 60 -38.00 -32.08 -12.68
N ASN C 61 -38.81 -31.03 -12.65
CA ASN C 61 -40.05 -31.08 -11.91
C ASN C 61 -41.16 -30.51 -12.76
N GLU C 62 -42.05 -31.38 -13.23
CA GLU C 62 -43.07 -30.95 -14.18
C GLU C 62 -44.20 -30.21 -13.49
N ILE C 63 -44.29 -30.38 -12.18
CA ILE C 63 -45.31 -29.69 -11.40
C ILE C 63 -44.91 -28.22 -11.15
N THR C 64 -43.65 -28.00 -10.81
CA THR C 64 -43.17 -26.65 -10.51
C THR C 64 -42.57 -25.94 -11.71
N ASN C 65 -42.41 -26.67 -12.82
CA ASN C 65 -41.72 -26.14 -14.01
C ASN C 65 -40.31 -25.62 -13.72
N GLU C 66 -39.51 -26.45 -13.05
CA GLU C 66 -38.16 -26.08 -12.72
C GLU C 66 -37.22 -27.18 -13.17
N VAL C 67 -36.01 -26.77 -13.53
CA VAL C 67 -35.04 -27.71 -14.04
C VAL C 67 -33.65 -27.36 -13.49
N ASP C 68 -32.87 -28.40 -13.22
CA ASP C 68 -31.54 -28.22 -12.65
C ASP C 68 -30.58 -28.75 -13.70
N VAL C 69 -29.61 -27.94 -14.10
CA VAL C 69 -28.84 -28.20 -15.30
C VAL C 69 -27.34 -27.89 -15.12
N VAL C 70 -26.50 -28.70 -15.74
CA VAL C 70 -25.08 -28.39 -15.81
C VAL C 70 -24.68 -28.15 -17.25
N PHE C 71 -24.08 -27.00 -17.52
CA PHE C 71 -23.64 -26.67 -18.86
C PHE C 71 -22.29 -25.95 -18.88
N TRP C 72 -21.59 -26.04 -20.01
CA TRP C 72 -20.38 -25.27 -20.24
C TRP C 72 -20.75 -24.04 -21.03
N GLN C 73 -20.51 -22.87 -20.45
CA GLN C 73 -20.88 -21.62 -21.10
C GLN C 73 -19.73 -21.07 -21.93
N GLN C 74 -19.70 -21.43 -23.20
CA GLN C 74 -18.67 -20.97 -24.10
C GLN C 74 -18.88 -19.50 -24.40
N THR C 75 -17.88 -18.68 -24.07
CA THR C 75 -18.02 -17.23 -24.14
C THR C 75 -16.77 -16.63 -24.76
N THR C 76 -16.94 -15.92 -25.87
CA THR C 76 -15.80 -15.34 -26.55
C THR C 76 -16.04 -13.88 -26.90
N TRP C 77 -14.96 -13.11 -26.87
CA TRP C 77 -15.00 -11.73 -27.29
C TRP C 77 -13.56 -11.28 -27.53
N SER C 78 -13.42 -10.07 -28.06
CA SER C 78 -12.10 -9.57 -28.36
C SER C 78 -11.77 -8.41 -27.44
N ASP C 79 -10.57 -8.42 -26.90
CA ASP C 79 -10.09 -7.30 -26.09
C ASP C 79 -8.70 -6.94 -26.59
N ARG C 80 -8.62 -5.95 -27.46
CA ARG C 80 -7.36 -5.62 -28.09
C ARG C 80 -6.32 -5.04 -27.12
N THR C 81 -6.76 -4.58 -25.95
CA THR C 81 -5.81 -4.06 -24.97
C THR C 81 -4.93 -5.18 -24.41
N LEU C 82 -5.24 -6.42 -24.76
CA LEU C 82 -4.51 -7.56 -24.22
C LEU C 82 -3.53 -8.12 -25.22
N ALA C 83 -3.58 -7.64 -26.46
CA ALA C 83 -2.75 -8.20 -27.51
C ALA C 83 -1.23 -8.04 -27.28
N TRP C 84 -0.46 -8.98 -27.80
CA TRP C 84 1.00 -8.86 -27.73
C TRP C 84 1.64 -9.45 -28.99
N ASN C 85 2.89 -9.08 -29.21
CA ASN C 85 3.63 -9.58 -30.36
C ASN C 85 3.96 -11.06 -30.16
N SER C 86 3.39 -11.91 -31.00
CA SER C 86 3.51 -13.35 -30.82
C SER C 86 4.84 -13.93 -31.30
N SER C 87 5.64 -13.10 -31.96
CA SER C 87 6.94 -13.53 -32.47
C SER C 87 7.83 -13.98 -31.32
N HIS C 88 8.31 -15.22 -31.44
CA HIS C 88 9.19 -15.85 -30.45
C HIS C 88 8.61 -15.89 -29.04
N SER C 89 7.29 -15.83 -28.97
CA SER C 89 6.57 -15.82 -27.70
C SER C 89 5.44 -16.83 -27.79
N PRO C 90 4.93 -17.27 -26.64
CA PRO C 90 3.74 -18.13 -26.65
C PRO C 90 2.54 -17.45 -27.33
N ASP C 91 1.72 -18.27 -27.97
CA ASP C 91 0.59 -17.79 -28.73
C ASP C 91 -0.65 -17.54 -27.86
N GLN C 92 -0.70 -18.22 -26.70
CA GLN C 92 -1.84 -18.12 -25.79
C GLN C 92 -1.39 -18.28 -24.35
N VAL C 93 -2.08 -17.63 -23.42
CA VAL C 93 -1.88 -17.87 -22.00
C VAL C 93 -3.20 -18.06 -21.27
N SER C 94 -3.13 -18.65 -20.07
CA SER C 94 -4.28 -18.76 -19.18
C SER C 94 -4.24 -17.64 -18.17
N VAL C 95 -5.32 -16.89 -18.06
CA VAL C 95 -5.39 -15.72 -17.19
C VAL C 95 -6.56 -15.83 -16.21
N PRO C 96 -6.31 -15.53 -14.91
CA PRO C 96 -7.42 -15.51 -13.95
C PRO C 96 -8.39 -14.43 -14.37
N ILE C 97 -9.70 -14.69 -14.33
CA ILE C 97 -10.65 -13.72 -14.84
C ILE C 97 -10.69 -12.46 -14.00
N SER C 98 -10.17 -12.54 -12.78
CA SER C 98 -10.10 -11.37 -11.91
C SER C 98 -9.18 -10.31 -12.49
N SER C 99 -8.33 -10.69 -13.44
CA SER C 99 -7.45 -9.74 -14.11
C SER C 99 -8.01 -9.26 -15.44
N LEU C 100 -9.23 -9.68 -15.79
CA LEU C 100 -9.80 -9.36 -17.11
C LEU C 100 -11.17 -8.73 -16.98
N TRP C 101 -11.52 -7.86 -17.92
CA TRP C 101 -12.93 -7.53 -18.07
C TRP C 101 -13.63 -8.79 -18.59
N VAL C 102 -14.80 -9.05 -18.03
CA VAL C 102 -15.63 -10.19 -18.45
C VAL C 102 -17.06 -9.66 -18.63
N PRO C 103 -17.77 -10.10 -19.67
CA PRO C 103 -19.13 -9.60 -19.86
C PRO C 103 -20.05 -9.97 -18.68
N ASP C 104 -20.94 -9.06 -18.31
CA ASP C 104 -21.79 -9.25 -17.17
C ASP C 104 -23.06 -10.03 -17.57
N LEU C 105 -22.87 -11.22 -18.14
CA LEU C 105 -23.97 -12.04 -18.59
C LEU C 105 -24.80 -12.56 -17.42
N ALA C 106 -26.12 -12.58 -17.58
CA ALA C 106 -27.00 -13.22 -16.61
C ALA C 106 -28.05 -14.08 -17.30
N ALA C 107 -28.48 -15.14 -16.63
CA ALA C 107 -29.59 -15.94 -17.11
C ALA C 107 -30.89 -15.35 -16.54
N TYR C 108 -31.69 -14.73 -17.41
CA TYR C 108 -32.85 -13.99 -16.93
C TYR C 108 -33.92 -14.83 -16.23
N ASN C 109 -33.98 -16.13 -16.53
CA ASN C 109 -34.96 -16.98 -15.88
C ASN C 109 -34.33 -17.96 -14.91
N ALA C 110 -33.14 -17.64 -14.43
CA ALA C 110 -32.50 -18.46 -13.40
C ALA C 110 -33.18 -18.24 -12.07
N ILE C 111 -33.26 -19.27 -11.24
CA ILE C 111 -33.86 -19.14 -9.91
C ILE C 111 -32.88 -19.59 -8.82
N SER C 112 -31.65 -19.89 -9.23
CA SER C 112 -30.58 -20.14 -8.25
C SER C 112 -29.30 -19.42 -8.71
N LYS C 113 -28.41 -19.16 -7.77
CA LYS C 113 -27.10 -18.61 -8.08
C LYS C 113 -26.37 -19.57 -9.01
N PRO C 114 -25.63 -19.03 -9.98
CA PRO C 114 -24.79 -19.92 -10.79
C PRO C 114 -23.65 -20.51 -9.95
N GLU C 115 -23.54 -21.82 -9.91
CA GLU C 115 -22.51 -22.52 -9.17
C GLU C 115 -21.41 -22.89 -10.17
N VAL C 116 -20.27 -22.23 -10.07
CA VAL C 116 -19.16 -22.48 -10.97
C VAL C 116 -18.34 -23.67 -10.49
N LEU C 117 -18.14 -24.64 -11.36
CA LEU C 117 -17.52 -25.90 -10.98
C LEU C 117 -16.07 -26.04 -11.46
N THR C 118 -15.57 -25.03 -12.15
CA THR C 118 -14.25 -25.13 -12.78
C THR C 118 -13.34 -23.98 -12.37
N PRO C 119 -12.02 -24.13 -12.56
CA PRO C 119 -11.08 -23.05 -12.25
C PRO C 119 -11.45 -21.80 -13.03
N GLN C 120 -11.50 -20.66 -12.36
CA GLN C 120 -11.92 -19.42 -12.99
C GLN C 120 -10.81 -18.78 -13.82
N LEU C 121 -10.49 -19.41 -14.94
CA LEU C 121 -9.43 -18.96 -15.84
C LEU C 121 -9.98 -18.80 -17.25
N ALA C 122 -9.52 -17.77 -17.96
CA ALA C 122 -9.82 -17.62 -19.37
C ALA C 122 -8.57 -17.92 -20.18
N ARG C 123 -8.76 -18.18 -21.45
CA ARG C 123 -7.67 -18.44 -22.34
C ARG C 123 -7.56 -17.23 -23.26
N VAL C 124 -6.41 -16.59 -23.29
CA VAL C 124 -6.23 -15.38 -24.06
C VAL C 124 -5.23 -15.59 -25.18
N VAL C 125 -5.63 -15.27 -26.41
CA VAL C 125 -4.76 -15.41 -27.59
C VAL C 125 -4.02 -14.10 -27.85
N SER C 126 -2.84 -14.17 -28.43
CA SER C 126 -2.01 -12.98 -28.66
C SER C 126 -2.67 -11.85 -29.47
N ASP C 127 -3.70 -12.17 -30.24
CA ASP C 127 -4.43 -11.11 -30.97
C ASP C 127 -5.54 -10.45 -30.14
N GLY C 128 -5.69 -10.86 -28.88
CA GLY C 128 -6.67 -10.25 -28.00
C GLY C 128 -7.99 -11.01 -27.90
N GLU C 129 -8.11 -12.14 -28.61
CA GLU C 129 -9.30 -12.97 -28.48
C GLU C 129 -9.30 -13.67 -27.13
N VAL C 130 -10.43 -13.62 -26.44
CA VAL C 130 -10.56 -14.24 -25.13
C VAL C 130 -11.61 -15.36 -25.15
N LEU C 131 -11.27 -16.49 -24.55
CA LEU C 131 -12.23 -17.57 -24.41
C LEU C 131 -12.37 -17.89 -22.93
N TYR C 132 -13.59 -17.74 -22.42
CA TYR C 132 -13.92 -18.08 -21.05
C TYR C 132 -15.05 -19.11 -21.09
N MET C 133 -14.85 -20.24 -20.43
CA MET C 133 -15.83 -21.34 -20.50
C MET C 133 -16.02 -22.06 -19.19
N PRO C 134 -16.79 -21.45 -18.27
CA PRO C 134 -16.98 -22.11 -16.97
C PRO C 134 -18.00 -23.22 -17.06
N SER C 135 -17.84 -24.24 -16.23
CA SER C 135 -18.90 -25.23 -16.07
C SER C 135 -19.84 -24.72 -14.99
N ILE C 136 -21.12 -24.63 -15.32
CA ILE C 136 -22.07 -24.02 -14.40
C ILE C 136 -23.21 -24.98 -14.06
N ARG C 137 -23.55 -25.08 -12.79
CA ARG C 137 -24.76 -25.76 -12.41
C ARG C 137 -25.71 -24.72 -11.90
N GLN C 138 -26.93 -24.72 -12.44
CA GLN C 138 -27.88 -23.66 -12.12
C GLN C 138 -29.30 -24.18 -12.33
N ARG C 139 -30.25 -23.60 -11.62
CA ARG C 139 -31.64 -24.01 -11.70
C ARG C 139 -32.44 -22.94 -12.44
N PHE C 140 -33.39 -23.38 -13.26
CA PHE C 140 -34.14 -22.48 -14.11
C PHE C 140 -35.64 -22.71 -13.99
N SER C 141 -36.41 -21.63 -14.15
CA SER C 141 -37.84 -21.71 -14.32
C SER C 141 -38.10 -21.69 -15.81
N CYS C 142 -38.65 -22.80 -16.33
CA CYS C 142 -38.97 -22.92 -17.76
C CYS C 142 -40.00 -24.02 -17.98
N ASP C 143 -40.44 -24.18 -19.23
CA ASP C 143 -41.53 -25.11 -19.53
C ASP C 143 -41.06 -26.56 -19.56
N VAL C 144 -41.50 -27.33 -18.58
CA VAL C 144 -41.07 -28.71 -18.44
C VAL C 144 -42.15 -29.66 -19.01
N SER C 145 -43.27 -29.10 -19.43
CA SER C 145 -44.40 -29.89 -19.84
C SER C 145 -44.05 -30.71 -21.06
N GLY C 146 -44.33 -32.00 -20.99
CA GLY C 146 -44.06 -32.91 -22.09
C GLY C 146 -42.75 -33.68 -21.96
N VAL C 147 -42.07 -33.52 -20.84
CA VAL C 147 -40.79 -34.20 -20.63
C VAL C 147 -40.87 -35.73 -20.73
N ASP C 148 -42.01 -36.29 -20.34
CA ASP C 148 -42.21 -37.75 -20.35
C ASP C 148 -42.83 -38.26 -21.66
N THR C 149 -42.93 -37.41 -22.65
CA THR C 149 -43.49 -37.81 -23.94
C THR C 149 -42.40 -37.93 -24.99
N GLU C 150 -42.74 -38.45 -26.17
CA GLU C 150 -41.79 -38.62 -27.29
C GLU C 150 -41.31 -37.27 -27.83
N SER C 151 -42.21 -36.31 -27.80
CA SER C 151 -41.90 -34.97 -28.28
C SER C 151 -40.98 -34.22 -27.31
N GLY C 152 -41.04 -34.58 -26.03
CA GLY C 152 -40.18 -33.99 -25.03
C GLY C 152 -40.61 -32.60 -24.62
N ALA C 153 -39.85 -32.01 -23.71
CA ALA C 153 -40.11 -30.65 -23.25
C ALA C 153 -39.22 -29.69 -23.99
N THR C 154 -39.62 -28.44 -24.05
CA THR C 154 -38.76 -27.41 -24.59
C THR C 154 -38.55 -26.31 -23.57
N CYS C 155 -37.36 -26.31 -22.97
CA CYS C 155 -37.00 -25.37 -21.94
C CYS C 155 -36.16 -24.23 -22.54
N ARG C 156 -36.64 -23.01 -22.41
CA ARG C 156 -35.91 -21.86 -22.95
C ARG C 156 -35.10 -21.10 -21.89
N ILE C 157 -33.82 -20.93 -22.17
CA ILE C 157 -32.94 -20.18 -21.26
C ILE C 157 -32.51 -18.89 -21.91
N LYS C 158 -32.79 -17.78 -21.24
CA LYS C 158 -32.46 -16.46 -21.77
C LYS C 158 -31.20 -15.86 -21.12
N ILE C 159 -30.18 -15.63 -21.94
CA ILE C 159 -28.90 -15.09 -21.46
C ILE C 159 -28.49 -13.82 -22.20
N GLY C 160 -28.22 -12.76 -21.45
CA GLY C 160 -27.73 -11.51 -21.99
C GLY C 160 -27.06 -10.66 -20.93
N SER C 161 -26.49 -9.53 -21.35
CA SER C 161 -25.85 -8.60 -20.45
C SER C 161 -26.89 -8.06 -19.49
N TRP C 162 -26.54 -7.94 -18.22
CA TRP C 162 -27.49 -7.39 -17.25
C TRP C 162 -27.59 -5.87 -17.40
N THR C 163 -26.49 -5.19 -17.70
CA THR C 163 -26.48 -3.74 -17.61
C THR C 163 -26.01 -3.00 -18.87
N HIS C 164 -25.47 -3.73 -19.85
CA HIS C 164 -24.95 -3.10 -21.07
C HIS C 164 -25.91 -3.26 -22.25
N HIS C 165 -26.35 -2.16 -22.84
CA HIS C 165 -27.25 -2.23 -23.99
C HIS C 165 -26.51 -2.54 -25.30
N SER C 166 -27.26 -2.55 -26.40
CA SER C 166 -26.78 -3.10 -27.67
C SER C 166 -25.65 -2.30 -28.32
N ARG C 167 -25.47 -1.07 -27.88
CA ARG C 167 -24.37 -0.28 -28.40
C ARG C 167 -23.11 -0.47 -27.58
N GLU C 168 -23.22 -1.19 -26.46
CA GLU C 168 -22.05 -1.50 -25.65
C GLU C 168 -21.66 -2.97 -25.75
N ILE C 169 -22.66 -3.86 -25.67
CA ILE C 169 -22.45 -5.29 -25.85
C ILE C 169 -23.51 -5.82 -26.82
N SER C 170 -23.07 -6.48 -27.88
CA SER C 170 -23.98 -7.26 -28.70
C SER C 170 -23.72 -8.75 -28.44
N VAL C 171 -24.76 -9.56 -28.37
CA VAL C 171 -24.60 -10.99 -28.18
C VAL C 171 -25.08 -11.77 -29.36
N ASP C 172 -24.34 -12.79 -29.71
CA ASP C 172 -24.65 -13.62 -30.87
C ASP C 172 -24.39 -15.07 -30.55
N PRO C 173 -25.24 -15.98 -31.03
CA PRO C 173 -24.83 -17.38 -30.85
C PRO C 173 -23.63 -17.68 -31.75
N THR C 174 -22.88 -18.73 -31.48
CA THR C 174 -21.88 -19.17 -32.46
C THR C 174 -22.43 -20.28 -33.36
N ASP C 179 -22.33 -29.89 -32.77
CA ASP C 179 -23.08 -31.02 -32.21
C ASP C 179 -23.79 -30.62 -30.92
N ASP C 180 -25.01 -31.15 -30.75
CA ASP C 180 -25.88 -30.75 -29.65
C ASP C 180 -25.63 -31.57 -28.37
N SER C 181 -25.82 -32.88 -28.45
CA SER C 181 -25.47 -33.77 -27.34
C SER C 181 -23.95 -33.98 -27.20
N GLU C 182 -23.13 -33.08 -27.72
CA GLU C 182 -21.72 -33.42 -27.96
C GLU C 182 -21.02 -33.88 -26.68
N TYR C 183 -21.22 -33.12 -25.62
CA TYR C 183 -20.60 -33.44 -24.36
C TYR C 183 -21.63 -33.88 -23.36
N PHE C 184 -22.86 -34.11 -23.82
CA PHE C 184 -23.91 -34.51 -22.88
C PHE C 184 -23.63 -35.89 -22.31
N SER C 185 -23.83 -36.03 -21.00
CA SER C 185 -23.49 -37.25 -20.31
C SER C 185 -24.40 -38.40 -20.74
N GLN C 186 -23.80 -39.56 -21.01
CA GLN C 186 -24.60 -40.72 -21.40
C GLN C 186 -25.34 -41.32 -20.22
N TYR C 187 -25.00 -40.87 -19.01
CA TYR C 187 -25.57 -41.48 -17.81
C TYR C 187 -26.75 -40.71 -17.24
N SER C 188 -27.13 -39.62 -17.90
CA SER C 188 -28.29 -38.84 -17.49
C SER C 188 -29.58 -39.65 -17.67
N ARG C 189 -30.55 -39.39 -16.82
CA ARG C 189 -31.90 -39.92 -16.97
C ARG C 189 -32.51 -39.38 -18.27
N PHE C 190 -31.96 -38.28 -18.78
CA PHE C 190 -32.56 -37.56 -19.88
C PHE C 190 -31.70 -37.61 -21.11
N GLU C 191 -32.28 -37.23 -22.24
CA GLU C 191 -31.53 -37.17 -23.48
C GLU C 191 -31.95 -35.91 -24.25
N ILE C 192 -31.05 -35.39 -25.07
CA ILE C 192 -31.33 -34.16 -25.78
C ILE C 192 -31.79 -34.44 -27.18
N LEU C 193 -32.89 -33.80 -27.59
CA LEU C 193 -33.44 -34.01 -28.92
C LEU C 193 -32.92 -32.93 -29.85
N ASP C 194 -32.86 -31.70 -29.34
CA ASP C 194 -32.40 -30.59 -30.15
C ASP C 194 -32.07 -29.37 -29.28
N VAL C 195 -31.11 -28.58 -29.74
CA VAL C 195 -30.78 -27.32 -29.10
C VAL C 195 -30.72 -26.22 -30.14
N THR C 196 -31.54 -25.20 -30.01
CA THR C 196 -31.50 -24.07 -30.94
C THR C 196 -31.22 -22.76 -30.17
N GLN C 197 -30.39 -21.90 -30.78
CA GLN C 197 -29.95 -20.65 -30.15
C GLN C 197 -30.25 -19.43 -31.01
N LYS C 198 -31.08 -18.53 -30.50
CA LYS C 198 -31.56 -17.37 -31.25
C LYS C 198 -31.35 -16.01 -30.53
N LYS C 199 -30.98 -14.98 -31.28
CA LYS C 199 -30.73 -13.64 -30.74
C LYS C 199 -31.99 -12.75 -30.72
N ASN C 200 -32.29 -12.11 -29.57
CA ASN C 200 -33.40 -11.15 -29.40
C ASN C 200 -32.91 -9.75 -29.02
N SER C 201 -33.72 -8.74 -29.30
CA SER C 201 -33.49 -7.39 -28.78
C SER C 201 -34.73 -7.00 -28.01
N VAL C 202 -34.54 -6.52 -26.80
CA VAL C 202 -35.66 -6.19 -25.92
C VAL C 202 -35.47 -4.79 -25.41
N THR C 203 -36.54 -4.00 -25.38
CA THR C 203 -36.45 -2.70 -24.74
C THR C 203 -37.13 -2.75 -23.38
N TYR C 204 -36.50 -2.16 -22.37
CA TYR C 204 -37.07 -2.14 -21.03
C TYR C 204 -37.48 -0.70 -20.69
N SER C 205 -38.42 -0.57 -19.76
CA SER C 205 -39.00 0.71 -19.39
C SER C 205 -37.99 1.69 -18.90
N CYS C 206 -37.07 1.18 -18.10
CA CYS C 206 -36.07 2.01 -17.50
C CYS C 206 -35.37 2.85 -18.55
N CYS C 207 -35.16 2.29 -19.74
CA CYS C 207 -34.06 2.75 -20.60
C CYS C 207 -34.38 2.75 -22.13
N PRO C 208 -33.94 3.81 -22.86
CA PRO C 208 -34.40 3.92 -24.26
C PRO C 208 -33.71 2.92 -25.19
N GLU C 209 -32.50 2.49 -24.83
CA GLU C 209 -31.74 1.60 -25.70
C GLU C 209 -32.24 0.15 -25.57
N ALA C 210 -31.96 -0.64 -26.61
CA ALA C 210 -32.32 -2.04 -26.65
C ALA C 210 -31.22 -2.90 -26.04
N TYR C 211 -31.63 -4.00 -25.41
CA TYR C 211 -30.69 -4.94 -24.79
C TYR C 211 -30.76 -6.27 -25.50
N GLU C 212 -29.61 -6.84 -25.81
CA GLU C 212 -29.60 -8.07 -26.58
C GLU C 212 -29.49 -9.30 -25.69
N ASP C 213 -30.10 -10.40 -26.10
CA ASP C 213 -29.95 -11.65 -25.38
C ASP C 213 -29.91 -12.80 -26.36
N VAL C 214 -29.43 -13.95 -25.88
CA VAL C 214 -29.52 -15.17 -26.66
C VAL C 214 -30.52 -16.05 -25.93
N GLU C 215 -31.46 -16.60 -26.68
CA GLU C 215 -32.47 -17.48 -26.13
C GLU C 215 -32.17 -18.88 -26.61
N VAL C 216 -31.83 -19.75 -25.66
CA VAL C 216 -31.41 -21.11 -25.96
C VAL C 216 -32.57 -22.06 -25.69
N SER C 217 -33.04 -22.74 -26.74
CA SER C 217 -34.16 -23.68 -26.58
C SER C 217 -33.63 -25.09 -26.46
N LEU C 218 -33.76 -25.67 -25.28
CA LEU C 218 -33.34 -27.05 -25.03
C LEU C 218 -34.53 -28.02 -25.14
N ASN C 219 -34.57 -28.81 -26.21
CA ASN C 219 -35.62 -29.81 -26.37
C ASN C 219 -35.10 -31.16 -25.87
N PHE C 220 -35.68 -31.67 -24.79
CA PHE C 220 -35.17 -32.89 -24.17
C PHE C 220 -36.30 -33.73 -23.62
N ARG C 221 -36.02 -34.99 -23.30
CA ARG C 221 -37.04 -35.86 -22.77
C ARG C 221 -36.43 -36.91 -21.89
N LYS C 222 -37.28 -37.51 -21.06
CA LYS C 222 -36.84 -38.61 -20.23
C LYS C 222 -36.56 -39.74 -21.18
N LYS C 223 -35.52 -40.51 -20.93
CA LYS C 223 -35.25 -41.69 -21.76
C LYS C 223 -36.35 -42.74 -21.59
N GLY C 224 -36.66 -43.45 -22.67
CA GLY C 224 -37.63 -44.54 -22.61
C GLY C 224 -37.19 -45.68 -21.68
N LEU D 20 -13.63 12.96 -21.75
CA LEU D 20 -13.58 11.77 -20.91
C LEU D 20 -14.01 10.54 -21.67
N ASP D 21 -13.30 9.44 -21.47
CA ASP D 21 -13.81 8.15 -21.93
C ASP D 21 -14.29 7.30 -20.72
N ARG D 22 -14.90 6.14 -20.99
CA ARG D 22 -15.36 5.24 -19.93
C ARG D 22 -14.29 4.94 -18.87
N ALA D 23 -13.10 4.59 -19.34
CA ALA D 23 -12.03 4.25 -18.42
C ALA D 23 -11.72 5.38 -17.43
N ASP D 24 -11.77 6.62 -17.90
CA ASP D 24 -11.51 7.79 -17.05
C ASP D 24 -12.64 7.97 -16.02
N ILE D 25 -13.87 7.87 -16.49
CA ILE D 25 -15.02 8.05 -15.61
C ILE D 25 -14.97 7.00 -14.49
N LEU D 26 -14.71 5.75 -14.86
CA LEU D 26 -14.67 4.67 -13.90
C LEU D 26 -13.48 4.81 -12.96
N TYR D 27 -12.35 5.25 -13.50
CA TYR D 27 -11.18 5.48 -12.66
C TYR D 27 -11.46 6.59 -11.65
N ASN D 28 -12.02 7.70 -12.12
CA ASN D 28 -12.32 8.83 -11.23
C ASN D 28 -13.28 8.40 -10.12
N ILE D 29 -14.30 7.62 -10.48
CA ILE D 29 -15.27 7.16 -9.50
C ILE D 29 -14.59 6.28 -8.44
N ARG D 30 -13.76 5.34 -8.90
CA ARG D 30 -13.10 4.42 -8.00
C ARG D 30 -12.14 5.18 -7.06
N GLN D 31 -11.38 6.12 -7.62
CA GLN D 31 -10.39 6.86 -6.86
C GLN D 31 -10.95 7.84 -5.83
N THR D 32 -12.17 8.33 -6.03
CA THR D 32 -12.75 9.28 -5.12
C THR D 32 -14.03 8.76 -4.43
N SER D 33 -14.33 7.47 -4.62
CA SER D 33 -15.53 6.86 -4.03
C SER D 33 -15.48 6.84 -2.52
N ARG D 34 -16.57 7.25 -1.89
CA ARG D 34 -16.79 7.02 -0.46
C ARG D 34 -18.03 6.14 -0.26
N PRO D 35 -17.88 4.84 -0.49
CA PRO D 35 -19.03 3.91 -0.37
C PRO D 35 -19.62 3.80 1.05
N ASP D 36 -18.89 4.30 2.03
CA ASP D 36 -19.34 4.30 3.43
C ASP D 36 -20.15 5.56 3.75
N VAL D 37 -20.17 6.51 2.82
CA VAL D 37 -20.75 7.81 3.12
C VAL D 37 -22.01 8.10 2.35
N ILE D 38 -23.13 8.20 3.07
CA ILE D 38 -24.41 8.51 2.45
C ILE D 38 -24.31 9.90 1.82
N PRO D 39 -24.73 10.02 0.54
CA PRO D 39 -24.53 11.30 -0.17
C PRO D 39 -25.63 12.31 0.10
N THR D 40 -25.85 12.64 1.37
CA THR D 40 -26.82 13.67 1.74
C THR D 40 -26.24 15.03 1.38
N GLN D 41 -27.05 15.87 0.75
CA GLN D 41 -26.70 17.26 0.51
C GLN D 41 -27.59 18.14 1.38
N ARG D 42 -27.00 19.15 2.01
CA ARG D 42 -27.74 20.12 2.83
C ARG D 42 -28.53 19.47 3.96
N ASP D 43 -28.06 18.31 4.41
CA ASP D 43 -28.78 17.54 5.42
C ASP D 43 -30.28 17.36 5.11
N ARG D 44 -30.58 17.33 3.81
CA ARG D 44 -31.84 16.78 3.32
C ARG D 44 -31.55 15.29 3.16
N PRO D 45 -32.58 14.48 3.30
CA PRO D 45 -32.38 13.04 3.15
C PRO D 45 -32.08 12.66 1.69
N VAL D 46 -31.40 11.54 1.48
CA VAL D 46 -31.29 10.96 0.15
C VAL D 46 -32.62 10.30 -0.16
N ALA D 47 -33.24 10.70 -1.28
CA ALA D 47 -34.52 10.12 -1.70
C ALA D 47 -34.31 8.82 -2.45
N VAL D 48 -34.73 7.71 -1.87
CA VAL D 48 -34.55 6.42 -2.51
C VAL D 48 -35.88 5.88 -3.01
N SER D 49 -35.92 5.47 -4.27
CA SER D 49 -37.11 4.83 -4.81
C SER D 49 -36.88 3.33 -4.88
N VAL D 50 -37.86 2.56 -4.42
CA VAL D 50 -37.76 1.11 -4.36
C VAL D 50 -39.02 0.54 -4.99
N SER D 51 -38.84 -0.50 -5.78
CA SER D 51 -39.94 -1.10 -6.50
C SER D 51 -39.59 -2.56 -6.75
N LEU D 52 -40.45 -3.47 -6.31
CA LEU D 52 -40.19 -4.88 -6.51
C LEU D 52 -40.90 -5.39 -7.75
N LYS D 53 -40.17 -6.04 -8.64
CA LYS D 53 -40.74 -6.64 -9.83
C LYS D 53 -40.66 -8.14 -9.63
N PHE D 54 -41.80 -8.75 -9.35
CA PHE D 54 -41.82 -10.17 -9.07
C PHE D 54 -41.62 -10.99 -10.31
N ILE D 55 -40.75 -11.99 -10.22
CA ILE D 55 -40.39 -12.81 -11.35
C ILE D 55 -40.91 -14.23 -11.15
N ASN D 56 -40.84 -14.72 -9.92
CA ASN D 56 -41.30 -16.05 -9.65
C ASN D 56 -41.67 -16.29 -8.21
N ILE D 57 -42.62 -17.20 -8.01
CA ILE D 57 -42.99 -17.63 -6.68
C ILE D 57 -42.76 -19.13 -6.64
N LEU D 58 -41.78 -19.57 -5.86
CA LEU D 58 -41.20 -20.91 -6.02
C LEU D 58 -41.72 -21.92 -5.03
N GLU D 59 -41.98 -21.46 -3.83
CA GLU D 59 -42.46 -22.36 -2.80
C GLU D 59 -43.36 -21.57 -1.88
N VAL D 60 -44.43 -22.21 -1.49
CA VAL D 60 -45.44 -21.59 -0.69
C VAL D 60 -45.87 -22.63 0.33
N ASN D 61 -46.06 -22.20 1.56
CA ASN D 61 -46.48 -23.11 2.62
C ASN D 61 -47.53 -22.44 3.47
N GLU D 62 -48.77 -22.90 3.34
CA GLU D 62 -49.90 -22.25 4.01
C GLU D 62 -49.95 -22.64 5.49
N ILE D 63 -49.31 -23.75 5.85
CA ILE D 63 -49.20 -24.15 7.24
C ILE D 63 -48.21 -23.29 8.01
N THR D 64 -47.03 -23.05 7.43
CA THR D 64 -46.01 -22.27 8.13
C THR D 64 -46.06 -20.78 7.82
N ASN D 65 -46.90 -20.39 6.87
CA ASN D 65 -46.95 -19.00 6.41
C ASN D 65 -45.60 -18.47 5.91
N GLU D 66 -44.98 -19.23 5.02
CA GLU D 66 -43.69 -18.88 4.47
C GLU D 66 -43.74 -18.97 2.97
N VAL D 67 -43.01 -18.07 2.33
CA VAL D 67 -43.02 -18.03 0.87
C VAL D 67 -41.61 -17.80 0.36
N ASP D 68 -41.30 -18.42 -0.78
CA ASP D 68 -40.00 -18.31 -1.40
C ASP D 68 -40.19 -17.57 -2.71
N VAL D 69 -39.44 -16.50 -2.93
CA VAL D 69 -39.77 -15.55 -3.98
C VAL D 69 -38.52 -15.05 -4.73
N VAL D 70 -38.63 -14.88 -6.04
CA VAL D 70 -37.58 -14.23 -6.81
C VAL D 70 -38.12 -12.91 -7.34
N PHE D 71 -37.38 -11.83 -7.10
CA PHE D 71 -37.79 -10.53 -7.58
C PHE D 71 -36.61 -9.66 -7.97
N TRP D 72 -36.90 -8.68 -8.83
CA TRP D 72 -35.90 -7.70 -9.23
C TRP D 72 -36.16 -6.47 -8.40
N GLN D 73 -35.18 -6.08 -7.60
CA GLN D 73 -35.36 -4.94 -6.71
C GLN D 73 -34.86 -3.64 -7.37
N GLN D 74 -35.75 -2.96 -8.07
CA GLN D 74 -35.45 -1.69 -8.71
C GLN D 74 -35.21 -0.61 -7.68
N THR D 75 -33.98 -0.09 -7.64
CA THR D 75 -33.59 0.86 -6.63
C THR D 75 -32.90 2.06 -7.27
N THR D 76 -33.41 3.25 -7.01
CA THR D 76 -32.81 4.43 -7.59
C THR D 76 -32.63 5.54 -6.56
N TRP D 77 -31.55 6.30 -6.73
CA TRP D 77 -31.32 7.48 -5.91
C TRP D 77 -30.31 8.35 -6.63
N SER D 78 -30.11 9.54 -6.12
CA SER D 78 -29.18 10.47 -6.73
C SER D 78 -27.93 10.61 -5.86
N ASP D 79 -26.75 10.52 -6.47
CA ASP D 79 -25.47 10.79 -5.81
C ASP D 79 -24.66 11.81 -6.64
N ARG D 80 -24.80 13.08 -6.31
CA ARG D 80 -24.19 14.13 -7.12
C ARG D 80 -22.65 14.11 -7.12
N THR D 81 -22.06 13.43 -6.15
CA THR D 81 -20.61 13.29 -6.13
C THR D 81 -20.09 12.39 -7.27
N LEU D 82 -21.00 11.79 -8.02
CA LEU D 82 -20.60 10.92 -9.12
C LEU D 82 -20.77 11.59 -10.47
N ALA D 83 -21.39 12.78 -10.50
CA ALA D 83 -21.69 13.44 -11.76
C ALA D 83 -20.44 13.81 -12.57
N TRP D 84 -20.57 13.81 -13.89
CA TRP D 84 -19.47 14.27 -14.74
C TRP D 84 -19.97 15.08 -15.91
N ASN D 85 -19.04 15.87 -16.43
CA ASN D 85 -19.23 16.57 -17.69
C ASN D 85 -19.22 15.57 -18.84
N SER D 86 -20.40 15.37 -19.41
CA SER D 86 -20.52 14.44 -20.53
C SER D 86 -20.89 15.21 -21.78
N SER D 87 -20.38 16.43 -21.92
CA SER D 87 -20.53 17.17 -23.16
C SER D 87 -20.06 16.28 -24.31
N HIS D 88 -18.85 15.75 -24.16
CA HIS D 88 -18.23 14.89 -25.16
C HIS D 88 -17.75 13.59 -24.51
N SER D 89 -18.68 12.73 -24.10
CA SER D 89 -18.39 11.57 -23.25
C SER D 89 -19.61 10.66 -23.18
N PRO D 90 -19.41 9.39 -22.77
CA PRO D 90 -20.56 8.51 -22.56
C PRO D 90 -21.51 9.09 -21.52
N ASP D 91 -22.81 8.86 -21.72
CA ASP D 91 -23.87 9.35 -20.86
C ASP D 91 -24.00 8.50 -19.57
N GLN D 92 -23.63 7.22 -19.65
CA GLN D 92 -23.83 6.28 -18.54
C GLN D 92 -22.69 5.28 -18.50
N VAL D 93 -22.39 4.77 -17.31
CA VAL D 93 -21.46 3.64 -17.16
C VAL D 93 -21.98 2.61 -16.17
N SER D 94 -21.41 1.41 -16.24
CA SER D 94 -21.67 0.37 -15.28
C SER D 94 -20.59 0.33 -14.21
N VAL D 95 -20.99 0.44 -12.95
CA VAL D 95 -20.05 0.53 -11.85
C VAL D 95 -20.29 -0.59 -10.86
N PRO D 96 -19.22 -1.31 -10.43
CA PRO D 96 -19.34 -2.30 -9.35
C PRO D 96 -19.84 -1.62 -8.09
N ILE D 97 -20.82 -2.21 -7.38
CA ILE D 97 -21.41 -1.50 -6.24
C ILE D 97 -20.42 -1.35 -5.10
N SER D 98 -19.36 -2.15 -5.10
CA SER D 98 -18.30 -1.97 -4.11
C SER D 98 -17.62 -0.59 -4.21
N SER D 99 -17.78 0.09 -5.35
CA SER D 99 -17.24 1.45 -5.51
C SER D 99 -18.26 2.54 -5.22
N LEU D 100 -19.46 2.16 -4.78
CA LEU D 100 -20.54 3.13 -4.58
C LEU D 100 -21.16 3.05 -3.21
N TRP D 101 -21.66 4.17 -2.70
CA TRP D 101 -22.59 4.09 -1.60
C TRP D 101 -23.88 3.47 -2.13
N VAL D 102 -24.41 2.52 -1.37
CA VAL D 102 -25.68 1.88 -1.70
C VAL D 102 -26.53 1.92 -0.44
N PRO D 103 -27.84 2.20 -0.57
CA PRO D 103 -28.70 2.27 0.63
C PRO D 103 -28.75 0.92 1.35
N ASP D 104 -28.78 0.96 2.68
CA ASP D 104 -28.74 -0.25 3.49
C ASP D 104 -30.15 -0.80 3.66
N LEU D 105 -30.82 -1.10 2.55
CA LEU D 105 -32.19 -1.59 2.59
C LEU D 105 -32.22 -2.99 3.15
N ALA D 106 -33.23 -3.28 3.96
CA ALA D 106 -33.49 -4.66 4.41
C ALA D 106 -34.97 -5.01 4.30
N ALA D 107 -35.25 -6.28 4.10
CA ALA D 107 -36.62 -6.77 4.19
C ALA D 107 -36.87 -7.19 5.64
N TYR D 108 -37.72 -6.43 6.33
CA TYR D 108 -37.98 -6.64 7.74
C TYR D 108 -38.60 -8.01 8.10
N ASN D 109 -39.35 -8.62 7.18
CA ASN D 109 -39.94 -9.94 7.47
C ASN D 109 -39.28 -11.08 6.70
N ALA D 110 -38.04 -10.86 6.26
CA ALA D 110 -37.27 -11.92 5.62
C ALA D 110 -36.83 -12.97 6.64
N ILE D 111 -36.74 -14.23 6.23
CA ILE D 111 -36.31 -15.27 7.12
C ILE D 111 -35.16 -16.06 6.50
N SER D 112 -34.67 -15.56 5.37
CA SER D 112 -33.44 -16.09 4.81
C SER D 112 -32.59 -14.93 4.30
N LYS D 113 -31.31 -15.19 4.14
CA LYS D 113 -30.38 -14.24 3.57
C LYS D 113 -30.81 -13.97 2.13
N PRO D 114 -30.70 -12.71 1.68
CA PRO D 114 -30.98 -12.45 0.27
C PRO D 114 -29.93 -13.07 -0.64
N GLU D 115 -30.37 -13.88 -1.59
CA GLU D 115 -29.47 -14.56 -2.50
C GLU D 115 -29.46 -13.73 -3.79
N VAL D 116 -28.35 -13.06 -4.07
CA VAL D 116 -28.25 -12.25 -5.27
C VAL D 116 -27.85 -13.08 -6.48
N LEU D 117 -28.66 -13.02 -7.54
CA LEU D 117 -28.50 -13.91 -8.68
C LEU D 117 -27.88 -13.25 -9.91
N THR D 118 -27.54 -11.97 -9.81
CA THR D 118 -27.05 -11.20 -10.93
C THR D 118 -25.72 -10.50 -10.61
N PRO D 119 -24.99 -10.08 -11.65
CA PRO D 119 -23.74 -9.32 -11.42
C PRO D 119 -24.01 -8.09 -10.60
N GLN D 120 -23.19 -7.85 -9.59
CA GLN D 120 -23.40 -6.74 -8.68
C GLN D 120 -22.86 -5.42 -9.26
N LEU D 121 -23.58 -4.91 -10.25
CA LEU D 121 -23.24 -3.67 -10.92
C LEU D 121 -24.42 -2.73 -10.89
N ALA D 122 -24.13 -1.44 -10.75
CA ALA D 122 -25.16 -0.42 -10.87
C ALA D 122 -24.92 0.40 -12.13
N ARG D 123 -25.97 1.05 -12.60
CA ARG D 123 -25.87 1.88 -13.78
C ARG D 123 -25.91 3.32 -13.32
N VAL D 124 -24.88 4.09 -13.67
CA VAL D 124 -24.74 5.45 -13.20
C VAL D 124 -24.81 6.41 -14.36
N VAL D 125 -25.68 7.41 -14.26
CA VAL D 125 -25.88 8.41 -15.31
C VAL D 125 -25.02 9.63 -14.99
N SER D 126 -24.60 10.37 -16.03
CA SER D 126 -23.70 11.52 -15.83
C SER D 126 -24.20 12.56 -14.84
N ASP D 127 -25.52 12.65 -14.64
CA ASP D 127 -26.06 13.64 -13.69
C ASP D 127 -26.04 13.13 -12.24
N GLY D 128 -25.54 11.91 -12.04
CA GLY D 128 -25.43 11.36 -10.71
C GLY D 128 -26.58 10.44 -10.30
N GLU D 129 -27.53 10.23 -11.21
CA GLU D 129 -28.60 9.30 -10.94
C GLU D 129 -28.01 7.88 -10.95
N VAL D 130 -28.43 7.04 -10.01
CA VAL D 130 -27.96 5.66 -9.93
C VAL D 130 -29.13 4.69 -10.00
N LEU D 131 -28.98 3.62 -10.76
CA LEU D 131 -29.96 2.55 -10.79
C LEU D 131 -29.26 1.23 -10.45
N TYR D 132 -29.71 0.60 -9.38
CA TYR D 132 -29.22 -0.71 -8.97
C TYR D 132 -30.42 -1.65 -8.94
N MET D 133 -30.31 -2.79 -9.61
CA MET D 133 -31.45 -3.71 -9.70
C MET D 133 -31.02 -5.18 -9.65
N PRO D 134 -30.73 -5.67 -8.45
CA PRO D 134 -30.31 -7.07 -8.33
C PRO D 134 -31.52 -7.98 -8.44
N SER D 135 -31.29 -9.17 -8.98
CA SER D 135 -32.28 -10.22 -8.90
C SER D 135 -32.05 -10.96 -7.61
N ILE D 136 -33.08 -11.04 -6.77
CA ILE D 136 -32.93 -11.62 -5.45
C ILE D 136 -33.89 -12.79 -5.24
N ARG D 137 -33.37 -13.90 -4.73
CA ARG D 137 -34.24 -14.94 -4.20
C ARG D 137 -34.17 -14.94 -2.69
N GLN D 138 -35.33 -14.87 -2.05
CA GLN D 138 -35.38 -14.75 -0.60
C GLN D 138 -36.67 -15.34 -0.04
N ARG D 139 -36.61 -15.79 1.21
CA ARG D 139 -37.78 -16.38 1.86
C ARG D 139 -38.40 -15.41 2.87
N PHE D 140 -39.73 -15.34 2.88
CA PHE D 140 -40.44 -14.41 3.73
C PHE D 140 -41.48 -15.08 4.63
N SER D 141 -41.67 -14.49 5.80
CA SER D 141 -42.77 -14.83 6.67
C SER D 141 -43.89 -13.83 6.39
N CYS D 142 -45.01 -14.33 5.88
CA CYS D 142 -46.15 -13.49 5.55
C CYS D 142 -47.43 -14.32 5.39
N ASP D 143 -48.55 -13.64 5.19
CA ASP D 143 -49.86 -14.31 5.17
C ASP D 143 -50.10 -15.09 3.88
N VAL D 144 -50.03 -16.40 3.98
CA VAL D 144 -50.22 -17.26 2.82
C VAL D 144 -51.66 -17.80 2.77
N SER D 145 -52.47 -17.44 3.76
CA SER D 145 -53.83 -17.98 3.83
C SER D 145 -54.65 -17.53 2.62
N GLY D 146 -55.33 -18.48 2.00
CA GLY D 146 -56.20 -18.19 0.87
C GLY D 146 -55.54 -18.39 -0.47
N VAL D 147 -54.33 -18.95 -0.48
CA VAL D 147 -53.55 -19.06 -1.71
C VAL D 147 -54.24 -19.97 -2.73
N ASP D 148 -55.02 -20.92 -2.22
CA ASP D 148 -55.74 -21.89 -3.07
C ASP D 148 -57.17 -21.49 -3.38
N THR D 149 -57.53 -20.28 -3.04
CA THR D 149 -58.84 -19.78 -3.35
C THR D 149 -58.77 -18.80 -4.49
N GLU D 150 -59.95 -18.39 -4.89
CA GLU D 150 -60.13 -17.52 -6.01
C GLU D 150 -59.51 -16.19 -5.64
N SER D 151 -59.80 -15.72 -4.42
CA SER D 151 -59.35 -14.41 -3.92
C SER D 151 -57.84 -14.34 -3.72
N GLY D 152 -57.23 -15.49 -3.52
CA GLY D 152 -55.80 -15.59 -3.36
C GLY D 152 -55.30 -15.15 -2.00
N ALA D 153 -53.99 -15.24 -1.80
CA ALA D 153 -53.35 -14.74 -0.60
C ALA D 153 -52.80 -13.35 -0.81
N THR D 154 -52.63 -12.60 0.27
CA THR D 154 -51.95 -11.31 0.20
C THR D 154 -50.74 -11.32 1.14
N CYS D 155 -49.56 -11.40 0.55
CA CYS D 155 -48.31 -11.46 1.28
C CYS D 155 -47.64 -10.10 1.28
N ARG D 156 -47.39 -9.54 2.46
CA ARG D 156 -46.81 -8.21 2.55
CA ARG D 156 -46.81 -8.20 2.59
C ARG D 156 -45.32 -8.26 2.88
N ILE D 157 -44.54 -7.55 2.08
CA ILE D 157 -43.10 -7.46 2.27
C ILE D 157 -42.70 -6.03 2.64
N LYS D 158 -42.02 -5.90 3.77
CA LYS D 158 -41.64 -4.59 4.28
C LYS D 158 -40.16 -4.29 4.04
N ILE D 159 -39.89 -3.24 3.27
CA ILE D 159 -38.51 -2.90 2.91
C ILE D 159 -38.16 -1.48 3.25
N GLY D 160 -37.08 -1.30 4.00
CA GLY D 160 -36.64 0.03 4.38
C GLY D 160 -35.19 0.01 4.82
N SER D 161 -34.65 1.21 5.08
CA SER D 161 -33.29 1.33 5.58
C SER D 161 -33.17 0.66 6.95
N TRP D 162 -32.08 -0.07 7.16
CA TRP D 162 -31.90 -0.70 8.45
C TRP D 162 -31.52 0.32 9.51
N THR D 163 -30.68 1.29 9.14
CA THR D 163 -30.06 2.15 10.15
C THR D 163 -30.23 3.65 9.95
N HIS D 164 -30.77 4.06 8.80
CA HIS D 164 -30.92 5.47 8.48
C HIS D 164 -32.35 5.96 8.64
N HIS D 165 -32.58 6.92 9.52
CA HIS D 165 -33.93 7.47 9.70
C HIS D 165 -34.36 8.42 8.57
N SER D 166 -35.55 8.99 8.74
CA SER D 166 -36.22 9.70 7.65
C SER D 166 -35.54 11.01 7.23
N ARG D 167 -34.68 11.59 8.08
CA ARG D 167 -33.92 12.77 7.68
C ARG D 167 -32.66 12.40 6.90
N GLU D 168 -32.34 11.11 6.89
CA GLU D 168 -31.15 10.63 6.19
C GLU D 168 -31.52 9.87 4.92
N ILE D 169 -32.46 8.94 5.03
CA ILE D 169 -33.02 8.27 3.87
C ILE D 169 -34.55 8.34 3.88
N SER D 170 -35.14 8.76 2.78
CA SER D 170 -36.57 8.62 2.62
C SER D 170 -36.81 7.60 1.52
N VAL D 171 -37.82 6.76 1.68
CA VAL D 171 -38.13 5.76 0.68
C VAL D 171 -39.52 5.98 0.10
N ASP D 172 -39.62 5.79 -1.19
CA ASP D 172 -40.87 6.04 -1.88
C ASP D 172 -41.05 4.96 -2.93
N PRO D 173 -42.28 4.50 -3.15
CA PRO D 173 -42.43 3.60 -4.29
C PRO D 173 -42.07 4.37 -5.57
N THR D 174 -41.25 3.74 -6.43
CA THR D 174 -40.66 4.35 -7.63
C THR D 174 -41.72 4.92 -8.57
N THR D 175 -42.73 4.12 -8.82
CA THR D 175 -43.82 4.57 -9.65
C THR D 175 -45.12 4.27 -8.94
N GLU D 176 -46.07 5.19 -9.08
CA GLU D 176 -47.39 5.05 -8.47
C GLU D 176 -48.13 3.87 -9.09
N ASN D 177 -47.96 3.67 -10.40
CA ASN D 177 -48.70 2.64 -11.13
C ASN D 177 -47.81 1.81 -12.06
N SER D 178 -48.09 0.51 -12.13
CA SER D 178 -47.41 -0.35 -13.10
C SER D 178 -48.24 -1.55 -13.53
N ASP D 179 -47.72 -2.30 -14.49
CA ASP D 179 -48.23 -3.62 -14.82
C ASP D 179 -47.59 -4.60 -13.85
N ASP D 180 -48.38 -5.07 -12.89
CA ASP D 180 -47.88 -5.89 -11.78
C ASP D 180 -47.34 -7.27 -12.18
N SER D 181 -47.74 -7.78 -13.34
CA SER D 181 -47.33 -9.10 -13.75
C SER D 181 -46.35 -9.02 -14.91
N GLU D 182 -45.88 -7.81 -15.19
CA GLU D 182 -45.00 -7.56 -16.33
C GLU D 182 -43.88 -8.59 -16.62
N TYR D 183 -42.99 -8.88 -15.66
CA TYR D 183 -41.87 -9.83 -15.88
C TYR D 183 -42.07 -11.17 -15.18
N PHE D 184 -43.28 -11.38 -14.66
CA PHE D 184 -43.54 -12.61 -13.92
C PHE D 184 -43.55 -13.82 -14.86
N SER D 185 -42.91 -14.89 -14.43
CA SER D 185 -42.74 -16.08 -15.25
C SER D 185 -44.08 -16.76 -15.54
N GLN D 186 -44.30 -17.10 -16.80
CA GLN D 186 -45.52 -17.77 -17.20
C GLN D 186 -45.54 -19.23 -16.76
N TYR D 187 -44.40 -19.74 -16.29
CA TYR D 187 -44.30 -21.15 -15.95
C TYR D 187 -44.43 -21.42 -14.45
N SER D 188 -44.62 -20.36 -13.67
CA SER D 188 -44.87 -20.52 -12.24
C SER D 188 -46.16 -21.28 -11.97
N ARG D 189 -46.21 -22.00 -10.85
CA ARG D 189 -47.44 -22.62 -10.38
C ARG D 189 -48.44 -21.53 -9.99
N PHE D 190 -47.93 -20.32 -9.76
CA PHE D 190 -48.77 -19.26 -9.26
C PHE D 190 -48.94 -18.13 -10.25
N GLU D 191 -49.87 -17.24 -9.95
CA GLU D 191 -50.14 -16.08 -10.80
C GLU D 191 -50.43 -14.88 -9.91
N ILE D 192 -50.12 -13.70 -10.42
CA ILE D 192 -50.26 -12.49 -9.64
C ILE D 192 -51.58 -11.82 -9.96
N LEU D 193 -52.32 -11.45 -8.93
CA LEU D 193 -53.60 -10.79 -9.11
C LEU D 193 -53.41 -9.30 -9.02
N ASP D 194 -52.58 -8.86 -8.09
CA ASP D 194 -52.33 -7.44 -7.90
C ASP D 194 -51.09 -7.21 -7.02
N VAL D 195 -50.41 -6.11 -7.24
CA VAL D 195 -49.30 -5.69 -6.42
C VAL D 195 -49.50 -4.23 -6.04
N THR D 196 -49.63 -3.95 -4.75
CA THR D 196 -49.72 -2.56 -4.32
C THR D 196 -48.64 -2.19 -3.34
N GLN D 197 -48.36 -0.89 -3.27
CA GLN D 197 -47.29 -0.38 -2.45
C GLN D 197 -47.87 0.66 -1.51
N LYS D 198 -47.24 0.81 -0.36
CA LYS D 198 -47.67 1.80 0.60
C LYS D 198 -46.46 2.21 1.43
N LYS D 199 -46.25 3.51 1.52
CA LYS D 199 -45.18 4.08 2.31
C LYS D 199 -45.60 4.18 3.79
N ASN D 200 -44.72 3.76 4.70
CA ASN D 200 -44.93 3.93 6.14
C ASN D 200 -43.82 4.68 6.85
N SER D 201 -44.16 5.35 7.96
CA SER D 201 -43.18 5.88 8.90
C SER D 201 -43.39 5.22 10.25
N VAL D 202 -42.32 4.69 10.82
CA VAL D 202 -42.43 3.91 12.06
C VAL D 202 -41.42 4.49 13.04
N THR D 203 -41.82 4.61 14.30
CA THR D 203 -40.87 4.99 15.33
C THR D 203 -40.51 3.75 16.16
N TYR D 204 -39.23 3.58 16.43
CA TYR D 204 -38.77 2.46 17.25
C TYR D 204 -38.27 2.98 18.60
N SER D 205 -38.28 2.12 19.60
CA SER D 205 -37.89 2.48 20.97
C SER D 205 -36.49 3.09 21.09
N CYS D 206 -35.55 2.59 20.30
CA CYS D 206 -34.16 3.03 20.36
C CYS D 206 -33.97 4.51 20.07
N CYS D 207 -34.75 5.04 19.14
CA CYS D 207 -34.44 6.33 18.55
C CYS D 207 -35.68 7.21 18.55
N PRO D 208 -35.48 8.52 18.60
CA PRO D 208 -36.63 9.42 18.56
C PRO D 208 -37.13 9.63 17.13
N GLU D 209 -36.23 9.48 16.15
CA GLU D 209 -36.57 9.76 14.77
C GLU D 209 -37.40 8.63 14.14
N ALA D 210 -38.15 8.97 13.10
CA ALA D 210 -38.98 8.01 12.39
C ALA D 210 -38.20 7.36 11.26
N TYR D 211 -38.48 6.08 11.02
CA TYR D 211 -37.85 5.33 9.93
C TYR D 211 -38.87 5.00 8.86
N GLU D 212 -38.49 5.18 7.60
CA GLU D 212 -39.44 4.97 6.53
C GLU D 212 -39.30 3.59 5.93
N ASP D 213 -40.41 3.04 5.44
CA ASP D 213 -40.35 1.78 4.72
C ASP D 213 -41.35 1.80 3.58
N VAL D 214 -41.17 0.90 2.63
CA VAL D 214 -42.21 0.62 1.66
C VAL D 214 -42.80 -0.74 1.96
N GLU D 215 -44.13 -0.82 2.00
CA GLU D 215 -44.83 -2.09 2.18
C GLU D 215 -45.44 -2.57 0.87
N VAL D 216 -44.94 -3.70 0.39
CA VAL D 216 -45.37 -4.21 -0.88
C VAL D 216 -46.35 -5.36 -0.66
N SER D 217 -47.59 -5.19 -1.11
CA SER D 217 -48.59 -6.23 -0.92
C SER D 217 -48.74 -7.04 -2.19
N LEU D 218 -48.37 -8.29 -2.12
CA LEU D 218 -48.41 -9.17 -3.26
C LEU D 218 -49.65 -10.07 -3.16
N ASN D 219 -50.66 -9.80 -3.96
CA ASN D 219 -51.87 -10.63 -4.03
C ASN D 219 -51.70 -11.68 -5.13
N PHE D 220 -51.66 -12.95 -4.74
CA PHE D 220 -51.38 -14.01 -5.69
C PHE D 220 -52.17 -15.27 -5.36
N ARG D 221 -52.25 -16.21 -6.29
CA ARG D 221 -52.96 -17.46 -6.03
C ARG D 221 -52.40 -18.60 -6.86
N LYS D 222 -52.61 -19.81 -6.39
CA LYS D 222 -52.26 -21.02 -7.13
C LYS D 222 -53.17 -21.07 -8.35
N LYS D 223 -52.65 -21.52 -9.49
CA LYS D 223 -53.44 -21.59 -10.72
C LYS D 223 -54.53 -22.66 -10.73
N LEU E 20 -17.82 19.74 11.47
CA LEU E 20 -17.70 18.40 10.92
C LEU E 20 -18.94 18.04 10.11
N ASP E 21 -18.75 17.40 8.96
CA ASP E 21 -19.88 16.76 8.30
C ASP E 21 -19.79 15.23 8.40
N ARG E 22 -20.79 14.52 7.86
CA ARG E 22 -20.84 13.07 7.94
CA ARG E 22 -20.84 13.06 7.94
C ARG E 22 -19.59 12.42 7.42
N ALA E 23 -19.14 12.91 6.27
CA ALA E 23 -18.00 12.33 5.59
C ALA E 23 -16.74 12.44 6.44
N ASP E 24 -16.57 13.55 7.15
CA ASP E 24 -15.43 13.75 8.04
C ASP E 24 -15.47 12.78 9.23
N ILE E 25 -16.63 12.70 9.88
CA ILE E 25 -16.82 11.82 11.03
C ILE E 25 -16.48 10.38 10.64
N LEU E 26 -17.04 9.95 9.52
CA LEU E 26 -16.82 8.58 9.04
C LEU E 26 -15.38 8.34 8.64
N TYR E 27 -14.77 9.35 8.01
CA TYR E 27 -13.35 9.26 7.65
C TYR E 27 -12.47 9.14 8.89
N ASN E 28 -12.69 10.03 9.85
CA ASN E 28 -11.97 9.99 11.13
C ASN E 28 -12.09 8.64 11.84
N ILE E 29 -13.30 8.09 11.88
CA ILE E 29 -13.53 6.78 12.51
C ILE E 29 -12.77 5.70 11.77
N ARG E 30 -12.89 5.68 10.44
CA ARG E 30 -12.20 4.66 9.65
C ARG E 30 -10.67 4.74 9.80
N GLN E 31 -10.13 5.96 9.75
CA GLN E 31 -8.69 6.15 9.83
C GLN E 31 -8.07 5.84 11.19
N THR E 32 -8.83 5.98 12.26
CA THR E 32 -8.28 5.75 13.59
C THR E 32 -8.91 4.56 14.33
N SER E 33 -9.73 3.77 13.63
CA SER E 33 -10.41 2.61 14.20
C SER E 33 -9.45 1.54 14.64
N ARG E 34 -9.63 1.04 15.86
CA ARG E 34 -8.98 -0.20 16.27
C ARG E 34 -10.04 -1.27 16.57
N PRO E 35 -10.59 -1.89 15.52
CA PRO E 35 -11.63 -2.91 15.70
C PRO E 35 -11.20 -4.14 16.48
N ASP E 36 -9.89 -4.37 16.58
CA ASP E 36 -9.35 -5.49 17.34
C ASP E 36 -9.20 -5.17 18.83
N VAL E 37 -9.47 -3.92 19.20
CA VAL E 37 -9.18 -3.46 20.54
C VAL E 37 -10.43 -3.13 21.35
N ILE E 38 -10.68 -3.93 22.38
CA ILE E 38 -11.80 -3.64 23.27
C ILE E 38 -11.59 -2.30 23.97
N PRO E 39 -12.60 -1.43 23.91
CA PRO E 39 -12.42 -0.06 24.45
C PRO E 39 -12.59 0.03 25.96
N THR E 40 -11.82 -0.77 26.70
CA THR E 40 -11.82 -0.67 28.15
C THR E 40 -10.99 0.49 28.66
N GLN E 41 -11.13 0.73 29.96
CA GLN E 41 -10.18 1.58 30.69
C GLN E 41 -9.58 0.75 31.83
N ARG E 42 -8.29 0.48 31.72
CA ARG E 42 -7.57 -0.35 32.68
C ARG E 42 -8.39 -1.61 33.00
N ASP E 43 -8.73 -1.82 34.28
CA ASP E 43 -9.50 -2.98 34.71
C ASP E 43 -11.00 -2.73 34.91
N ARG E 44 -11.52 -1.65 34.32
CA ARG E 44 -12.96 -1.46 34.19
C ARG E 44 -13.45 -2.12 32.92
N PRO E 45 -14.51 -2.92 33.03
CA PRO E 45 -15.02 -3.66 31.88
C PRO E 45 -15.86 -2.77 30.98
N VAL E 46 -15.95 -3.13 29.71
CA VAL E 46 -16.93 -2.52 28.83
C VAL E 46 -18.30 -3.10 29.19
N ALA E 47 -19.24 -2.22 29.51
CA ALA E 47 -20.58 -2.68 29.87
C ALA E 47 -21.45 -2.84 28.64
N VAL E 48 -21.79 -4.09 28.31
CA VAL E 48 -22.56 -4.40 27.12
C VAL E 48 -23.98 -4.77 27.52
N SER E 49 -24.96 -4.12 26.88
CA SER E 49 -26.35 -4.51 27.04
C SER E 49 -26.80 -5.36 25.85
N VAL E 50 -27.45 -6.48 26.15
CA VAL E 50 -27.93 -7.40 25.14
C VAL E 50 -29.41 -7.71 25.38
N SER E 51 -30.19 -7.73 24.31
CA SER E 51 -31.61 -7.92 24.43
C SER E 51 -32.07 -8.56 23.14
N LEU E 52 -32.71 -9.72 23.23
CA LEU E 52 -33.22 -10.38 22.04
C LEU E 52 -34.68 -10.02 21.78
N LYS E 53 -34.94 -9.44 20.61
CA LYS E 53 -36.31 -9.22 20.16
C LYS E 53 -36.69 -10.33 19.21
N PHE E 54 -37.56 -11.24 19.64
CA PHE E 54 -37.94 -12.34 18.78
C PHE E 54 -38.87 -11.84 17.72
N ILE E 55 -38.64 -12.31 16.49
CA ILE E 55 -39.44 -11.94 15.33
C ILE E 55 -40.23 -13.14 14.81
N ASN E 56 -39.59 -14.29 14.79
CA ASN E 56 -40.26 -15.47 14.30
C ASN E 56 -39.69 -16.76 14.89
N ILE E 57 -40.56 -17.76 14.97
CA ILE E 57 -40.17 -19.10 15.34
C ILE E 57 -40.61 -20.01 14.20
N LEU E 58 -39.65 -20.65 13.55
CA LEU E 58 -39.82 -21.16 12.20
C LEU E 58 -39.97 -22.69 12.10
N GLU E 59 -39.17 -23.47 12.84
CA GLU E 59 -39.12 -24.95 12.64
C GLU E 59 -38.83 -25.78 13.89
N VAL E 60 -39.84 -25.94 14.76
CA VAL E 60 -39.74 -26.54 16.09
C VAL E 60 -39.78 -28.07 16.00
N ASN E 61 -38.95 -28.76 16.79
CA ASN E 61 -38.94 -30.23 16.81
C ASN E 61 -38.89 -30.76 18.25
N GLU E 62 -40.00 -31.34 18.71
CA GLU E 62 -40.09 -31.74 20.11
C GLU E 62 -39.37 -33.06 20.37
N ILE E 63 -39.12 -33.79 19.30
CA ILE E 63 -38.35 -35.03 19.39
C ILE E 63 -36.86 -34.76 19.55
N THR E 64 -36.32 -33.82 18.78
CA THR E 64 -34.88 -33.55 18.82
C THR E 64 -34.53 -32.41 19.75
N ASN E 65 -35.55 -31.74 20.28
CA ASN E 65 -35.36 -30.54 21.11
C ASN E 65 -34.55 -29.45 20.41
N GLU E 66 -34.95 -29.13 19.18
CA GLU E 66 -34.28 -28.10 18.41
C GLU E 66 -35.30 -27.09 17.91
N VAL E 67 -34.86 -25.85 17.82
CA VAL E 67 -35.74 -24.79 17.40
C VAL E 67 -34.98 -23.87 16.44
N ASP E 68 -35.70 -23.35 15.46
CA ASP E 68 -35.14 -22.41 14.49
C ASP E 68 -35.80 -21.06 14.77
N VAL E 69 -35.00 -20.02 14.90
CA VAL E 69 -35.52 -18.75 15.42
C VAL E 69 -34.95 -17.52 14.70
N VAL E 70 -35.80 -16.52 14.45
CA VAL E 70 -35.30 -15.26 13.95
C VAL E 70 -35.45 -14.20 15.02
N PHE E 71 -34.36 -13.48 15.31
CA PHE E 71 -34.41 -12.44 16.32
C PHE E 71 -33.54 -11.24 15.97
N TRP E 72 -33.92 -10.08 16.51
CA TRP E 72 -33.09 -8.89 16.40
C TRP E 72 -32.28 -8.76 17.70
N GLN E 73 -30.97 -8.83 17.57
CA GLN E 73 -30.08 -8.79 18.73
C GLN E 73 -29.65 -7.37 19.09
N GLN E 74 -30.43 -6.72 19.95
CA GLN E 74 -30.15 -5.36 20.32
C GLN E 74 -28.93 -5.33 21.23
N THR E 75 -27.88 -4.66 20.77
CA THR E 75 -26.60 -4.69 21.44
C THR E 75 -26.07 -3.27 21.59
N THR E 76 -25.83 -2.85 22.82
CA THR E 76 -25.32 -1.51 23.05
C THR E 76 -24.14 -1.47 24.03
N TRP E 77 -23.24 -0.53 23.79
CA TRP E 77 -22.10 -0.33 24.65
C TRP E 77 -21.52 1.04 24.32
N SER E 78 -20.55 1.46 25.12
CA SER E 78 -19.95 2.76 24.92
C SER E 78 -18.50 2.61 24.46
N ASP E 79 -18.12 3.36 23.42
CA ASP E 79 -16.75 3.42 22.97
C ASP E 79 -16.32 4.88 22.84
N ARG E 80 -15.68 5.40 23.87
CA ARG E 80 -15.39 6.83 23.92
C ARG E 80 -14.34 7.28 22.90
N THR E 81 -13.61 6.33 22.31
CA THR E 81 -12.67 6.67 21.26
C THR E 81 -13.36 7.10 19.98
N LEU E 82 -14.68 6.98 19.94
CA LEU E 82 -15.44 7.31 18.74
C LEU E 82 -16.14 8.65 18.87
N ALA E 83 -16.13 9.24 20.06
CA ALA E 83 -16.88 10.47 20.32
C ALA E 83 -16.38 11.65 19.48
N TRP E 84 -17.27 12.58 19.17
CA TRP E 84 -16.90 13.82 18.48
C TRP E 84 -17.75 14.96 18.99
N ASN E 85 -17.28 16.19 18.76
CA ASN E 85 -18.04 17.40 19.09
C ASN E 85 -19.29 17.53 18.22
N SER E 86 -20.46 17.41 18.84
CA SER E 86 -21.72 17.40 18.11
C SER E 86 -22.19 18.80 17.65
N SER E 87 -21.50 19.84 18.11
CA SER E 87 -21.87 21.21 17.75
C SER E 87 -21.74 21.43 16.26
N HIS E 88 -22.83 21.89 15.64
CA HIS E 88 -22.87 22.12 14.19
C HIS E 88 -22.51 20.89 13.37
N SER E 89 -22.75 19.71 13.95
CA SER E 89 -22.46 18.46 13.28
C SER E 89 -23.61 17.50 13.50
N PRO E 90 -23.73 16.48 12.65
CA PRO E 90 -24.71 15.43 12.89
C PRO E 90 -24.48 14.74 14.24
N ASP E 91 -25.59 14.33 14.86
CA ASP E 91 -25.58 13.74 16.19
C ASP E 91 -25.23 12.25 16.13
N GLN E 92 -25.50 11.61 14.98
CA GLN E 92 -25.32 10.16 14.81
C GLN E 92 -24.92 9.83 13.38
N VAL E 93 -24.14 8.77 13.23
CA VAL E 93 -23.86 8.24 11.90
C VAL E 93 -24.03 6.72 11.88
N SER E 94 -24.15 6.17 10.67
CA SER E 94 -24.12 4.73 10.45
C SER E 94 -22.70 4.29 10.03
N VAL E 95 -22.14 3.33 10.76
CA VAL E 95 -20.76 2.88 10.52
C VAL E 95 -20.73 1.38 10.25
N PRO E 96 -19.99 0.95 9.20
CA PRO E 96 -19.85 -0.48 8.95
C PRO E 96 -19.14 -1.11 10.15
N ILE E 97 -19.58 -2.27 10.60
CA ILE E 97 -19.01 -2.83 11.83
C ILE E 97 -17.55 -3.22 11.65
N SER E 98 -17.12 -3.38 10.38
CA SER E 98 -15.72 -3.71 10.10
C SER E 98 -14.80 -2.56 10.52
N SER E 99 -15.37 -1.39 10.75
CA SER E 99 -14.58 -0.26 11.24
C SER E 99 -14.71 -0.07 12.74
N LEU E 100 -15.36 -1.00 13.44
CA LEU E 100 -15.57 -0.80 14.89
C LEU E 100 -15.19 -2.03 15.69
N TRP E 101 -14.78 -1.84 16.93
CA TRP E 101 -14.77 -2.99 17.82
C TRP E 101 -16.19 -3.37 18.08
N VAL E 102 -16.46 -4.66 18.12
CA VAL E 102 -17.78 -5.21 18.40
C VAL E 102 -17.59 -6.37 19.37
N PRO E 103 -18.41 -6.46 20.42
CA PRO E 103 -18.28 -7.55 21.38
C PRO E 103 -18.38 -8.92 20.74
N ASP E 104 -17.57 -9.87 21.17
CA ASP E 104 -17.50 -11.20 20.57
C ASP E 104 -18.57 -12.12 21.18
N LEU E 105 -19.83 -11.71 21.09
CA LEU E 105 -20.90 -12.47 21.71
C LEU E 105 -21.16 -13.75 20.96
N ALA E 106 -21.45 -14.81 21.69
CA ALA E 106 -21.90 -16.07 21.07
C ALA E 106 -23.07 -16.65 21.83
N ALA E 107 -23.89 -17.41 21.11
CA ALA E 107 -24.98 -18.15 21.73
C ALA E 107 -24.43 -19.52 22.05
N TYR E 108 -24.26 -19.80 23.35
CA TYR E 108 -23.61 -21.03 23.82
C TYR E 108 -24.32 -22.33 23.43
N ASN E 109 -25.64 -22.30 23.27
CA ASN E 109 -26.37 -23.50 22.88
C ASN E 109 -26.85 -23.47 21.42
N ALA E 110 -26.17 -22.68 20.59
CA ALA E 110 -26.48 -22.62 19.16
C ALA E 110 -25.94 -23.86 18.48
N ILE E 111 -26.70 -24.40 17.52
CA ILE E 111 -26.24 -25.56 16.76
C ILE E 111 -26.14 -25.29 15.28
N SER E 112 -26.34 -24.04 14.87
CA SER E 112 -26.00 -23.58 13.52
C SER E 112 -25.30 -22.23 13.55
N LYS E 113 -24.59 -21.92 12.46
CA LYS E 113 -23.96 -20.61 12.30
C LYS E 113 -25.02 -19.53 12.36
N PRO E 114 -24.73 -18.39 12.98
CA PRO E 114 -25.70 -17.30 12.89
C PRO E 114 -25.78 -16.75 11.46
N GLU E 115 -26.99 -16.71 10.91
CA GLU E 115 -27.21 -16.19 9.58
C GLU E 115 -27.70 -14.75 9.77
N VAL E 116 -26.86 -13.78 9.44
CA VAL E 116 -27.22 -12.37 9.53
C VAL E 116 -28.02 -11.97 8.31
N LEU E 117 -29.17 -11.33 8.52
CA LEU E 117 -30.12 -11.02 7.44
C LEU E 117 -30.17 -9.55 7.08
N THR E 118 -29.35 -8.74 7.74
CA THR E 118 -29.46 -7.28 7.64
C THR E 118 -28.10 -6.64 7.33
N PRO E 119 -28.11 -5.42 6.75
CA PRO E 119 -26.85 -4.73 6.49
C PRO E 119 -26.01 -4.62 7.78
N GLN E 120 -24.75 -4.97 7.69
CA GLN E 120 -23.88 -4.99 8.86
C GLN E 120 -23.39 -3.59 9.22
N LEU E 121 -24.31 -2.76 9.74
CA LEU E 121 -24.01 -1.40 10.11
C LEU E 121 -24.41 -1.19 11.56
N ALA E 122 -23.64 -0.38 12.28
CA ALA E 122 -24.01 0.04 13.61
C ALA E 122 -24.33 1.52 13.61
N ARG E 123 -25.11 1.96 14.59
CA ARG E 123 -25.44 3.34 14.74
C ARG E 123 -24.60 3.92 15.86
N VAL E 124 -23.84 4.98 15.56
CA VAL E 124 -22.95 5.57 16.54
C VAL E 124 -23.33 7.02 16.90
N VAL E 125 -23.53 7.26 18.19
CA VAL E 125 -23.89 8.59 18.68
C VAL E 125 -22.63 9.39 19.02
N SER E 126 -22.70 10.71 18.91
CA SER E 126 -21.53 11.58 19.13
C SER E 126 -20.86 11.42 20.50
N ASP E 127 -21.60 10.93 21.50
CA ASP E 127 -20.99 10.69 22.80
C ASP E 127 -20.28 9.32 22.91
N GLY E 128 -20.27 8.55 21.82
CA GLY E 128 -19.60 7.27 21.82
C GLY E 128 -20.50 6.05 22.05
N GLU E 129 -21.79 6.27 22.25
CA GLU E 129 -22.72 5.17 22.40
C GLU E 129 -22.92 4.46 21.05
N VAL E 130 -22.89 3.14 21.08
CA VAL E 130 -23.02 2.36 19.86
C VAL E 130 -24.22 1.47 19.98
N LEU E 131 -25.01 1.44 18.92
CA LEU E 131 -26.09 0.46 18.81
C LEU E 131 -25.85 -0.41 17.57
N TYR E 132 -25.75 -1.72 17.79
CA TYR E 132 -25.66 -2.70 16.72
C TYR E 132 -26.81 -3.70 16.90
N MET E 133 -27.60 -3.92 15.85
CA MET E 133 -28.81 -4.74 15.98
C MET E 133 -29.06 -5.55 14.71
N PRO E 134 -28.32 -6.65 14.56
CA PRO E 134 -28.51 -7.50 13.39
C PRO E 134 -29.72 -8.38 13.55
N SER E 135 -30.41 -8.65 12.45
CA SER E 135 -31.42 -9.68 12.43
C SER E 135 -30.72 -11.02 12.21
N ILE E 136 -30.97 -11.97 13.09
CA ILE E 136 -30.28 -13.23 13.01
C ILE E 136 -31.24 -14.41 12.94
N ARG E 137 -30.97 -15.34 12.03
CA ARG E 137 -31.66 -16.61 12.05
C ARG E 137 -30.67 -17.66 12.48
N GLN E 138 -31.05 -18.45 13.47
CA GLN E 138 -30.15 -19.40 14.07
C GLN E 138 -30.92 -20.55 14.70
N ARG E 139 -30.32 -21.73 14.72
CA ARG E 139 -30.94 -22.89 15.32
C ARG E 139 -30.33 -23.20 16.70
N PHE E 140 -31.18 -23.60 17.63
CA PHE E 140 -30.77 -23.80 19.01
C PHE E 140 -31.17 -25.16 19.54
N SER E 141 -30.36 -25.68 20.45
CA SER E 141 -30.72 -26.84 21.22
C SER E 141 -31.27 -26.34 22.54
N CYS E 142 -32.53 -26.63 22.79
CA CYS E 142 -33.19 -26.19 24.01
C CYS E 142 -34.47 -26.99 24.27
N ASP E 143 -35.11 -26.76 25.41
CA ASP E 143 -36.24 -27.58 25.83
C ASP E 143 -37.53 -27.21 25.12
N VAL E 144 -37.98 -28.08 24.23
CA VAL E 144 -39.13 -27.83 23.40
C VAL E 144 -40.36 -28.56 23.95
N SER E 145 -40.14 -29.31 25.03
CA SER E 145 -41.23 -30.09 25.62
C SER E 145 -42.36 -29.16 26.08
N GLY E 146 -43.59 -29.54 25.74
CA GLY E 146 -44.76 -28.78 26.13
C GLY E 146 -45.23 -27.73 25.14
N VAL E 147 -44.62 -27.69 23.96
CA VAL E 147 -44.92 -26.65 22.98
C VAL E 147 -46.37 -26.72 22.52
N ASP E 148 -46.95 -27.92 22.52
CA ASP E 148 -48.33 -28.13 22.10
C ASP E 148 -49.35 -28.03 23.24
N THR E 149 -48.92 -27.57 24.39
CA THR E 149 -49.83 -27.47 25.52
C THR E 149 -50.15 -26.02 25.77
N GLU E 150 -51.13 -25.79 26.64
CA GLU E 150 -51.49 -24.44 27.06
C GLU E 150 -50.36 -23.71 27.79
N SER E 151 -49.54 -24.45 28.54
CA SER E 151 -48.43 -23.88 29.31
C SER E 151 -47.25 -23.53 28.42
N GLY E 152 -47.13 -24.22 27.29
CA GLY E 152 -46.08 -23.94 26.32
C GLY E 152 -44.73 -24.49 26.70
N ALA E 153 -43.76 -24.30 25.83
CA ALA E 153 -42.39 -24.70 26.10
C ALA E 153 -41.61 -23.51 26.63
N THR E 154 -40.51 -23.79 27.33
CA THR E 154 -39.59 -22.73 27.72
C THR E 154 -38.21 -23.05 27.19
N CYS E 155 -37.81 -22.33 26.15
CA CYS E 155 -36.52 -22.50 25.52
C CYS E 155 -35.57 -21.43 26.06
N ARG E 156 -34.43 -21.84 26.60
CA ARG E 156 -33.45 -20.93 27.20
C ARG E 156 -32.26 -20.73 26.28
N ILE E 157 -31.95 -19.47 25.95
CA ILE E 157 -30.84 -19.15 25.08
C ILE E 157 -29.76 -18.39 25.86
N LYS E 158 -28.55 -18.92 25.85
CA LYS E 158 -27.45 -18.36 26.59
C LYS E 158 -26.51 -17.56 25.67
N ILE E 159 -26.40 -16.28 25.93
CA ILE E 159 -25.52 -15.40 25.17
C ILE E 159 -24.52 -14.67 26.05
N GLY E 160 -23.24 -14.75 25.68
CA GLY E 160 -22.19 -14.03 26.39
C GLY E 160 -20.93 -13.93 25.53
N SER E 161 -19.95 -13.18 26.02
CA SER E 161 -18.68 -13.08 25.34
C SER E 161 -18.04 -14.46 25.25
N TRP E 162 -17.52 -14.81 24.08
CA TRP E 162 -16.77 -16.05 23.94
C TRP E 162 -15.41 -16.02 24.68
N THR E 163 -14.69 -14.90 24.64
CA THR E 163 -13.31 -14.87 25.14
C THR E 163 -12.98 -13.82 26.21
N HIS E 164 -13.88 -12.88 26.47
CA HIS E 164 -13.63 -11.83 27.46
C HIS E 164 -14.34 -12.08 28.80
N HIS E 165 -13.57 -12.19 29.88
CA HIS E 165 -14.16 -12.39 31.21
C HIS E 165 -14.80 -11.11 31.78
N SER E 166 -15.31 -11.22 33.00
CA SER E 166 -16.14 -10.18 33.61
C SER E 166 -15.42 -8.86 33.91
N ARG E 167 -14.09 -8.85 33.93
CA ARG E 167 -13.37 -7.60 34.14
C ARG E 167 -13.10 -6.91 32.81
N GLU E 168 -13.41 -7.58 31.70
CA GLU E 168 -13.22 -6.99 30.38
C GLU E 168 -14.57 -6.67 29.73
N ILE E 169 -15.49 -7.61 29.79
CA ILE E 169 -16.85 -7.40 29.34
C ILE E 169 -17.85 -7.85 30.39
N SER E 170 -18.76 -6.96 30.74
CA SER E 170 -19.87 -7.35 31.58
C SER E 170 -21.12 -7.25 30.71
N VAL E 171 -22.02 -8.22 30.83
CA VAL E 171 -23.27 -8.18 30.07
C VAL E 171 -24.46 -7.98 31.01
N ASP E 172 -25.35 -7.06 30.65
CA ASP E 172 -26.63 -6.89 31.38
C ASP E 172 -27.83 -6.83 30.41
N PRO E 173 -29.04 -7.17 30.89
CA PRO E 173 -30.19 -6.80 30.03
C PRO E 173 -30.39 -5.29 29.95
N ASP E 179 -35.29 -10.42 25.52
CA ASP E 179 -36.28 -9.34 25.70
C ASP E 179 -37.60 -9.53 24.99
N ASP E 180 -38.27 -8.42 24.78
CA ASP E 180 -39.64 -8.36 24.33
C ASP E 180 -40.00 -9.22 23.11
N SER E 181 -41.30 -9.37 22.96
CA SER E 181 -41.95 -10.06 21.87
C SER E 181 -42.65 -8.96 21.08
N GLU E 182 -42.22 -7.73 21.32
CA GLU E 182 -42.73 -6.52 20.67
C GLU E 182 -42.96 -6.52 19.14
N TYR E 183 -42.12 -7.24 18.40
CA TYR E 183 -42.08 -7.26 16.93
C TYR E 183 -42.35 -8.66 16.37
N PHE E 184 -42.87 -9.54 17.21
CA PHE E 184 -43.10 -10.91 16.79
C PHE E 184 -44.12 -10.94 15.67
N SER E 185 -43.83 -11.71 14.63
CA SER E 185 -44.71 -11.85 13.48
C SER E 185 -46.06 -12.46 13.85
N GLN E 186 -47.14 -11.85 13.36
CA GLN E 186 -48.48 -12.37 13.57
C GLN E 186 -48.78 -13.61 12.77
N TYR E 187 -47.89 -13.92 11.83
CA TYR E 187 -48.13 -15.01 10.90
C TYR E 187 -47.42 -16.31 11.28
N SER E 188 -46.66 -16.26 12.35
CA SER E 188 -46.03 -17.46 12.90
C SER E 188 -47.05 -18.52 13.36
N ARG E 189 -46.70 -19.80 13.27
CA ARG E 189 -47.53 -20.86 13.83
CA ARG E 189 -47.52 -20.86 13.84
C ARG E 189 -47.51 -20.75 15.33
N PHE E 190 -46.54 -20.00 15.85
CA PHE E 190 -46.37 -19.93 17.28
C PHE E 190 -46.68 -18.58 17.84
N GLU E 191 -46.81 -18.52 19.17
CA GLU E 191 -47.06 -17.27 19.87
C GLU E 191 -46.23 -17.25 21.14
N ILE E 192 -45.82 -16.06 21.55
CA ILE E 192 -44.99 -15.91 22.70
C ILE E 192 -45.84 -15.62 23.93
N LEU E 193 -45.59 -16.38 24.99
CA LEU E 193 -46.30 -16.19 26.25
C LEU E 193 -45.53 -15.22 27.15
N ASP E 194 -44.20 -15.38 27.19
CA ASP E 194 -43.37 -14.55 28.04
C ASP E 194 -41.91 -14.66 27.66
N VAL E 195 -41.16 -13.58 27.89
CA VAL E 195 -39.73 -13.61 27.70
C VAL E 195 -39.08 -13.02 28.94
N THR E 196 -38.20 -13.78 29.60
CA THR E 196 -37.46 -13.26 30.73
C THR E 196 -35.95 -13.49 30.59
N GLN E 197 -35.20 -12.79 31.42
CA GLN E 197 -33.76 -12.63 31.26
C GLN E 197 -33.08 -12.71 32.62
N LYS E 198 -32.13 -13.63 32.78
CA LYS E 198 -31.34 -13.67 34.01
C LYS E 198 -29.84 -13.56 33.73
N LYS E 199 -29.15 -12.77 34.54
CA LYS E 199 -27.71 -12.59 34.38
C LYS E 199 -26.97 -13.67 35.14
N ASN E 200 -25.99 -14.30 34.49
CA ASN E 200 -25.20 -15.32 35.17
C ASN E 200 -23.70 -15.04 35.10
N SER E 201 -22.99 -15.51 36.11
CA SER E 201 -21.54 -15.55 36.10
C SER E 201 -21.11 -17.01 36.21
N VAL E 202 -20.23 -17.42 35.32
CA VAL E 202 -19.82 -18.81 35.27
C VAL E 202 -18.32 -18.86 35.26
N THR E 203 -17.75 -19.80 36.00
CA THR E 203 -16.30 -19.99 35.94
C THR E 203 -15.99 -21.25 35.14
N TYR E 204 -15.00 -21.15 34.25
CA TYR E 204 -14.61 -22.29 33.43
C TYR E 204 -13.23 -22.80 33.86
N SER E 205 -12.97 -24.07 33.60
CA SER E 205 -11.74 -24.73 34.04
C SER E 205 -10.46 -24.02 33.55
N CYS E 206 -10.53 -23.46 32.35
CA CYS E 206 -9.38 -22.81 31.72
C CYS E 206 -8.85 -21.61 32.47
N CYS E 207 -9.76 -20.84 33.05
CA CYS E 207 -9.40 -19.52 33.55
C CYS E 207 -9.93 -19.31 34.96
N PRO E 208 -9.24 -18.46 35.73
CA PRO E 208 -9.67 -18.21 37.10
C PRO E 208 -10.78 -17.18 37.15
N GLU E 209 -10.84 -16.31 36.16
CA GLU E 209 -11.86 -15.27 36.11
C GLU E 209 -13.23 -15.78 35.68
N ALA E 210 -14.26 -15.07 36.11
CA ALA E 210 -15.64 -15.45 35.80
C ALA E 210 -16.08 -14.82 34.47
N TYR E 211 -16.89 -15.55 33.72
CA TYR E 211 -17.46 -15.05 32.47
C TYR E 211 -18.95 -14.80 32.61
N GLU E 212 -19.43 -13.68 32.08
CA GLU E 212 -20.82 -13.30 32.24
C GLU E 212 -21.66 -13.69 31.03
N ASP E 213 -22.92 -14.01 31.26
CA ASP E 213 -23.81 -14.28 30.17
C ASP E 213 -25.21 -13.78 30.51
N VAL E 214 -26.01 -13.59 29.47
CA VAL E 214 -27.43 -13.37 29.67
C VAL E 214 -28.15 -14.64 29.23
N GLU E 215 -29.05 -15.10 30.08
CA GLU E 215 -29.88 -16.25 29.77
C GLU E 215 -31.30 -15.80 29.46
N VAL E 216 -31.71 -16.02 28.22
CA VAL E 216 -33.02 -15.57 27.76
C VAL E 216 -34.01 -16.73 27.73
N SER E 217 -35.05 -16.64 28.54
CA SER E 217 -36.07 -17.69 28.58
C SER E 217 -37.28 -17.35 27.73
N LEU E 218 -37.46 -18.12 26.66
CA LEU E 218 -38.53 -17.87 25.72
C LEU E 218 -39.66 -18.85 25.98
N ASN E 219 -40.75 -18.38 26.57
CA ASN E 219 -41.91 -19.22 26.81
C ASN E 219 -42.91 -19.03 25.66
N PHE E 220 -43.12 -20.09 24.88
CA PHE E 220 -43.93 -20.00 23.67
C PHE E 220 -44.76 -21.27 23.48
N ARG E 221 -45.76 -21.22 22.60
CA ARG E 221 -46.57 -22.40 22.31
C ARG E 221 -47.21 -22.32 20.92
N LYS E 222 -47.69 -23.45 20.42
CA LYS E 222 -48.42 -23.46 19.16
C LYS E 222 -49.72 -22.66 19.25
N LYS E 223 -50.09 -22.01 18.16
CA LYS E 223 -51.34 -21.26 18.15
C LYS E 223 -52.49 -22.21 17.86
N GLY E 224 -53.67 -21.88 18.37
CA GLY E 224 -54.87 -22.69 18.18
C GLY E 224 -55.17 -23.60 19.36
N LEU F 20 -19.32 21.61 -3.21
CA LEU F 20 -17.93 21.27 -2.99
C LEU F 20 -17.27 22.27 -2.04
N ASP F 21 -16.44 21.78 -1.13
CA ASP F 21 -15.58 22.68 -0.38
C ASP F 21 -14.12 22.51 -0.84
N ARG F 22 -13.22 23.34 -0.32
CA ARG F 22 -11.80 23.27 -0.69
C ARG F 22 -11.20 21.89 -0.53
N ALA F 23 -11.47 21.26 0.62
CA ALA F 23 -10.97 19.91 0.87
C ALA F 23 -11.35 18.92 -0.22
N ASP F 24 -12.61 18.96 -0.66
CA ASP F 24 -13.10 18.07 -1.71
C ASP F 24 -12.38 18.32 -3.03
N ILE F 25 -12.27 19.60 -3.41
CA ILE F 25 -11.62 19.98 -4.65
C ILE F 25 -10.18 19.48 -4.66
N LEU F 26 -9.48 19.71 -3.56
CA LEU F 26 -8.08 19.31 -3.46
C LEU F 26 -7.96 17.78 -3.43
N TYR F 27 -8.88 17.11 -2.74
CA TYR F 27 -8.89 15.66 -2.70
C TYR F 27 -9.08 15.11 -4.11
N ASN F 28 -10.09 15.63 -4.81
CA ASN F 28 -10.38 15.16 -6.15
C ASN F 28 -9.20 15.34 -7.09
N ILE F 29 -8.53 16.49 -7.00
CA ILE F 29 -7.38 16.76 -7.84
C ILE F 29 -6.22 15.82 -7.50
N ARG F 30 -5.94 15.63 -6.21
CA ARG F 30 -4.89 14.69 -5.83
C ARG F 30 -5.18 13.25 -6.26
N GLN F 31 -6.42 12.79 -6.07
CA GLN F 31 -6.78 11.41 -6.39
C GLN F 31 -6.78 11.10 -7.90
N THR F 32 -7.00 12.12 -8.75
CA THR F 32 -7.15 11.85 -10.17
C THR F 32 -6.06 12.52 -10.99
N SER F 33 -5.08 13.09 -10.31
CA SER F 33 -3.98 13.81 -10.98
C SER F 33 -3.14 12.91 -11.83
N ARG F 34 -2.84 13.34 -13.05
CA ARG F 34 -1.81 12.69 -13.85
C ARG F 34 -0.69 13.69 -14.15
N PRO F 35 0.17 13.97 -13.16
CA PRO F 35 1.23 14.98 -13.34
C PRO F 35 2.24 14.65 -14.43
N ASP F 36 2.27 13.39 -14.86
CA ASP F 36 3.15 12.95 -15.95
C ASP F 36 2.54 13.15 -17.34
N VAL F 37 1.28 13.56 -17.38
CA VAL F 37 0.53 13.60 -18.64
C VAL F 37 0.18 15.02 -19.09
N ILE F 38 0.79 15.46 -20.19
CA ILE F 38 0.51 16.78 -20.71
C ILE F 38 -0.96 16.86 -21.14
N PRO F 39 -1.69 17.88 -20.66
CA PRO F 39 -3.13 17.93 -20.90
C PRO F 39 -3.52 18.46 -22.28
N THR F 40 -3.04 17.81 -23.33
CA THR F 40 -3.42 18.16 -24.69
C THR F 40 -4.71 17.48 -25.11
N GLN F 41 -5.13 17.79 -26.33
CA GLN F 41 -5.86 16.82 -27.17
C GLN F 41 -5.23 16.86 -28.56
N ARG F 42 -4.54 15.78 -28.94
CA ARG F 42 -3.88 15.67 -30.24
C ARG F 42 -4.73 16.24 -31.37
N ASP F 43 -4.12 16.98 -32.30
CA ASP F 43 -2.73 17.38 -32.23
C ASP F 43 -2.69 18.83 -31.81
N ARG F 44 -3.55 19.19 -30.85
CA ARG F 44 -3.61 20.57 -30.37
C ARG F 44 -2.74 20.80 -29.14
N PRO F 45 -1.74 21.66 -29.28
CA PRO F 45 -0.75 21.89 -28.22
C PRO F 45 -1.32 22.59 -27.00
N VAL F 46 -0.70 22.39 -25.85
CA VAL F 46 -1.04 23.15 -24.68
C VAL F 46 -0.38 24.52 -24.83
N ALA F 47 -1.18 25.58 -24.75
CA ALA F 47 -0.65 26.92 -24.90
C ALA F 47 -0.12 27.42 -23.57
N VAL F 48 1.18 27.64 -23.51
CA VAL F 48 1.80 28.08 -22.28
C VAL F 48 2.26 29.52 -22.42
N SER F 49 1.85 30.37 -21.48
CA SER F 49 2.36 31.75 -21.46
C SER F 49 3.45 31.86 -20.40
N VAL F 50 4.56 32.47 -20.80
CA VAL F 50 5.70 32.65 -19.91
C VAL F 50 6.11 34.11 -19.86
N SER F 51 6.42 34.61 -18.68
CA SER F 51 6.72 36.02 -18.52
C SER F 51 7.67 36.15 -17.33
N LEU F 52 8.85 36.73 -17.53
CA LEU F 52 9.78 36.88 -16.42
C LEU F 52 9.71 38.26 -15.78
N LYS F 53 9.41 38.29 -14.49
CA LYS F 53 9.38 39.54 -13.73
C LYS F 53 10.67 39.66 -12.95
N PHE F 54 11.57 40.51 -13.41
CA PHE F 54 12.87 40.62 -12.75
C PHE F 54 12.75 41.35 -11.42
N ILE F 55 13.40 40.80 -10.40
CA ILE F 55 13.31 41.31 -9.05
C ILE F 55 14.66 41.85 -8.54
N ASN F 56 15.74 41.17 -8.86
CA ASN F 56 17.06 41.58 -8.37
C ASN F 56 18.13 41.08 -9.31
N ILE F 57 19.11 41.94 -9.64
CA ILE F 57 20.31 41.52 -10.38
C ILE F 57 21.45 41.58 -9.38
N LEU F 58 22.00 40.42 -9.03
CA LEU F 58 22.84 40.29 -7.85
C LEU F 58 24.31 40.33 -8.11
N GLU F 59 24.71 39.74 -9.23
CA GLU F 59 26.11 39.71 -9.58
C GLU F 59 26.22 39.76 -11.07
N VAL F 60 27.22 40.50 -11.52
CA VAL F 60 27.42 40.73 -12.93
C VAL F 60 28.92 40.66 -13.16
N ASN F 61 29.34 39.96 -14.20
CA ASN F 61 30.76 39.86 -14.49
C ASN F 61 31.00 40.07 -15.97
N GLU F 62 31.59 41.22 -16.33
CA GLU F 62 31.72 41.60 -17.73
C GLU F 62 32.86 40.84 -18.41
N ILE F 63 33.74 40.28 -17.59
CA ILE F 63 34.86 39.50 -18.11
C ILE F 63 34.39 38.11 -18.53
N THR F 64 33.60 37.47 -17.67
CA THR F 64 33.15 36.12 -17.97
C THR F 64 31.78 36.08 -18.67
N ASN F 65 31.15 37.24 -18.82
CA ASN F 65 29.80 37.30 -19.42
C ASN F 65 28.78 36.42 -18.69
N GLU F 66 28.75 36.58 -17.38
CA GLU F 66 27.82 35.82 -16.55
C GLU F 66 27.04 36.76 -15.66
N VAL F 67 25.79 36.39 -15.42
CA VAL F 67 24.92 37.23 -14.60
C VAL F 67 24.13 36.36 -13.62
N ASP F 68 23.89 36.90 -12.44
CA ASP F 68 23.15 36.18 -11.40
C ASP F 68 21.87 36.97 -11.18
N VAL F 69 20.74 36.31 -11.27
CA VAL F 69 19.48 37.02 -11.37
C VAL F 69 18.39 36.40 -10.49
N VAL F 70 17.53 37.24 -9.91
CA VAL F 70 16.31 36.73 -9.27
C VAL F 70 15.07 37.23 -10.00
N PHE F 71 14.19 36.29 -10.38
CA PHE F 71 12.99 36.65 -11.12
C PHE F 71 11.79 35.80 -10.73
N TRP F 72 10.60 36.35 -10.92
CA TRP F 72 9.36 35.59 -10.74
C TRP F 72 8.92 35.10 -12.09
N GLN F 73 8.84 33.78 -12.26
CA GLN F 73 8.51 33.20 -13.55
C GLN F 73 7.00 32.97 -13.65
N GLN F 74 6.29 33.96 -14.18
CA GLN F 74 4.85 33.86 -14.35
C GLN F 74 4.54 32.86 -15.45
N THR F 75 3.84 31.79 -15.10
CA THR F 75 3.59 30.70 -16.03
C THR F 75 2.14 30.32 -15.98
N THR F 76 1.46 30.35 -17.14
CA THR F 76 0.04 30.01 -17.17
C THR F 76 -0.29 29.08 -18.32
N TRP F 77 -1.26 28.20 -18.07
CA TRP F 77 -1.76 27.30 -19.09
C TRP F 77 -3.09 26.79 -18.61
N SER F 78 -3.80 26.09 -19.49
CA SER F 78 -5.10 25.58 -19.14
C SER F 78 -5.01 24.05 -19.05
N ASP F 79 -5.58 23.49 -17.98
CA ASP F 79 -5.72 22.04 -17.84
C ASP F 79 -7.18 21.73 -17.52
N ARG F 80 -7.97 21.42 -18.53
CA ARG F 80 -9.41 21.19 -18.34
C ARG F 80 -9.75 19.98 -17.47
N THR F 81 -8.79 19.07 -17.27
CA THR F 81 -9.02 17.92 -16.40
C THR F 81 -9.14 18.34 -14.92
N LEU F 82 -8.90 19.62 -14.65
CA LEU F 82 -8.89 20.11 -13.28
C LEU F 82 -10.15 20.90 -12.95
N ALA F 83 -10.92 21.22 -13.97
CA ALA F 83 -12.11 22.05 -13.79
C ALA F 83 -13.17 21.45 -12.86
N TRP F 84 -13.90 22.33 -12.17
CA TRP F 84 -15.02 21.90 -11.32
C TRP F 84 -16.15 22.91 -11.36
N ASN F 85 -17.32 22.49 -10.92
CA ASN F 85 -18.49 23.36 -10.87
C ASN F 85 -18.32 24.39 -9.76
N SER F 86 -18.21 25.66 -10.13
CA SER F 86 -17.89 26.71 -9.18
C SER F 86 -19.09 27.17 -8.37
N SER F 87 -20.28 26.68 -8.73
CA SER F 87 -21.51 27.05 -8.03
C SER F 87 -21.43 26.60 -6.58
N HIS F 88 -21.66 27.54 -5.66
CA HIS F 88 -21.59 27.28 -4.21
C HIS F 88 -20.28 26.65 -3.77
N SER F 89 -19.23 26.96 -4.50
CA SER F 89 -17.91 26.43 -4.21
C SER F 89 -16.87 27.52 -4.41
N PRO F 90 -15.70 27.35 -3.79
CA PRO F 90 -14.62 28.32 -4.03
C PRO F 90 -14.25 28.37 -5.50
N ASP F 91 -13.83 29.55 -5.95
CA ASP F 91 -13.50 29.80 -7.35
C ASP F 91 -12.07 29.35 -7.69
N GLN F 92 -11.20 29.30 -6.67
CA GLN F 92 -9.80 28.97 -6.86
C GLN F 92 -9.26 28.22 -5.67
N VAL F 93 -8.24 27.42 -5.89
CA VAL F 93 -7.52 26.80 -4.79
C VAL F 93 -6.02 26.85 -5.03
N SER F 94 -5.23 26.71 -3.97
CA SER F 94 -3.79 26.47 -4.08
C SER F 94 -3.42 24.97 -4.04
N VAL F 95 -2.69 24.53 -5.05
CA VAL F 95 -2.37 23.11 -5.23
C VAL F 95 -0.85 22.92 -5.25
N PRO F 96 -0.35 21.92 -4.50
CA PRO F 96 1.09 21.60 -4.62
C PRO F 96 1.38 21.16 -6.05
N ILE F 97 2.46 21.65 -6.65
CA ILE F 97 2.73 21.31 -8.04
C ILE F 97 3.02 19.85 -8.25
N SER F 98 3.36 19.12 -7.17
CA SER F 98 3.56 17.67 -7.28
C SER F 98 2.27 16.96 -7.69
N SER F 99 1.14 17.61 -7.50
CA SER F 99 -0.16 17.05 -7.88
C SER F 99 -0.61 17.48 -9.27
N LEU F 100 0.22 18.25 -9.98
CA LEU F 100 -0.19 18.80 -11.26
C LEU F 100 0.79 18.50 -12.35
N TRP F 101 0.33 18.39 -13.58
CA TRP F 101 1.25 18.50 -14.72
C TRP F 101 1.77 19.92 -14.79
N VAL F 102 3.06 20.08 -15.02
CA VAL F 102 3.70 21.38 -15.12
C VAL F 102 4.63 21.38 -16.33
N PRO F 103 4.64 22.47 -17.12
CA PRO F 103 5.44 22.42 -18.34
C PRO F 103 6.92 22.28 -18.06
N ASP F 104 7.63 21.52 -18.87
CA ASP F 104 9.02 21.21 -18.61
C ASP F 104 9.91 22.33 -19.18
N LEU F 105 9.71 23.55 -18.71
CA LEU F 105 10.46 24.69 -19.21
C LEU F 105 11.88 24.63 -18.72
N ALA F 106 12.81 25.06 -19.57
CA ALA F 106 14.20 25.21 -19.17
C ALA F 106 14.77 26.50 -19.77
N ALA F 107 15.73 27.08 -19.07
CA ALA F 107 16.45 28.22 -19.58
C ALA F 107 17.69 27.67 -20.30
N TYR F 108 17.70 27.81 -21.61
CA TYR F 108 18.72 27.19 -22.46
C TYR F 108 20.15 27.71 -22.24
N ASN F 109 20.29 28.92 -21.74
CA ASN F 109 21.63 29.46 -21.48
C ASN F 109 21.89 29.60 -19.99
N ALA F 110 21.19 28.81 -19.18
CA ALA F 110 21.46 28.78 -17.74
C ALA F 110 22.73 28.01 -17.45
N ILE F 111 23.49 28.47 -16.46
CA ILE F 111 24.73 27.79 -16.08
C ILE F 111 24.71 27.36 -14.62
N SER F 112 23.56 27.55 -13.97
CA SER F 112 23.37 26.99 -12.65
C SER F 112 21.95 26.44 -12.52
N LYS F 113 21.78 25.51 -11.59
CA LYS F 113 20.48 24.95 -11.29
C LYS F 113 19.57 26.07 -10.86
N PRO F 114 18.30 26.04 -11.28
CA PRO F 114 17.37 27.05 -10.78
C PRO F 114 17.07 26.83 -9.30
N GLU F 115 17.28 27.84 -8.48
CA GLU F 115 17.07 27.78 -7.04
C GLU F 115 15.70 28.41 -6.79
N VAL F 116 14.73 27.57 -6.41
CA VAL F 116 13.38 28.06 -6.13
C VAL F 116 13.28 28.60 -4.71
N LEU F 117 12.77 29.82 -4.57
CA LEU F 117 12.83 30.52 -3.28
C LEU F 117 11.47 30.58 -2.59
N THR F 118 10.44 30.04 -3.24
CA THR F 118 9.08 30.20 -2.79
C THR F 118 8.37 28.84 -2.63
N PRO F 119 7.30 28.80 -1.83
CA PRO F 119 6.48 27.58 -1.72
C PRO F 119 6.01 27.06 -3.06
N GLN F 120 6.24 25.78 -3.33
CA GLN F 120 5.95 25.21 -4.64
C GLN F 120 4.44 24.89 -4.78
N LEU F 121 3.66 25.95 -4.90
CA LEU F 121 2.22 25.86 -5.06
C LEU F 121 1.77 26.60 -6.29
N ALA F 122 0.78 26.05 -6.98
CA ALA F 122 0.17 26.76 -8.10
C ALA F 122 -1.23 27.19 -7.68
N ARG F 123 -1.78 28.16 -8.41
CA ARG F 123 -3.11 28.63 -8.16
C ARG F 123 -3.99 28.12 -9.30
N VAL F 124 -5.04 27.37 -8.97
CA VAL F 124 -5.89 26.77 -9.99
C VAL F 124 -7.30 27.35 -9.92
N VAL F 125 -7.80 27.80 -11.06
CA VAL F 125 -9.15 28.34 -11.17
C VAL F 125 -10.15 27.26 -11.58
N SER F 126 -11.41 27.40 -11.18
CA SER F 126 -12.41 26.37 -11.44
C SER F 126 -12.57 26.00 -12.92
N ASP F 127 -12.19 26.90 -13.82
CA ASP F 127 -12.28 26.60 -15.26
C ASP F 127 -11.06 25.85 -15.79
N GLY F 128 -10.11 25.55 -14.92
CA GLY F 128 -8.95 24.78 -15.31
C GLY F 128 -7.71 25.60 -15.63
N GLU F 129 -7.82 26.91 -15.50
CA GLU F 129 -6.66 27.76 -15.71
C GLU F 129 -5.71 27.63 -14.52
N VAL F 130 -4.43 27.46 -14.83
CA VAL F 130 -3.42 27.31 -13.81
C VAL F 130 -2.40 28.46 -13.86
N LEU F 131 -2.06 28.99 -12.70
CA LEU F 131 -0.98 29.96 -12.59
C LEU F 131 0.06 29.43 -11.62
N TYR F 132 1.28 29.27 -12.12
CA TYR F 132 2.42 28.89 -11.31
C TYR F 132 3.48 29.97 -11.44
N MET F 133 3.94 30.50 -10.31
CA MET F 133 4.88 31.62 -10.33
C MET F 133 5.96 31.51 -9.27
N PRO F 134 6.98 30.65 -9.51
CA PRO F 134 8.03 30.53 -8.52
C PRO F 134 9.00 31.72 -8.59
N SER F 135 9.54 32.11 -7.46
CA SER F 135 10.68 33.01 -7.44
C SER F 135 11.95 32.17 -7.62
N ILE F 136 12.75 32.50 -8.64
CA ILE F 136 13.92 31.72 -9.01
C ILE F 136 15.20 32.58 -8.96
N ARG F 137 16.25 32.02 -8.35
CA ARG F 137 17.59 32.56 -8.46
C ARG F 137 18.36 31.63 -9.36
N GLN F 138 19.04 32.20 -10.36
CA GLN F 138 19.70 31.38 -11.36
C GLN F 138 20.75 32.21 -12.08
N ARG F 139 21.79 31.54 -12.58
CA ARG F 139 22.92 32.19 -13.21
C ARG F 139 22.89 31.93 -14.70
N PHE F 140 23.23 32.94 -15.50
CA PHE F 140 23.13 32.82 -16.94
C PHE F 140 24.39 33.27 -17.66
N SER F 141 24.66 32.64 -18.79
CA SER F 141 25.70 33.08 -19.70
C SER F 141 25.01 33.95 -20.73
N CYS F 142 25.36 35.24 -20.75
CA CYS F 142 24.78 36.17 -21.72
C CYS F 142 25.66 37.41 -21.89
N ASP F 143 25.29 38.28 -22.82
CA ASP F 143 26.11 39.44 -23.12
C ASP F 143 26.03 40.52 -22.05
N VAL F 144 27.11 40.70 -21.31
CA VAL F 144 27.16 41.67 -20.23
C VAL F 144 27.88 42.96 -20.68
N SER F 145 28.40 42.94 -21.90
CA SER F 145 29.19 44.08 -22.40
C SER F 145 28.33 45.33 -22.43
N GLY F 146 28.87 46.42 -21.88
CA GLY F 146 28.17 47.68 -21.90
C GLY F 146 27.39 47.98 -20.63
N VAL F 147 27.53 47.12 -19.62
CA VAL F 147 26.75 47.27 -18.40
C VAL F 147 27.08 48.57 -17.66
N ASP F 148 28.31 49.07 -17.82
CA ASP F 148 28.77 50.30 -17.16
C ASP F 148 28.57 51.56 -17.99
N THR F 149 27.89 51.43 -19.11
CA THR F 149 27.65 52.57 -19.97
C THR F 149 26.19 53.00 -19.85
N GLU F 150 25.83 54.12 -20.46
CA GLU F 150 24.47 54.61 -20.32
C GLU F 150 23.51 53.85 -21.24
N SER F 151 24.04 53.19 -22.26
CA SER F 151 23.22 52.32 -23.12
C SER F 151 22.92 51.00 -22.41
N GLY F 152 23.81 50.59 -21.52
CA GLY F 152 23.63 49.38 -20.74
C GLY F 152 23.89 48.09 -21.51
N ALA F 153 23.73 46.98 -20.82
CA ALA F 153 23.93 45.67 -21.43
C ALA F 153 22.59 45.12 -21.86
N THR F 154 22.61 44.24 -22.84
CA THR F 154 21.40 43.50 -23.19
C THR F 154 21.64 42.00 -23.05
N CYS F 155 21.07 41.44 -21.98
CA CYS F 155 21.22 40.01 -21.68
C CYS F 155 19.98 39.25 -22.13
N ARG F 156 20.17 38.27 -23.01
CA ARG F 156 19.06 37.48 -23.53
C ARG F 156 18.92 36.13 -22.84
N ILE F 157 17.74 35.86 -22.32
CA ILE F 157 17.45 34.59 -21.68
C ILE F 157 16.44 33.79 -22.52
N LYS F 158 16.82 32.56 -22.86
CA LYS F 158 16.00 31.73 -23.72
C LYS F 158 15.28 30.61 -22.95
N ILE F 159 13.96 30.68 -22.92
CA ILE F 159 13.16 29.72 -22.18
C ILE F 159 12.18 29.00 -23.09
N GLY F 160 12.20 27.67 -23.04
CA GLY F 160 11.24 26.84 -23.75
C GLY F 160 11.16 25.43 -23.21
N SER F 161 10.20 24.66 -23.70
CA SER F 161 10.07 23.27 -23.29
C SER F 161 11.33 22.51 -23.64
N TRP F 162 11.81 21.67 -22.73
CA TRP F 162 13.00 20.88 -23.01
C TRP F 162 12.68 19.75 -23.99
N THR F 163 11.52 19.13 -23.88
CA THR F 163 11.26 17.90 -24.62
C THR F 163 9.99 17.91 -25.50
N HIS F 164 9.14 18.90 -25.33
CA HIS F 164 7.88 18.95 -26.08
C HIS F 164 7.94 19.92 -27.25
N HIS F 165 7.73 19.42 -28.47
CA HIS F 165 7.74 20.28 -29.65
C HIS F 165 6.45 21.12 -29.79
N SER F 166 6.37 21.88 -30.90
CA SER F 166 5.37 22.91 -31.07
C SER F 166 3.95 22.40 -31.21
N ARG F 167 3.79 21.12 -31.54
CA ARG F 167 2.45 20.55 -31.60
C ARG F 167 1.98 20.04 -30.23
N GLU F 168 2.88 20.03 -29.25
CA GLU F 168 2.56 19.57 -27.91
C GLU F 168 2.53 20.75 -26.93
N ILE F 169 3.56 21.60 -26.99
CA ILE F 169 3.59 22.83 -26.20
C ILE F 169 3.91 24.02 -27.09
N SER F 170 3.06 25.03 -27.08
CA SER F 170 3.43 26.29 -27.71
C SER F 170 3.65 27.35 -26.63
N VAL F 171 4.66 28.20 -26.82
CA VAL F 171 4.96 29.18 -25.80
C VAL F 171 4.74 30.54 -26.36
N ASP F 172 4.16 31.39 -25.54
CA ASP F 172 3.82 32.69 -26.00
C ASP F 172 4.20 33.83 -25.14
N PRO F 173 4.67 34.88 -25.87
CA PRO F 173 5.38 36.10 -25.51
C PRO F 173 4.45 37.23 -25.20
N THR F 174 4.79 37.89 -24.11
CA THR F 174 4.30 39.20 -23.77
C THR F 174 4.35 40.18 -24.95
N THR F 175 3.60 41.27 -24.84
CA THR F 175 3.81 42.40 -25.74
C THR F 175 4.35 43.55 -24.91
N GLU F 176 4.50 44.72 -25.54
CA GLU F 176 4.88 45.98 -24.88
C GLU F 176 4.05 46.24 -23.62
N ASN F 177 2.82 45.72 -23.60
CA ASN F 177 1.87 46.03 -22.55
C ASN F 177 2.21 45.34 -21.23
N SER F 178 3.10 44.35 -21.31
CA SER F 178 3.61 43.68 -20.13
C SER F 178 4.82 44.41 -19.61
N ASP F 179 4.74 44.89 -18.38
CA ASP F 179 5.88 45.54 -17.75
C ASP F 179 6.60 44.57 -16.82
N ASP F 180 7.59 43.87 -17.36
CA ASP F 180 8.30 42.85 -16.61
C ASP F 180 9.36 43.40 -15.64
N SER F 181 9.33 44.70 -15.36
CA SER F 181 10.27 45.28 -14.40
C SER F 181 9.57 45.94 -13.20
N GLU F 182 8.26 45.79 -13.13
CA GLU F 182 7.43 46.48 -12.14
C GLU F 182 7.62 46.09 -10.66
N TYR F 183 8.41 45.03 -10.38
CA TYR F 183 8.69 44.56 -9.02
C TYR F 183 10.19 44.60 -8.74
N PHE F 184 10.93 45.26 -9.62
CA PHE F 184 12.38 45.29 -9.48
C PHE F 184 12.78 46.04 -8.20
N SER F 185 13.76 45.51 -7.49
CA SER F 185 14.16 46.06 -6.21
C SER F 185 14.82 47.42 -6.42
N GLN F 186 14.40 48.40 -5.62
CA GLN F 186 15.03 49.71 -5.67
C GLN F 186 16.45 49.74 -5.08
N TYR F 187 16.86 48.67 -4.42
CA TYR F 187 18.13 48.68 -3.71
C TYR F 187 19.22 47.99 -4.53
N SER F 188 18.87 47.52 -5.73
CA SER F 188 19.85 46.87 -6.58
C SER F 188 20.95 47.87 -7.01
N ARG F 189 22.16 47.37 -7.22
CA ARG F 189 23.21 48.18 -7.82
C ARG F 189 22.76 48.55 -9.22
N PHE F 190 21.84 47.76 -9.77
CA PHE F 190 21.49 47.89 -11.19
C PHE F 190 20.10 48.46 -11.39
N GLU F 191 19.81 48.86 -12.62
CA GLU F 191 18.48 49.33 -12.97
C GLU F 191 18.10 48.82 -14.36
N ILE F 192 16.80 48.68 -14.58
CA ILE F 192 16.32 48.08 -15.82
C ILE F 192 15.86 49.16 -16.77
N LEU F 193 16.36 49.10 -18.00
CA LEU F 193 16.05 50.13 -18.98
C LEU F 193 14.86 49.63 -19.79
N ASP F 194 14.87 48.34 -20.13
CA ASP F 194 13.79 47.76 -20.91
C ASP F 194 13.80 46.23 -20.85
N VAL F 195 12.63 45.62 -20.99
CA VAL F 195 12.54 44.18 -21.12
C VAL F 195 11.61 43.77 -22.26
N THR F 196 12.13 43.06 -23.25
CA THR F 196 11.31 42.65 -24.40
C THR F 196 11.31 41.13 -24.57
N GLN F 197 10.22 40.55 -25.12
CA GLN F 197 10.19 39.12 -25.45
C GLN F 197 10.07 38.82 -26.95
N LYS F 198 10.86 37.88 -27.46
CA LYS F 198 10.79 37.47 -28.86
C LYS F 198 10.44 35.98 -28.96
N LYS F 199 9.38 35.61 -29.66
CA LYS F 199 9.05 34.19 -29.84
C LYS F 199 9.90 33.58 -30.94
N ASN F 200 10.44 32.40 -30.66
CA ASN F 200 11.19 31.68 -31.70
C ASN F 200 10.70 30.27 -31.92
N SER F 201 10.88 29.78 -33.14
CA SER F 201 10.75 28.36 -33.45
C SER F 201 12.08 27.86 -33.96
N VAL F 202 12.56 26.76 -33.40
CA VAL F 202 13.88 26.26 -33.71
C VAL F 202 13.74 24.79 -34.08
N THR F 203 14.46 24.35 -35.09
CA THR F 203 14.52 22.93 -35.37
C THR F 203 15.87 22.38 -34.95
N TYR F 204 15.84 21.23 -34.26
CA TYR F 204 17.06 20.58 -33.80
C TYR F 204 17.29 19.30 -34.58
N SER F 205 18.56 18.88 -34.65
CA SER F 205 18.97 17.73 -35.47
C SER F 205 18.22 16.45 -35.10
N CYS F 206 17.90 16.29 -33.82
CA CYS F 206 17.28 15.04 -33.34
C CYS F 206 15.92 14.78 -33.94
N CYS F 207 15.16 15.85 -34.14
CA CYS F 207 13.74 15.72 -34.39
C CYS F 207 13.33 16.57 -35.58
N PRO F 208 12.29 16.13 -36.29
CA PRO F 208 11.80 16.88 -37.45
C PRO F 208 10.90 18.05 -37.05
N GLU F 209 10.28 17.95 -35.88
CA GLU F 209 9.38 19.00 -35.41
C GLU F 209 10.13 20.19 -34.84
N ALA F 210 9.48 21.36 -34.88
CA ALA F 210 10.06 22.59 -34.37
C ALA F 210 9.71 22.75 -32.90
N TYR F 211 10.64 23.34 -32.14
CA TYR F 211 10.46 23.61 -30.72
C TYR F 211 10.37 25.11 -30.50
N GLU F 212 9.43 25.53 -29.67
CA GLU F 212 9.23 26.96 -29.45
C GLU F 212 9.93 27.43 -28.20
N ASP F 213 10.39 28.68 -28.21
CA ASP F 213 10.94 29.29 -27.02
C ASP F 213 10.55 30.75 -26.97
N VAL F 214 10.64 31.33 -25.78
CA VAL F 214 10.52 32.74 -25.62
C VAL F 214 11.93 33.25 -25.32
N GLU F 215 12.34 34.30 -26.02
CA GLU F 215 13.61 34.94 -25.77
C GLU F 215 13.37 36.26 -25.08
N VAL F 216 13.84 36.39 -23.86
CA VAL F 216 13.63 37.57 -23.05
C VAL F 216 14.89 38.42 -23.08
N SER F 217 14.80 39.64 -23.60
CA SER F 217 15.94 40.56 -23.63
C SER F 217 15.86 41.51 -22.47
N LEU F 218 16.83 41.41 -21.57
CA LEU F 218 16.88 42.30 -20.42
C LEU F 218 17.94 43.38 -20.65
N ASN F 219 17.48 44.61 -20.88
CA ASN F 219 18.42 45.73 -21.00
CA ASN F 219 18.35 45.80 -21.03
C ASN F 219 18.57 46.47 -19.68
N PHE F 220 19.78 46.46 -19.15
CA PHE F 220 20.00 47.00 -17.81
C PHE F 220 21.38 47.64 -17.73
N ARG F 221 21.63 48.39 -16.66
CA ARG F 221 22.94 49.03 -16.47
C ARG F 221 23.20 49.30 -15.00
N LYS F 222 24.47 49.46 -14.64
CA LYS F 222 24.83 49.92 -13.31
C LYS F 222 24.30 51.34 -13.17
N LYS F 223 23.75 51.67 -12.00
CA LYS F 223 23.27 53.04 -11.76
C LYS F 223 24.42 54.06 -11.72
N GLY F 224 24.08 55.32 -11.44
CA GLY F 224 25.08 56.35 -11.26
C GLY F 224 25.95 56.11 -10.05
N LEU G 20 -4.64 4.17 -28.79
CA LEU G 20 -3.95 4.63 -27.61
C LEU G 20 -3.82 6.14 -27.63
N ASP G 21 -4.03 6.78 -26.47
CA ASP G 21 -3.66 8.17 -26.36
C ASP G 21 -2.40 8.29 -25.49
N ARG G 22 -1.88 9.52 -25.40
CA ARG G 22 -0.71 9.79 -24.59
C ARG G 22 -0.84 9.19 -23.19
N ALA G 23 -1.94 9.52 -22.50
CA ALA G 23 -2.14 9.06 -21.13
C ALA G 23 -2.03 7.54 -20.97
N ASP G 24 -2.54 6.80 -21.95
CA ASP G 24 -2.46 5.34 -21.92
C ASP G 24 -1.03 4.82 -22.11
N ILE G 25 -0.32 5.41 -23.06
CA ILE G 25 1.07 5.04 -23.29
C ILE G 25 1.89 5.27 -22.01
N LEU G 26 1.75 6.45 -21.44
CA LEU G 26 2.52 6.81 -20.24
C LEU G 26 2.11 5.91 -19.07
N TYR G 27 0.82 5.63 -18.97
CA TYR G 27 0.34 4.75 -17.88
C TYR G 27 0.92 3.35 -18.03
N ASN G 28 0.82 2.80 -19.23
CA ASN G 28 1.42 1.51 -19.52
C ASN G 28 2.92 1.45 -19.21
N ILE G 29 3.67 2.48 -19.59
CA ILE G 29 5.09 2.52 -19.32
C ILE G 29 5.35 2.54 -17.82
N ARG G 30 4.64 3.42 -17.10
CA ARG G 30 4.83 3.53 -15.67
C ARG G 30 4.49 2.21 -14.95
N GLN G 31 3.39 1.58 -15.33
CA GLN G 31 2.94 0.37 -14.66
C GLN G 31 3.81 -0.85 -14.91
N THR G 32 4.55 -0.87 -16.02
CA THR G 32 5.35 -2.04 -16.35
C THR G 32 6.84 -1.75 -16.42
N SER G 33 7.22 -0.55 -16.00
CA SER G 33 8.62 -0.14 -16.05
C SER G 33 9.49 -0.94 -15.11
N ARG G 34 10.63 -1.41 -15.63
CA ARG G 34 11.67 -1.97 -14.77
C ARG G 34 12.93 -1.10 -14.95
N PRO G 35 12.95 0.08 -14.32
CA PRO G 35 14.11 1.00 -14.42
C PRO G 35 15.44 0.43 -13.89
N ASP G 36 15.38 -0.65 -13.09
CA ASP G 36 16.56 -1.30 -12.54
CA ASP G 36 16.65 -1.20 -12.61
C ASP G 36 17.12 -2.35 -13.50
N VAL G 37 16.38 -2.62 -14.57
CA VAL G 37 16.72 -3.73 -15.46
C VAL G 37 17.19 -3.32 -16.85
N ILE G 38 18.45 -3.58 -17.15
CA ILE G 38 19.02 -3.25 -18.45
C ILE G 38 18.27 -4.05 -19.52
N PRO G 39 17.82 -3.36 -20.58
CA PRO G 39 16.99 -4.06 -21.57
C PRO G 39 17.80 -4.81 -22.62
N THR G 40 18.64 -5.75 -22.17
CA THR G 40 19.39 -6.60 -23.09
C THR G 40 18.43 -7.63 -23.68
N GLN G 41 18.47 -7.79 -25.01
CA GLN G 41 17.65 -8.81 -25.70
C GLN G 41 18.54 -9.65 -26.62
N ARG G 42 18.41 -10.99 -26.51
CA ARG G 42 19.25 -11.97 -27.22
C ARG G 42 20.70 -11.99 -26.68
N ASP G 43 20.86 -11.59 -25.42
CA ASP G 43 22.18 -11.49 -24.77
C ASP G 43 23.17 -10.53 -25.45
N ARG G 44 22.72 -9.88 -26.51
CA ARG G 44 23.46 -8.79 -27.10
C ARG G 44 23.53 -7.69 -26.05
N PRO G 45 24.63 -6.94 -26.03
CA PRO G 45 24.68 -5.74 -25.19
C PRO G 45 23.65 -4.72 -25.65
N VAL G 46 23.20 -3.84 -24.75
CA VAL G 46 22.50 -2.65 -25.18
C VAL G 46 23.49 -1.68 -25.83
N ALA G 47 23.21 -1.27 -27.06
CA ALA G 47 24.06 -0.32 -27.76
C ALA G 47 23.69 1.11 -27.38
N VAL G 48 24.59 1.80 -26.71
CA VAL G 48 24.34 3.17 -26.29
C VAL G 48 25.19 4.13 -27.10
N SER G 49 24.57 5.15 -27.68
CA SER G 49 25.29 6.22 -28.33
C SER G 49 25.41 7.43 -27.41
N VAL G 50 26.62 7.97 -27.30
CA VAL G 50 26.88 9.11 -26.44
C VAL G 50 27.59 10.18 -27.24
N SER G 51 27.19 11.44 -27.05
CA SER G 51 27.75 12.55 -27.81
C SER G 51 27.63 13.81 -26.96
N LEU G 52 28.74 14.48 -26.73
CA LEU G 52 28.71 15.70 -25.92
C LEU G 52 28.62 16.92 -26.81
N LYS G 53 27.60 17.75 -26.58
CA LYS G 53 27.50 19.03 -27.26
C LYS G 53 27.91 20.10 -26.27
N PHE G 54 29.08 20.70 -26.47
CA PHE G 54 29.55 21.71 -25.56
C PHE G 54 28.79 23.01 -25.73
N ILE G 55 28.38 23.61 -24.62
CA ILE G 55 27.60 24.82 -24.61
C ILE G 55 28.42 25.97 -24.04
N ASN G 56 29.20 25.68 -23.02
CA ASN G 56 30.00 26.73 -22.41
C ASN G 56 31.21 26.21 -21.66
N ILE G 57 32.25 27.03 -21.64
CA ILE G 57 33.42 26.74 -20.84
C ILE G 57 33.58 27.91 -19.88
N LEU G 58 33.35 27.64 -18.60
CA LEU G 58 33.08 28.70 -17.63
C LEU G 58 34.28 29.11 -16.84
N GLU G 59 35.13 28.15 -16.52
CA GLU G 59 36.30 28.42 -15.70
C GLU G 59 37.36 27.45 -16.11
N VAL G 60 38.57 27.96 -16.18
CA VAL G 60 39.70 27.21 -16.66
C VAL G 60 40.84 27.60 -15.76
N ASN G 61 41.63 26.62 -15.33
CA ASN G 61 42.78 26.89 -14.46
C ASN G 61 43.98 26.10 -14.95
N GLU G 62 44.94 26.79 -15.55
CA GLU G 62 46.10 26.11 -16.15
C GLU G 62 47.11 25.64 -15.09
N ILE G 63 47.03 26.21 -13.90
CA ILE G 63 47.89 25.77 -12.79
C ILE G 63 47.40 24.43 -12.21
N THR G 64 46.09 24.31 -11.94
CA THR G 64 45.56 23.10 -11.34
C THR G 64 45.11 22.07 -12.37
N ASN G 65 45.12 22.43 -13.65
CA ASN G 65 44.59 21.58 -14.71
C ASN G 65 43.13 21.15 -14.50
N GLU G 66 42.29 22.12 -14.21
CA GLU G 66 40.88 21.87 -13.98
C GLU G 66 40.06 22.75 -14.89
N VAL G 67 38.90 22.24 -15.30
CA VAL G 67 38.03 22.97 -16.19
C VAL G 67 36.58 22.80 -15.76
N ASP G 68 35.79 23.86 -15.92
CA ASP G 68 34.39 23.84 -15.54
C ASP G 68 33.59 23.98 -16.84
N VAL G 69 32.66 23.07 -17.10
CA VAL G 69 32.09 22.95 -18.43
C VAL G 69 30.58 22.71 -18.39
N VAL G 70 29.85 23.28 -19.35
CA VAL G 70 28.45 22.96 -19.52
C VAL G 70 28.26 22.27 -20.84
N PHE G 71 27.62 21.09 -20.84
CA PHE G 71 27.39 20.35 -22.07
C PHE G 71 26.05 19.63 -22.07
N TRP G 72 25.53 19.38 -23.27
CA TRP G 72 24.32 18.58 -23.46
C TRP G 72 24.76 17.18 -23.80
N GLN G 73 24.40 16.22 -22.97
CA GLN G 73 24.85 14.85 -23.15
C GLN G 73 23.82 14.05 -23.92
N GLN G 74 23.97 14.04 -25.24
CA GLN G 74 23.05 13.32 -26.11
C GLN G 74 23.25 11.83 -25.93
N THR G 75 22.21 11.14 -25.49
CA THR G 75 22.29 9.74 -25.13
C THR G 75 21.13 8.94 -25.72
N THR G 76 21.45 7.94 -26.53
CA THR G 76 20.41 7.17 -27.19
C THR G 76 20.65 5.68 -27.11
N TRP G 77 19.56 4.94 -27.03
CA TRP G 77 19.63 3.51 -26.98
C TRP G 77 18.23 3.00 -27.28
N SER G 78 18.11 1.70 -27.48
CA SER G 78 16.82 1.08 -27.80
C SER G 78 16.33 0.21 -26.65
N ASP G 79 15.08 0.41 -26.25
CA ASP G 79 14.43 -0.41 -25.22
C ASP G 79 13.11 -0.92 -25.79
N ARG G 80 13.13 -2.12 -26.36
CA ARG G 80 11.97 -2.66 -27.04
C ARG G 80 10.79 -2.96 -26.11
N THR G 81 11.04 -3.05 -24.81
CA THR G 81 9.94 -3.27 -23.85
C THR G 81 9.01 -2.04 -23.77
N LEU G 82 9.39 -0.94 -24.43
CA LEU G 82 8.65 0.31 -24.34
C LEU G 82 7.84 0.55 -25.61
N ALA G 83 8.03 -0.29 -26.62
CA ALA G 83 7.39 -0.03 -27.91
C ALA G 83 5.85 -0.19 -27.88
N TRP G 84 5.18 0.55 -28.75
CA TRP G 84 3.71 0.46 -28.89
C TRP G 84 3.29 0.75 -30.35
N ASN G 85 1.99 0.67 -30.68
CA ASN G 85 1.54 0.89 -32.08
C ASN G 85 1.36 2.34 -32.55
N SER G 86 2.09 2.73 -33.58
CA SER G 86 2.08 4.13 -34.05
C SER G 86 0.88 4.54 -34.95
N SER G 87 -0.14 3.70 -35.02
CA SER G 87 -1.36 4.01 -35.77
C SER G 87 -2.47 4.48 -34.83
N HIS G 88 -3.10 5.60 -35.19
CA HIS G 88 -4.09 6.25 -34.33
C HIS G 88 -3.49 6.60 -32.98
N SER G 89 -2.16 6.68 -32.92
CA SER G 89 -1.54 7.03 -31.66
C SER G 89 -0.39 7.99 -31.90
N PRO G 90 -0.02 8.76 -30.87
CA PRO G 90 1.18 9.60 -30.95
C PRO G 90 2.43 8.77 -31.21
N ASP G 91 3.36 9.37 -31.93
CA ASP G 91 4.58 8.69 -32.36
C ASP G 91 5.67 8.72 -31.28
N GLN G 92 5.58 9.71 -30.39
CA GLN G 92 6.55 9.91 -29.33
C GLN G 92 5.91 10.46 -28.07
N VAL G 93 6.48 10.14 -26.92
CA VAL G 93 6.06 10.79 -25.65
C VAL G 93 7.28 11.20 -24.83
N SER G 94 7.06 12.10 -23.88
CA SER G 94 8.08 12.47 -22.92
C SER G 94 7.84 11.71 -21.62
N VAL G 95 8.88 11.02 -21.15
CA VAL G 95 8.77 10.16 -19.97
C VAL G 95 9.79 10.58 -18.91
N PRO G 96 9.35 10.72 -17.65
CA PRO G 96 10.31 10.97 -16.57
C PRO G 96 11.30 9.82 -16.53
N ILE G 97 12.60 10.11 -16.38
CA ILE G 97 13.59 9.02 -16.41
C ILE G 97 13.45 8.05 -15.22
N SER G 98 12.77 8.49 -14.16
CA SER G 98 12.53 7.63 -13.00
C SER G 98 11.64 6.42 -13.37
N SER G 99 10.95 6.51 -14.51
CA SER G 99 10.17 5.40 -15.02
C SER G 99 10.89 4.57 -16.08
N LEU G 100 12.17 4.86 -16.34
CA LEU G 100 12.90 4.17 -17.40
C LEU G 100 14.22 3.63 -16.90
N TRP G 101 14.70 2.55 -17.53
CA TRP G 101 16.10 2.21 -17.35
C TRP G 101 16.92 3.26 -18.10
N VAL G 102 17.99 3.71 -17.47
CA VAL G 102 18.89 4.69 -18.09
C VAL G 102 20.31 4.16 -17.86
N PRO G 103 21.20 4.30 -18.86
CA PRO G 103 22.55 3.75 -18.70
C PRO G 103 23.28 4.46 -17.55
N ASP G 104 24.08 3.72 -16.78
CA ASP G 104 24.79 4.25 -15.64
C ASP G 104 26.13 4.87 -16.10
N LEU G 105 26.06 5.82 -17.01
CA LEU G 105 27.27 6.48 -17.51
C LEU G 105 27.89 7.34 -16.44
N ALA G 106 29.21 7.34 -16.40
CA ALA G 106 29.95 8.26 -15.56
C ALA G 106 31.11 8.87 -16.30
N ALA G 107 31.52 10.07 -15.89
CA ALA G 107 32.70 10.70 -16.45
C ALA G 107 33.84 10.33 -15.54
N TYR G 108 34.77 9.53 -16.05
CA TYR G 108 35.85 8.98 -15.24
C TYR G 108 36.85 9.99 -14.67
N ASN G 109 36.97 11.16 -15.29
CA ASN G 109 37.88 12.18 -14.77
C ASN G 109 37.16 13.41 -14.23
N ALA G 110 35.90 13.23 -13.86
CA ALA G 110 35.13 14.29 -13.22
C ALA G 110 35.62 14.49 -11.80
N ILE G 111 35.65 15.73 -11.34
CA ILE G 111 36.02 16.02 -9.97
C ILE G 111 34.90 16.75 -9.21
N SER G 112 33.74 16.88 -9.85
CA SER G 112 32.56 17.35 -9.14
C SER G 112 31.35 16.54 -9.55
N LYS G 113 30.31 16.58 -8.73
CA LYS G 113 29.04 15.92 -9.03
C LYS G 113 28.48 16.54 -10.29
N PRO G 114 27.89 15.74 -11.17
CA PRO G 114 27.20 16.33 -12.33
C PRO G 114 25.96 17.12 -11.88
N GLU G 115 25.92 18.39 -12.26
CA GLU G 115 24.80 19.27 -11.91
C GLU G 115 23.87 19.31 -13.12
N VAL G 116 22.71 18.67 -13.01
CA VAL G 116 21.75 18.65 -14.10
C VAL G 116 20.90 19.92 -14.12
N LEU G 117 20.85 20.59 -15.25
CA LEU G 117 20.20 21.89 -15.35
C LEU G 117 18.84 21.85 -16.04
N THR G 118 18.41 20.66 -16.46
CA THR G 118 17.22 20.55 -17.28
C THR G 118 16.19 19.59 -16.67
N PRO G 119 14.91 19.69 -17.09
CA PRO G 119 13.92 18.71 -16.60
C PRO G 119 14.37 17.30 -16.92
N GLN G 120 14.29 16.39 -15.96
CA GLN G 120 14.75 15.03 -16.14
C GLN G 120 13.74 14.16 -16.90
N LEU G 121 13.61 14.41 -18.19
CA LEU G 121 12.67 13.69 -19.03
C LEU G 121 13.42 13.12 -20.20
N ALA G 122 13.01 11.94 -20.65
CA ALA G 122 13.51 11.41 -21.90
C ALA G 122 12.42 11.43 -22.95
N ARG G 123 12.83 11.32 -24.21
CA ARG G 123 11.88 11.28 -25.31
C ARG G 123 11.87 9.85 -25.85
N VAL G 124 10.70 9.23 -25.83
CA VAL G 124 10.57 7.85 -26.26
C VAL G 124 9.76 7.73 -27.53
N VAL G 125 10.32 7.06 -28.53
CA VAL G 125 9.64 6.81 -29.81
C VAL G 125 8.89 5.47 -29.78
N SER G 126 7.80 5.36 -30.54
CA SER G 126 6.98 4.13 -30.52
C SER G 126 7.71 2.83 -30.84
N ASP G 127 8.83 2.91 -31.56
CA ASP G 127 9.64 1.70 -31.81
C ASP G 127 10.61 1.37 -30.67
N GLY G 128 10.60 2.15 -29.60
CA GLY G 128 11.41 1.85 -28.43
C GLY G 128 12.72 2.59 -28.36
N GLU G 129 12.96 3.48 -29.31
CA GLU G 129 14.17 4.29 -29.27
C GLU G 129 14.00 5.37 -28.21
N VAL G 130 15.02 5.53 -27.40
CA VAL G 130 14.97 6.51 -26.33
C VAL G 130 16.05 7.57 -26.55
N LEU G 131 15.70 8.84 -26.33
CA LEU G 131 16.67 9.91 -26.34
C LEU G 131 16.56 10.60 -25.01
N TYR G 132 17.70 10.66 -24.32
CA TYR G 132 17.83 11.39 -23.07
C TYR G 132 18.99 12.37 -23.26
N MET G 133 18.78 13.65 -22.95
CA MET G 133 19.78 14.68 -23.22
C MET G 133 19.77 15.77 -22.17
N PRO G 134 20.33 15.47 -21.00
CA PRO G 134 20.39 16.48 -19.93
C PRO G 134 21.45 17.52 -20.20
N SER G 135 21.20 18.74 -19.76
CA SER G 135 22.24 19.73 -19.74
C SER G 135 23.00 19.57 -18.43
N ILE G 136 24.31 19.43 -18.51
CA ILE G 136 25.13 19.17 -17.34
C ILE G 136 26.24 20.19 -17.13
N ARG G 137 26.35 20.71 -15.92
CA ARG G 137 27.53 21.46 -15.56
C ARG G 137 28.38 20.58 -14.66
N GLN G 138 29.66 20.45 -14.99
CA GLN G 138 30.53 19.57 -14.23
C GLN G 138 31.99 20.02 -14.39
N ARG G 139 32.82 19.67 -13.40
CA ARG G 139 34.21 20.08 -13.37
C ARG G 139 35.09 18.85 -13.67
N PHE G 140 36.14 19.06 -14.47
CA PHE G 140 36.99 17.95 -14.89
C PHE G 140 38.47 18.19 -14.63
N SER G 141 39.19 17.11 -14.37
CA SER G 141 40.65 17.17 -14.31
C SER G 141 41.15 16.72 -15.67
N CYS G 142 41.83 17.62 -16.37
CA CYS G 142 42.31 17.36 -17.72
C CYS G 142 43.38 18.36 -18.13
N ASP G 143 43.99 18.14 -19.29
CA ASP G 143 45.14 18.96 -19.70
C ASP G 143 44.74 20.33 -20.21
N VAL G 144 45.03 21.35 -19.42
CA VAL G 144 44.63 22.71 -19.76
C VAL G 144 45.82 23.47 -20.38
N SER G 145 46.96 22.81 -20.46
CA SER G 145 48.17 23.47 -20.95
C SER G 145 48.01 23.92 -22.39
N GLY G 146 48.33 25.19 -22.62
CA GLY G 146 48.27 25.74 -23.98
C GLY G 146 46.98 26.47 -24.29
N VAL G 147 46.15 26.68 -23.27
CA VAL G 147 44.86 27.31 -23.48
C VAL G 147 44.99 28.74 -24.03
N ASP G 148 46.10 29.40 -23.70
CA ASP G 148 46.33 30.81 -24.06
C ASP G 148 47.15 30.94 -25.34
N THR G 149 47.37 29.82 -26.01
CA THR G 149 48.12 29.84 -27.25
C THR G 149 47.19 29.62 -28.45
N GLU G 150 47.79 29.67 -29.65
CA GLU G 150 47.04 29.59 -30.89
C GLU G 150 46.55 28.17 -31.08
N SER G 151 47.36 27.24 -30.61
CA SER G 151 47.07 25.82 -30.77
C SER G 151 46.00 25.37 -29.78
N GLY G 152 45.91 26.08 -28.66
CA GLY G 152 44.90 25.81 -27.66
C GLY G 152 45.20 24.59 -26.82
N ALA G 153 44.32 24.31 -25.87
CA ALA G 153 44.44 23.14 -25.02
C ALA G 153 43.62 21.99 -25.58
N THR G 154 44.00 20.78 -25.23
CA THR G 154 43.17 19.63 -25.56
C THR G 154 42.79 18.85 -24.29
N CYS G 155 41.53 19.01 -23.90
CA CYS G 155 41.02 18.41 -22.67
C CYS G 155 40.23 17.16 -23.02
N ARG G 156 40.64 16.04 -22.45
CA ARG G 156 39.97 14.78 -22.75
C ARG G 156 38.98 14.36 -21.66
N ILE G 157 37.75 14.11 -22.06
CA ILE G 157 36.74 13.64 -21.13
C ILE G 157 36.36 12.19 -21.43
N LYS G 158 36.45 11.35 -20.41
CA LYS G 158 36.19 9.91 -20.57
C LYS G 158 34.82 9.50 -19.98
N ILE G 159 33.93 9.03 -20.85
CA ILE G 159 32.61 8.65 -20.41
C ILE G 159 32.28 7.22 -20.77
N GLY G 160 31.85 6.45 -19.77
CA GLY G 160 31.45 5.07 -19.99
C GLY G 160 30.60 4.53 -18.84
N SER G 161 30.06 3.33 -19.02
CA SER G 161 29.25 2.71 -17.98
C SER G 161 30.11 2.51 -16.75
N TRP G 162 29.58 2.79 -15.56
CA TRP G 162 30.34 2.55 -14.34
C TRP G 162 30.43 1.05 -14.02
N THR G 163 29.36 0.29 -14.29
CA THR G 163 29.30 -1.09 -13.78
C THR G 163 29.00 -2.18 -14.79
N HIS G 164 28.64 -1.79 -16.01
CA HIS G 164 28.32 -2.75 -17.06
C HIS G 164 29.45 -2.91 -18.09
N HIS G 165 29.94 -4.13 -18.23
CA HIS G 165 30.99 -4.41 -19.22
C HIS G 165 30.45 -4.50 -20.64
N SER G 166 31.35 -4.79 -21.58
CA SER G 166 31.09 -4.66 -23.01
C SER G 166 30.05 -5.62 -23.54
N ARG G 167 29.76 -6.67 -22.79
CA ARG G 167 28.73 -7.59 -23.26
C ARG G 167 27.37 -7.26 -22.64
N GLU G 168 27.34 -6.17 -21.88
CA GLU G 168 26.06 -5.66 -21.36
C GLU G 168 25.73 -4.28 -21.93
N ILE G 169 26.73 -3.39 -21.96
CA ILE G 169 26.59 -2.09 -22.59
C ILE G 169 27.78 -1.86 -23.48
N SER G 170 27.52 -1.52 -24.75
CA SER G 170 28.56 -1.01 -25.63
C SER G 170 28.31 0.48 -25.86
N VAL G 171 29.36 1.28 -25.89
CA VAL G 171 29.20 2.70 -26.16
C VAL G 171 29.86 3.08 -27.47
N ASP G 172 29.21 3.96 -28.20
CA ASP G 172 29.73 4.39 -29.49
C ASP G 172 29.46 5.87 -29.63
N PRO G 173 30.40 6.61 -30.23
CA PRO G 173 30.03 8.00 -30.54
C PRO G 173 28.93 8.02 -31.59
N THR G 174 28.16 9.11 -31.55
CA THR G 174 27.09 9.36 -32.51
C THR G 174 27.70 10.02 -33.74
N ASP G 179 28.92 20.26 -36.89
CA ASP G 179 29.18 21.60 -36.39
C ASP G 179 29.56 21.54 -34.91
N ASP G 180 30.86 21.66 -34.64
CA ASP G 180 31.38 21.42 -33.29
C ASP G 180 31.14 22.56 -32.31
N SER G 181 30.64 23.69 -32.80
CA SER G 181 30.28 24.79 -31.92
C SER G 181 28.82 25.08 -32.15
N GLU G 182 28.11 24.11 -32.72
CA GLU G 182 26.73 24.30 -33.16
C GLU G 182 25.91 25.01 -32.08
N TYR G 183 26.11 24.61 -30.82
CA TYR G 183 25.34 25.23 -29.76
C TYR G 183 26.25 25.96 -28.77
N PHE G 184 27.54 26.04 -29.06
CA PHE G 184 28.45 26.70 -28.14
C PHE G 184 28.10 28.18 -28.04
N SER G 185 28.08 28.68 -26.82
CA SER G 185 27.75 30.08 -26.56
C SER G 185 28.76 31.05 -27.20
N GLN G 186 28.25 32.05 -27.88
CA GLN G 186 29.11 33.07 -28.49
C GLN G 186 29.69 34.03 -27.45
N TYR G 187 29.19 33.96 -26.22
CA TYR G 187 29.60 34.89 -25.19
C TYR G 187 30.67 34.33 -24.23
N SER G 188 31.10 33.09 -24.49
CA SER G 188 32.16 32.48 -23.71
C SER G 188 33.48 33.22 -23.90
N ARG G 189 34.33 33.21 -22.88
CA ARG G 189 35.71 33.71 -23.00
C ARG G 189 36.48 32.80 -23.95
N PHE G 190 35.94 31.62 -24.22
CA PHE G 190 36.69 30.62 -24.97
C PHE G 190 36.01 30.27 -26.27
N GLU G 191 36.73 29.58 -27.13
CA GLU G 191 36.19 29.15 -28.41
C GLU G 191 36.70 27.74 -28.70
N ILE G 192 35.92 26.99 -29.46
CA ILE G 192 36.25 25.61 -29.71
C ILE G 192 36.91 25.49 -31.06
N LEU G 193 38.05 24.79 -31.08
CA LEU G 193 38.78 24.59 -32.32
C LEU G 193 38.35 23.29 -32.96
N ASP G 194 38.17 22.25 -32.13
CA ASP G 194 37.80 20.95 -32.64
C ASP G 194 37.32 20.04 -31.52
N VAL G 195 36.41 19.13 -31.86
CA VAL G 195 35.96 18.11 -30.92
C VAL G 195 36.03 16.76 -31.61
N THR G 196 36.82 15.84 -31.05
CA THR G 196 36.85 14.49 -31.59
C THR G 196 36.42 13.49 -30.52
N GLN G 197 35.69 12.47 -30.96
CA GLN G 197 35.10 11.50 -30.04
C GLN G 197 35.46 10.10 -30.45
N LYS G 198 36.27 9.45 -29.62
CA LYS G 198 36.85 8.16 -29.93
C LYS G 198 36.29 7.06 -28.98
N LYS G 199 36.47 5.80 -29.33
CA LYS G 199 35.95 4.67 -28.55
C LYS G 199 37.11 3.82 -28.00
N ASN G 200 37.07 3.48 -26.70
CA ASN G 200 38.09 2.62 -26.06
C ASN G 200 37.51 1.39 -25.37
N SER G 201 38.32 0.33 -25.26
CA SER G 201 37.99 -0.79 -24.39
C SER G 201 39.10 -0.87 -23.38
N VAL G 202 38.73 -0.98 -22.11
CA VAL G 202 39.68 -1.04 -21.03
C VAL G 202 39.39 -2.24 -20.16
N THR G 203 40.43 -2.94 -19.71
CA THR G 203 40.19 -4.00 -18.73
C THR G 203 40.67 -3.54 -17.36
N TYR G 204 39.88 -3.82 -16.33
CA TYR G 204 40.26 -3.46 -14.96
C TYR G 204 40.56 -4.72 -14.16
N SER G 205 41.34 -4.57 -13.10
CA SER G 205 41.77 -5.69 -12.27
C SER G 205 40.62 -6.52 -11.67
N CYS G 206 39.52 -5.86 -11.33
CA CYS G 206 38.38 -6.51 -10.69
C CYS G 206 37.75 -7.61 -11.54
N CYS G 207 37.69 -7.37 -12.84
CA CYS G 207 36.85 -8.19 -13.70
C CYS G 207 37.64 -8.65 -14.91
N PRO G 208 37.30 -9.83 -15.44
CA PRO G 208 37.95 -10.31 -16.66
C PRO G 208 37.45 -9.54 -17.90
N GLU G 209 36.31 -8.86 -17.78
CA GLU G 209 35.65 -8.31 -18.95
C GLU G 209 36.17 -6.92 -19.31
N ALA G 210 35.97 -6.57 -20.56
CA ALA G 210 36.36 -5.27 -20.99
C ALA G 210 35.21 -4.29 -20.81
N TYR G 211 35.56 -3.07 -20.42
CA TYR G 211 34.59 -1.99 -20.26
C TYR G 211 34.80 -0.93 -21.35
N GLU G 212 33.71 -0.51 -21.97
CA GLU G 212 33.83 0.44 -23.07
C GLU G 212 33.63 1.87 -22.60
N ASP G 213 34.34 2.80 -23.23
CA ASP G 213 34.13 4.21 -22.97
C ASP G 213 34.25 5.02 -24.26
N VAL G 214 33.71 6.23 -24.23
CA VAL G 214 33.96 7.17 -25.29
C VAL G 214 34.87 8.24 -24.73
N GLU G 215 35.92 8.57 -25.47
CA GLU G 215 36.87 9.59 -25.03
C GLU G 215 36.67 10.80 -25.92
N VAL G 216 36.29 11.92 -25.31
CA VAL G 216 35.94 13.12 -26.05
C VAL G 216 37.06 14.14 -25.90
N SER G 217 37.71 14.49 -27.00
CA SER G 217 38.81 15.44 -26.96
C SER G 217 38.32 16.82 -27.35
N LEU G 218 38.32 17.71 -26.38
CA LEU G 218 37.89 19.07 -26.61
C LEU G 218 39.09 19.99 -26.81
N ASN G 219 39.33 20.41 -28.06
CA ASN G 219 40.42 21.36 -28.38
C ASN G 219 39.88 22.79 -28.39
N PHE G 220 40.34 23.62 -27.44
CA PHE G 220 39.76 24.94 -27.26
C PHE G 220 40.85 25.92 -26.84
N ARG G 221 40.55 27.21 -26.91
CA ARG G 221 41.51 28.24 -26.51
C ARG G 221 40.79 29.52 -26.09
N LYS G 222 41.50 30.34 -25.33
CA LYS G 222 41.03 31.67 -24.96
C LYS G 222 40.83 32.52 -26.22
N LYS G 223 39.78 33.34 -26.25
CA LYS G 223 39.50 34.21 -27.41
C LYS G 223 40.60 35.25 -27.65
N GLY G 224 40.49 35.95 -28.77
CA GLY G 224 41.46 36.98 -29.13
C GLY G 224 41.55 38.08 -28.10
N LEU H 20 16.69 -18.38 -14.56
CA LEU H 20 16.51 -17.01 -14.11
C LEU H 20 17.08 -16.04 -15.11
N ASP H 21 16.39 -14.93 -15.34
CA ASP H 21 17.01 -13.86 -16.10
C ASP H 21 17.31 -12.65 -15.19
N ARG H 22 17.91 -11.60 -15.75
CA ARG H 22 18.36 -10.43 -15.01
C ARG H 22 17.24 -9.85 -14.20
N ALA H 23 16.10 -9.70 -14.89
CA ALA H 23 14.91 -9.10 -14.31
C ALA H 23 14.41 -9.86 -13.09
N ASP H 24 14.45 -11.20 -13.15
CA ASP H 24 14.04 -12.04 -12.02
C ASP H 24 14.96 -11.86 -10.81
N ILE H 25 16.26 -11.94 -11.06
CA ILE H 25 17.26 -11.81 -10.02
C ILE H 25 17.09 -10.46 -9.29
N LEU H 26 16.95 -9.40 -10.07
CA LEU H 26 16.79 -8.08 -9.50
C LEU H 26 15.45 -7.93 -8.76
N TYR H 27 14.39 -8.49 -9.33
CA TYR H 27 13.10 -8.52 -8.65
C TYR H 27 13.21 -9.26 -7.30
N ASN H 28 13.77 -10.47 -7.32
CA ASN H 28 13.92 -11.27 -6.09
C ASN H 28 14.71 -10.52 -5.03
N ILE H 29 15.79 -9.86 -5.44
CA ILE H 29 16.61 -9.10 -4.50
C ILE H 29 15.80 -7.95 -3.91
N ARG H 30 15.08 -7.25 -4.78
CA ARG H 30 14.33 -6.08 -4.30
C ARG H 30 13.22 -6.52 -3.34
N GLN H 31 12.49 -7.57 -3.71
CA GLN H 31 11.38 -8.05 -2.90
C GLN H 31 11.79 -8.64 -1.53
N THR H 32 13.00 -9.18 -1.41
CA THR H 32 13.40 -9.80 -0.16
C THR H 32 14.58 -9.08 0.54
N SER H 33 14.94 -7.91 0.02
CA SER H 33 16.06 -7.14 0.56
C SER H 33 15.81 -6.66 1.97
N ARG H 34 16.77 -6.86 2.86
CA ARG H 34 16.76 -6.21 4.17
C ARG H 34 17.98 -5.31 4.29
N PRO H 35 17.93 -4.13 3.66
CA PRO H 35 19.07 -3.20 3.68
C PRO H 35 19.45 -2.67 5.07
N ASP H 36 18.56 -2.84 6.04
CA ASP H 36 18.80 -2.41 7.40
C ASP H 36 19.48 -3.51 8.23
N VAL H 37 19.64 -4.69 7.63
CA VAL H 37 20.11 -5.83 8.38
C VAL H 37 21.46 -6.35 7.95
N ILE H 38 22.44 -6.21 8.84
CA ILE H 38 23.78 -6.67 8.54
C ILE H 38 23.74 -8.18 8.35
N PRO H 39 24.34 -8.68 7.25
CA PRO H 39 24.22 -10.11 6.95
C PRO H 39 25.23 -10.95 7.71
N THR H 40 25.20 -10.88 9.03
CA THR H 40 26.05 -11.75 9.84
C THR H 40 25.52 -13.17 9.77
N GLN H 41 26.42 -14.06 9.37
CA GLN H 41 26.17 -15.49 9.32
C GLN H 41 26.74 -16.13 10.58
N ARG H 42 25.89 -16.81 11.34
CA ARG H 42 26.22 -17.35 12.67
C ARG H 42 26.48 -16.20 13.63
N ASP H 43 27.57 -16.29 14.39
CA ASP H 43 28.00 -15.15 15.22
C ASP H 43 29.38 -14.66 14.77
N ARG H 44 29.68 -14.88 13.50
CA ARG H 44 30.88 -14.34 12.89
C ARG H 44 30.58 -12.99 12.23
N PRO H 45 31.48 -12.03 12.41
CA PRO H 45 31.35 -10.69 11.81
C PRO H 45 31.32 -10.77 10.29
N VAL H 46 30.73 -9.76 9.67
CA VAL H 46 30.84 -9.61 8.22
C VAL H 46 32.24 -9.07 7.92
N ALA H 47 33.00 -9.80 7.11
CA ALA H 47 34.33 -9.34 6.76
C ALA H 47 34.28 -8.35 5.59
N VAL H 48 34.61 -7.10 5.87
CA VAL H 48 34.60 -6.07 4.85
C VAL H 48 36.02 -5.70 4.44
N SER H 49 36.30 -5.73 3.14
CA SER H 49 37.56 -5.24 2.61
C SER H 49 37.39 -3.84 2.08
N VAL H 50 38.31 -2.97 2.46
CA VAL H 50 38.30 -1.58 2.05
C VAL H 50 39.63 -1.20 1.46
N SER H 51 39.61 -0.47 0.35
CA SER H 51 40.83 -0.10 -0.34
C SER H 51 40.60 1.21 -1.08
N LEU H 52 41.43 2.21 -0.80
CA LEU H 52 41.24 3.51 -1.46
C LEU H 52 42.14 3.66 -2.68
N LYS H 53 41.55 3.91 -3.83
CA LYS H 53 42.32 4.16 -5.04
C LYS H 53 42.30 5.66 -5.29
N PHE H 54 43.41 6.32 -5.05
CA PHE H 54 43.45 7.77 -5.21
C PHE H 54 43.47 8.18 -6.66
N ILE H 55 42.61 9.13 -7.02
CA ILE H 55 42.46 9.58 -8.40
C ILE H 55 43.03 10.98 -8.55
N ASN H 56 42.83 11.81 -7.53
CA ASN H 56 43.27 13.18 -7.62
C ASN H 56 43.41 13.83 -6.26
N ILE H 57 44.34 14.77 -6.18
CA ILE H 57 44.53 15.60 -5.02
C ILE H 57 44.37 17.04 -5.51
N LEU H 58 43.32 17.71 -5.05
CA LEU H 58 42.81 18.90 -5.73
C LEU H 58 43.20 20.17 -5.03
N GLU H 59 43.22 20.11 -3.71
CA GLU H 59 43.59 21.28 -2.94
C GLU H 59 44.31 20.82 -1.70
N VAL H 60 45.35 21.55 -1.36
CA VAL H 60 46.21 21.20 -0.26
C VAL H 60 46.50 22.50 0.45
N ASN H 61 46.46 22.49 1.78
CA ASN H 61 46.75 23.70 2.54
C ASN H 61 47.64 23.34 3.72
N GLU H 62 48.91 23.75 3.67
CA GLU H 62 49.89 23.35 4.68
C GLU H 62 49.74 24.17 5.95
N ILE H 63 49.07 25.32 5.83
CA ILE H 63 48.80 26.13 7.00
C ILE H 63 47.67 25.55 7.84
N THR H 64 46.57 25.16 7.18
CA THR H 64 45.43 24.61 7.91
C THR H 64 45.47 23.09 8.08
N ASN H 65 46.42 22.44 7.42
CA ASN H 65 46.51 20.97 7.44
C ASN H 65 45.22 20.32 6.92
N GLU H 66 44.77 20.76 5.77
CA GLU H 66 43.58 20.20 5.16
C GLU H 66 43.88 19.84 3.75
N VAL H 67 43.23 18.80 3.26
CA VAL H 67 43.45 18.30 1.91
C VAL H 67 42.11 17.91 1.29
N ASP H 68 41.98 18.13 0.00
CA ASP H 68 40.77 17.82 -0.75
C ASP H 68 41.15 16.72 -1.72
N VAL H 69 40.40 15.63 -1.72
CA VAL H 69 40.85 14.42 -2.40
C VAL H 69 39.72 13.70 -3.15
N VAL H 70 40.04 13.16 -4.33
CA VAL H 70 39.11 12.28 -5.02
C VAL H 70 39.63 10.85 -5.04
N PHE H 71 38.82 9.90 -4.58
CA PHE H 71 39.23 8.51 -4.55
C PHE H 71 38.10 7.55 -4.85
N TRP H 72 38.46 6.38 -5.34
CA TRP H 72 37.51 5.30 -5.56
C TRP H 72 37.60 4.37 -4.37
N GLN H 73 36.51 4.26 -3.61
CA GLN H 73 36.52 3.44 -2.41
C GLN H 73 36.09 2.02 -2.73
N GLN H 74 37.06 1.14 -2.96
CA GLN H 74 36.77 -0.23 -3.30
C GLN H 74 36.33 -0.97 -2.05
N THR H 75 35.10 -1.48 -2.05
CA THR H 75 34.49 -2.07 -0.87
C THR H 75 33.86 -3.40 -1.22
N THR H 76 34.29 -4.46 -0.55
CA THR H 76 33.75 -5.79 -0.82
C THR H 76 33.40 -6.53 0.45
N TRP H 77 32.36 -7.35 0.36
CA TRP H 77 31.91 -8.19 1.46
C TRP H 77 30.98 -9.24 0.88
N SER H 78 30.67 -10.23 1.68
CA SER H 78 29.80 -11.30 1.25
C SER H 78 28.43 -11.20 1.91
N ASP H 79 27.37 -11.32 1.13
CA ASP H 79 26.00 -11.38 1.64
C ASP H 79 25.29 -12.59 1.03
N ARG H 80 25.31 -13.70 1.74
CA ARG H 80 24.78 -14.95 1.21
C ARG H 80 23.27 -14.94 0.97
N THR H 81 22.55 -14.00 1.59
CA THR H 81 21.12 -13.87 1.33
C THR H 81 20.82 -13.39 -0.09
N LEU H 82 21.85 -13.02 -0.84
CA LEU H 82 21.66 -12.53 -2.20
C LEU H 82 22.01 -13.57 -3.25
N ALA H 83 22.60 -14.69 -2.85
CA ALA H 83 23.08 -15.68 -3.79
C ALA H 83 21.93 -16.29 -4.64
N TRP H 84 22.26 -16.75 -5.84
CA TRP H 84 21.31 -17.48 -6.67
C TRP H 84 22.04 -18.54 -7.49
N ASN H 85 21.29 -19.50 -8.00
CA ASN H 85 21.82 -20.55 -8.86
C ASN H 85 22.25 -19.97 -10.21
N SER H 86 23.54 -20.05 -10.49
CA SER H 86 24.10 -19.38 -11.66
C SER H 86 23.83 -20.12 -12.97
N SER H 87 23.18 -21.28 -12.89
CA SER H 87 22.79 -22.01 -14.10
C SER H 87 21.48 -21.47 -14.70
N HIS H 88 21.47 -21.32 -16.02
CA HIS H 88 20.41 -20.65 -16.75
C HIS H 88 20.21 -19.26 -16.22
N SER H 89 21.29 -18.59 -15.84
CA SER H 89 21.22 -17.26 -15.24
C SER H 89 22.47 -16.42 -15.50
N PRO H 90 22.32 -15.08 -15.49
CA PRO H 90 23.50 -14.22 -15.46
C PRO H 90 24.37 -14.51 -14.24
N ASP H 91 25.64 -14.16 -14.35
CA ASP H 91 26.63 -14.46 -13.36
C ASP H 91 26.67 -13.38 -12.31
N GLN H 92 26.38 -12.16 -12.76
CA GLN H 92 26.48 -10.96 -11.94
C GLN H 92 25.40 -10.00 -12.38
N VAL H 93 24.94 -9.14 -11.48
CA VAL H 93 24.03 -8.07 -11.83
C VAL H 93 24.47 -6.78 -11.15
N SER H 94 23.98 -5.65 -11.65
CA SER H 94 24.16 -4.35 -11.00
C SER H 94 22.90 -4.01 -10.20
N VAL H 95 23.08 -3.70 -8.93
CA VAL H 95 21.96 -3.46 -8.02
C VAL H 95 22.07 -2.08 -7.39
N PRO H 96 20.98 -1.30 -7.39
CA PRO H 96 21.01 -0.03 -6.65
C PRO H 96 21.27 -0.32 -5.16
N ILE H 97 22.14 0.43 -4.51
CA ILE H 97 22.51 0.13 -3.12
C ILE H 97 21.36 0.29 -2.17
N SER H 98 20.33 1.03 -2.58
CA SER H 98 19.15 1.20 -1.74
C SER H 98 18.43 -0.12 -1.52
N SER H 99 18.72 -1.11 -2.36
CA SER H 99 18.15 -2.45 -2.18
C SER H 99 19.09 -3.38 -1.41
N LEU H 100 20.21 -2.89 -0.89
CA LEU H 100 21.20 -3.77 -0.28
C LEU H 100 21.62 -3.25 1.06
N TRP H 101 22.02 -4.15 1.95
CA TRP H 101 22.77 -3.71 3.11
C TRP H 101 24.14 -3.29 2.64
N VAL H 102 24.61 -2.16 3.15
CA VAL H 102 25.93 -1.64 2.84
C VAL H 102 26.58 -1.25 4.16
N PRO H 103 27.88 -1.55 4.33
CA PRO H 103 28.55 -1.23 5.60
C PRO H 103 28.58 0.27 5.89
N ASP H 104 28.38 0.65 7.14
CA ASP H 104 28.24 2.04 7.53
C ASP H 104 29.62 2.66 7.74
N LEU H 105 30.47 2.56 6.72
CA LEU H 105 31.82 3.10 6.81
C LEU H 105 31.83 4.62 6.93
N ALA H 106 32.73 5.14 7.76
CA ALA H 106 32.96 6.57 7.83
C ALA H 106 34.46 6.91 7.88
N ALA H 107 34.83 8.05 7.33
CA ALA H 107 36.20 8.53 7.45
C ALA H 107 36.25 9.37 8.73
N TYR H 108 36.94 8.86 9.74
CA TYR H 108 36.98 9.51 11.06
C TYR H 108 37.60 10.92 11.11
N ASN H 109 38.48 11.24 10.16
CA ASN H 109 39.07 12.58 10.13
C ASN H 109 38.59 13.44 8.95
N ALA H 110 37.43 13.09 8.41
CA ALA H 110 36.81 13.89 7.37
C ALA H 110 36.25 15.18 7.93
N ILE H 111 36.34 16.26 7.16
CA ILE H 111 35.78 17.53 7.60
C ILE H 111 34.77 18.08 6.58
N SER H 112 34.44 17.28 5.58
CA SER H 112 33.30 17.58 4.71
C SER H 112 32.49 16.32 4.42
N LYS H 113 31.25 16.51 4.00
CA LYS H 113 30.37 15.41 3.61
C LYS H 113 31.00 14.70 2.42
N PRO H 114 30.95 13.38 2.40
CA PRO H 114 31.42 12.69 1.20
C PRO H 114 30.52 13.02 -0.01
N GLU H 115 31.12 13.49 -1.09
CA GLU H 115 30.40 13.86 -2.30
C GLU H 115 30.59 12.70 -3.28
N VAL H 116 29.52 11.93 -3.51
CA VAL H 116 29.59 10.78 -4.39
C VAL H 116 29.40 11.20 -5.84
N LEU H 117 30.33 10.81 -6.70
CA LEU H 117 30.36 11.30 -8.07
C LEU H 117 29.87 10.28 -9.09
N THR H 118 29.51 9.10 -8.63
CA THR H 118 29.19 8.01 -9.54
C THR H 118 27.82 7.43 -9.27
N PRO H 119 27.26 6.70 -10.25
CA PRO H 119 25.96 6.06 -10.02
C PRO H 119 26.01 5.12 -8.82
N GLN H 120 25.02 5.21 -7.94
CA GLN H 120 25.04 4.45 -6.70
C GLN H 120 24.58 3.01 -6.91
N LEU H 121 25.43 2.24 -7.59
CA LEU H 121 25.13 0.85 -7.92
C LEU H 121 26.24 -0.06 -7.42
N ALA H 122 25.86 -1.23 -6.92
CA ALA H 122 26.86 -2.23 -6.55
C ALA H 122 26.81 -3.37 -7.55
N ARG H 123 27.89 -4.13 -7.62
CA ARG H 123 27.95 -5.27 -8.51
C ARG H 123 27.87 -6.52 -7.64
N VAL H 124 26.89 -7.38 -7.92
CA VAL H 124 26.63 -8.55 -7.09
C VAL H 124 26.84 -9.83 -7.87
N VAL H 125 27.70 -10.71 -7.35
CA VAL H 125 27.98 -11.99 -7.98
C VAL H 125 26.99 -13.04 -7.46
N SER H 126 26.73 -14.08 -8.26
CA SER H 126 25.76 -15.11 -7.88
C SER H 126 26.06 -15.84 -6.56
N ASP H 127 27.31 -15.83 -6.12
CA ASP H 127 27.66 -16.47 -4.83
C ASP H 127 27.44 -15.54 -3.63
N GLY H 128 26.94 -14.34 -3.88
CA GLY H 128 26.66 -13.38 -2.82
C GLY H 128 27.76 -12.37 -2.58
N GLU H 129 28.79 -12.40 -3.41
CA GLU H 129 29.84 -11.41 -3.27
C GLU H 129 29.40 -10.05 -3.80
N VAL H 130 29.65 -9.01 -3.02
CA VAL H 130 29.25 -7.67 -3.42
C VAL H 130 30.47 -6.77 -3.60
N LEU H 131 30.47 -6.00 -4.67
CA LEU H 131 31.49 -4.98 -4.85
C LEU H 131 30.79 -3.65 -5.03
N TYR H 132 31.15 -2.68 -4.20
CA TYR H 132 30.59 -1.34 -4.26
C TYR H 132 31.79 -0.41 -4.29
N MET H 133 31.84 0.49 -5.27
CA MET H 133 33.01 1.31 -5.48
C MET H 133 32.66 2.71 -5.95
N PRO H 134 32.18 3.56 -5.01
CA PRO H 134 31.82 4.92 -5.39
C PRO H 134 33.06 5.76 -5.58
N SER H 135 33.00 6.72 -6.50
CA SER H 135 34.02 7.75 -6.55
C SER H 135 33.61 8.86 -5.62
N ILE H 136 34.51 9.22 -4.71
CA ILE H 136 34.17 10.17 -3.66
C ILE H 136 35.13 11.36 -3.67
N ARG H 137 34.58 12.57 -3.57
CA ARG H 137 35.38 13.74 -3.26
C ARG H 137 35.11 14.17 -1.82
N GLN H 138 36.16 14.37 -1.05
CA GLN H 138 35.97 14.66 0.36
C GLN H 138 37.18 15.37 0.90
N ARG H 139 36.98 16.18 1.92
CA ARG H 139 38.05 16.96 2.52
C ARG H 139 38.48 16.35 3.85
N PHE H 140 39.77 16.35 4.11
CA PHE H 140 40.29 15.72 5.33
C PHE H 140 41.19 16.64 6.12
N SER H 141 41.23 16.40 7.44
CA SER H 141 42.19 17.03 8.31
C SER H 141 43.31 16.02 8.51
N CYS H 142 44.50 16.36 8.02
CA CYS H 142 45.64 15.47 8.16
C CYS H 142 46.97 16.20 8.00
N ASP H 143 48.08 15.49 8.21
CA ASP H 143 49.37 16.14 8.20
C ASP H 143 49.83 16.46 6.78
N VAL H 144 49.87 17.76 6.46
CA VAL H 144 50.22 18.22 5.12
C VAL H 144 51.67 18.74 5.13
N SER H 145 52.30 18.73 6.30
CA SER H 145 53.67 19.23 6.42
C SER H 145 54.65 18.43 5.56
N GLY H 146 55.45 19.15 4.77
CA GLY H 146 56.45 18.51 3.94
C GLY H 146 56.01 18.28 2.51
N VAL H 147 54.84 18.80 2.14
CA VAL H 147 54.27 18.54 0.82
C VAL H 147 55.16 19.11 -0.29
N ASP H 148 55.88 20.20 0.01
CA ASP H 148 56.74 20.86 -0.96
C ASP H 148 58.18 20.36 -0.97
N THR H 149 58.44 19.29 -0.23
CA THR H 149 59.78 18.74 -0.16
C THR H 149 59.85 17.44 -0.95
N GLU H 150 61.06 16.89 -1.07
CA GLU H 150 61.29 15.66 -1.82
C GLU H 150 60.70 14.46 -1.09
N SER H 151 60.66 14.56 0.23
CA SER H 151 60.14 13.49 1.08
C SER H 151 58.61 13.47 1.04
N GLY H 152 58.03 14.64 0.79
CA GLY H 152 56.60 14.77 0.68
C GLY H 152 55.87 14.74 2.01
N ALA H 153 54.55 14.88 1.94
CA ALA H 153 53.71 14.81 3.12
C ALA H 153 53.16 13.40 3.28
N THR H 154 52.81 13.03 4.50
CA THR H 154 52.10 11.77 4.74
C THR H 154 50.78 12.06 5.42
N CYS H 155 49.71 11.96 4.64
CA CYS H 155 48.36 12.19 5.13
C CYS H 155 47.69 10.85 5.46
N ARG H 156 47.19 10.74 6.68
CA ARG H 156 46.55 9.52 7.15
CA ARG H 156 46.54 9.53 7.17
C ARG H 156 45.03 9.65 7.15
N ILE H 157 44.37 8.70 6.49
CA ILE H 157 42.92 8.67 6.46
C ILE H 157 42.41 7.43 7.18
N LYS H 158 41.54 7.64 8.16
CA LYS H 158 41.05 6.56 8.98
C LYS H 158 39.60 6.20 8.61
N ILE H 159 39.40 4.98 8.14
CA ILE H 159 38.09 4.51 7.73
C ILE H 159 37.64 3.25 8.49
N GLY H 160 36.47 3.32 9.09
CA GLY H 160 35.90 2.17 9.78
C GLY H 160 34.40 2.29 9.93
N SER H 161 33.77 1.22 10.43
CA SER H 161 32.35 1.24 10.69
C SER H 161 32.03 2.28 11.76
N TRP H 162 30.97 3.06 11.56
CA TRP H 162 30.62 4.03 12.58
C TRP H 162 30.02 3.38 13.82
N THR H 163 29.19 2.34 13.63
CA THR H 163 28.41 1.83 14.75
C THR H 163 28.55 0.35 15.05
N HIS H 164 29.23 -0.40 14.17
CA HIS H 164 29.37 -1.85 14.36
C HIS H 164 30.77 -2.21 14.86
N HIS H 165 30.84 -2.89 16.00
CA HIS H 165 32.13 -3.32 16.54
C HIS H 165 32.70 -4.56 15.83
N SER H 166 33.82 -5.06 16.34
CA SER H 166 34.63 -6.07 15.65
C SER H 166 33.99 -7.44 15.54
N ARG H 167 32.96 -7.71 16.35
CA ARG H 167 32.26 -8.98 16.22
C ARG H 167 31.10 -8.88 15.23
N GLU H 168 30.83 -7.66 14.77
CA GLU H 168 29.79 -7.48 13.76
C GLU H 168 30.39 -7.17 12.40
N ILE H 169 31.33 -6.24 12.38
CA ILE H 169 32.08 -5.90 11.16
C ILE H 169 33.58 -5.94 11.44
N SER H 170 34.33 -6.66 10.63
CA SER H 170 35.77 -6.56 10.68
C SER H 170 36.20 -5.92 9.38
N VAL H 171 37.16 -5.00 9.45
CA VAL H 171 37.69 -4.40 8.23
C VAL H 171 39.11 -4.81 7.97
N ASP H 172 39.41 -5.05 6.70
CA ASP H 172 40.75 -5.47 6.31
C ASP H 172 41.15 -4.78 5.02
N PRO H 173 42.41 -4.37 4.89
CA PRO H 173 42.80 -3.89 3.56
C PRO H 173 42.84 -5.05 2.58
N THR H 174 42.85 -4.78 1.28
CA THR H 174 42.99 -5.88 0.34
C THR H 174 44.35 -5.81 -0.34
N ASP H 179 50.24 -0.93 -7.63
CA ASP H 179 50.49 0.37 -8.24
C ASP H 179 49.68 1.43 -7.51
N ASP H 180 50.37 2.35 -6.83
CA ASP H 180 49.71 3.36 -6.01
C ASP H 180 49.13 4.48 -6.87
N SER H 181 49.76 4.73 -8.00
CA SER H 181 49.28 5.75 -8.92
C SER H 181 48.53 5.11 -10.08
N GLU H 182 47.98 3.92 -9.85
CA GLU H 182 47.42 3.17 -10.96
C GLU H 182 46.36 3.97 -11.67
N TYR H 183 45.48 4.60 -10.91
CA TYR H 183 44.44 5.41 -11.56
C TYR H 183 44.63 6.88 -11.28
N PHE H 184 45.75 7.23 -10.64
CA PHE H 184 45.98 8.62 -10.29
C PHE H 184 46.13 9.48 -11.53
N SER H 185 45.47 10.61 -11.54
CA SER H 185 45.48 11.49 -12.71
C SER H 185 46.88 12.05 -12.96
N GLN H 186 47.31 11.98 -14.22
CA GLN H 186 48.62 12.53 -14.59
C GLN H 186 48.64 14.05 -14.62
N TYR H 187 47.46 14.67 -14.51
CA TYR H 187 47.36 16.12 -14.63
C TYR H 187 47.30 16.85 -13.29
N SER H 188 47.36 16.08 -12.21
CA SER H 188 47.36 16.66 -10.87
C SER H 188 48.64 17.48 -10.63
N ARG H 189 48.53 18.53 -9.83
CA ARG H 189 49.70 19.27 -9.37
C ARG H 189 50.58 18.35 -8.53
N PHE H 190 50.00 17.26 -8.03
CA PHE H 190 50.71 16.41 -7.08
C PHE H 190 50.99 15.04 -7.63
N GLU H 191 51.85 14.30 -6.96
CA GLU H 191 52.17 12.94 -7.35
C GLU H 191 52.27 12.06 -6.10
N ILE H 192 52.00 10.78 -6.27
CA ILE H 192 51.97 9.89 -5.13
C ILE H 192 53.29 9.15 -5.03
N LEU H 193 53.89 9.18 -3.84
CA LEU H 193 55.12 8.46 -3.58
C LEU H 193 54.84 7.04 -3.09
N ASP H 194 53.85 6.90 -2.21
CA ASP H 194 53.53 5.60 -1.63
C ASP H 194 52.17 5.62 -0.94
N VAL H 195 51.50 4.48 -0.93
CA VAL H 195 50.26 4.33 -0.20
C VAL H 195 50.35 3.06 0.63
N THR H 196 50.23 3.19 1.95
CA THR H 196 50.19 2.00 2.79
C THR H 196 48.92 1.94 3.63
N GLN H 197 48.47 0.74 3.92
CA GLN H 197 47.23 0.56 4.65
C GLN H 197 47.51 -0.37 5.80
N LYS H 198 47.17 0.06 7.02
CA LYS H 198 47.29 -0.83 8.17
C LYS H 198 46.04 -0.84 9.06
N LYS H 199 45.94 -1.87 9.89
CA LYS H 199 44.66 -2.17 10.53
C LYS H 199 44.70 -1.91 12.02
N ASN H 200 43.70 -1.19 12.50
CA ASN H 200 43.65 -0.89 13.92
C ASN H 200 42.40 -1.39 14.61
N SER H 201 42.53 -1.69 15.89
CA SER H 201 41.38 -1.90 16.74
C SER H 201 41.45 -0.87 17.84
N VAL H 202 40.33 -0.21 18.07
CA VAL H 202 40.28 0.84 19.04
C VAL H 202 39.11 0.59 19.98
N THR H 203 39.31 0.85 21.26
CA THR H 203 38.18 0.76 22.19
C THR H 203 37.75 2.17 22.59
N TYR H 204 36.43 2.41 22.57
CA TYR H 204 35.89 3.73 22.89
C TYR H 204 35.19 3.66 24.22
N SER H 205 35.06 4.80 24.89
CA SER H 205 34.49 4.86 26.24
C SER H 205 33.07 4.30 26.31
N CYS H 206 32.30 4.52 25.26
CA CYS H 206 30.89 4.12 25.22
C CYS H 206 30.66 2.62 25.38
N CYS H 207 31.56 1.83 24.80
CA CYS H 207 31.28 0.42 24.60
C CYS H 207 32.48 -0.40 25.02
N PRO H 208 32.23 -1.64 25.45
CA PRO H 208 33.32 -2.52 25.87
C PRO H 208 33.99 -3.20 24.68
N GLU H 209 33.26 -3.36 23.58
CA GLU H 209 33.82 -4.01 22.40
C GLU H 209 34.74 -3.10 21.59
N ALA H 210 35.65 -3.72 20.86
CA ALA H 210 36.61 -2.97 20.07
C ALA H 210 36.03 -2.69 18.68
N TYR H 211 36.43 -1.55 18.10
CA TYR H 211 36.03 -1.17 16.75
C TYR H 211 37.23 -1.16 15.80
N GLU H 212 37.04 -1.73 14.62
CA GLU H 212 38.15 -1.84 13.68
C GLU H 212 38.16 -0.68 12.72
N ASP H 213 39.35 -0.29 12.28
CA ASP H 213 39.44 0.65 11.19
C ASP H 213 40.63 0.31 10.30
N VAL H 214 40.61 0.82 9.08
CA VAL H 214 41.78 0.75 8.23
C VAL H 214 42.34 2.16 8.16
N GLU H 215 43.65 2.28 8.38
CA GLU H 215 44.33 3.55 8.32
C GLU H 215 45.16 3.59 7.05
N VAL H 216 44.80 4.50 6.14
CA VAL H 216 45.47 4.62 4.87
C VAL H 216 46.45 5.80 4.89
N SER H 217 47.73 5.51 4.69
CA SER H 217 48.76 6.55 4.68
C SER H 217 49.12 6.91 3.26
N LEU H 218 48.76 8.14 2.88
CA LEU H 218 49.04 8.65 1.55
C LEU H 218 50.27 9.54 1.59
N ASN H 219 51.39 9.05 1.05
CA ASN H 219 52.62 9.82 0.95
C ASN H 219 52.69 10.48 -0.43
N PHE H 220 52.64 11.80 -0.47
CA PHE H 220 52.55 12.51 -1.74
C PHE H 220 53.32 13.83 -1.68
N ARG H 221 53.55 14.45 -2.84
CA ARG H 221 54.26 15.73 -2.86
C ARG H 221 53.89 16.55 -4.07
N LYS H 222 54.07 17.86 -3.99
CA LYS H 222 53.90 18.72 -5.15
C LYS H 222 54.98 18.40 -6.18
N LYS H 223 54.61 18.32 -7.45
CA LYS H 223 55.60 18.14 -8.53
C LYS H 223 56.55 19.34 -8.72
N GLY H 224 57.73 19.05 -9.26
CA GLY H 224 58.72 20.09 -9.48
C GLY H 224 59.32 20.62 -8.18
N LEU I 20 15.49 -14.69 19.34
CA LEU I 20 15.48 -13.58 18.39
C LEU I 20 16.84 -13.46 17.73
N ASP I 21 16.85 -13.22 16.42
CA ASP I 21 18.09 -12.83 15.79
C ASP I 21 18.06 -11.35 15.43
N ARG I 22 19.19 -10.87 14.94
CA ARG I 22 19.34 -9.49 14.55
C ARG I 22 18.18 -9.05 13.65
N ALA I 23 17.86 -9.84 12.62
CA ALA I 23 16.83 -9.46 11.64
C ALA I 23 15.45 -9.29 12.24
N ASP I 24 15.12 -10.15 13.21
CA ASP I 24 13.84 -10.08 13.91
C ASP I 24 13.71 -8.83 14.76
N ILE I 25 14.77 -8.52 15.51
CA ILE I 25 14.80 -7.32 16.34
C ILE I 25 14.58 -6.08 15.48
N LEU I 26 15.30 -6.00 14.38
CA LEU I 26 15.21 -4.83 13.51
C LEU I 26 13.84 -4.76 12.82
N TYR I 27 13.32 -5.91 12.44
CA TYR I 27 11.99 -5.96 11.83
C TYR I 27 10.94 -5.48 12.83
N ASN I 28 11.02 -6.00 14.05
CA ASN I 28 10.07 -5.61 15.10
C ASN I 28 10.10 -4.12 15.36
N ILE I 29 11.31 -3.57 15.42
CA ILE I 29 11.49 -2.13 15.67
C ILE I 29 10.88 -1.32 14.52
N ARG I 30 11.21 -1.70 13.29
CA ARG I 30 10.67 -0.99 12.14
C ARG I 30 9.14 -1.07 12.08
N GLN I 31 8.59 -2.26 12.33
CA GLN I 31 7.13 -2.45 12.22
C GLN I 31 6.31 -1.75 13.30
N THR I 32 6.90 -1.47 14.45
CA THR I 32 6.15 -0.86 15.55
C THR I 32 6.70 0.49 15.97
N SER I 33 7.62 1.03 15.17
CA SER I 33 8.27 2.31 15.47
C SER I 33 7.30 3.47 15.37
N ARG I 34 7.32 4.34 16.38
CA ARG I 34 6.60 5.61 16.33
C ARG I 34 7.62 6.75 16.46
N PRO I 35 8.35 7.04 15.39
CA PRO I 35 9.41 8.05 15.42
C PRO I 35 8.90 9.47 15.67
N ASP I 36 7.60 9.67 15.55
CA ASP I 36 6.97 10.96 15.82
C ASP I 36 6.57 11.10 17.29
N VAL I 37 6.70 10.02 18.05
CA VAL I 37 6.19 9.98 19.42
C VAL I 37 7.27 9.94 20.47
N ILE I 38 7.39 11.00 21.27
CA ILE I 38 8.37 11.05 22.35
C ILE I 38 8.02 9.95 23.36
N PRO I 39 9.01 9.14 23.73
CA PRO I 39 8.70 7.99 24.59
C PRO I 39 8.65 8.34 26.08
N THR I 40 7.79 9.29 26.43
CA THR I 40 7.56 9.62 27.83
C THR I 40 6.85 8.43 28.48
N GLN I 41 7.49 7.84 29.49
CA GLN I 41 6.92 6.75 30.27
C GLN I 41 6.28 7.35 31.49
N ARG I 42 5.21 6.71 31.98
CA ARG I 42 4.57 7.09 33.25
C ARG I 42 4.38 8.60 33.45
N ASP I 43 4.20 9.35 32.35
CA ASP I 43 4.05 10.82 32.40
C ASP I 43 5.29 11.59 32.91
N ARG I 44 6.49 11.05 32.68
CA ARG I 44 7.77 11.62 33.16
C ARG I 44 8.59 12.19 31.97
N PRO I 45 9.43 13.26 32.17
CA PRO I 45 10.15 13.65 30.95
C PRO I 45 11.12 12.57 30.50
N VAL I 46 11.41 12.52 29.20
CA VAL I 46 12.52 11.72 28.72
C VAL I 46 13.82 12.42 29.09
N ALA I 47 14.68 11.72 29.82
CA ALA I 47 15.97 12.28 30.20
C ALA I 47 16.98 12.10 29.06
N VAL I 48 17.41 13.19 28.47
CA VAL I 48 18.40 13.14 27.39
C VAL I 48 19.75 13.64 27.89
N SER I 49 20.80 12.86 27.66
CA SER I 49 22.16 13.31 27.93
C SER I 49 22.82 13.77 26.64
N VAL I 50 23.44 14.95 26.69
CA VAL I 50 24.12 15.52 25.53
C VAL I 50 25.55 15.89 25.91
N SER I 51 26.49 15.59 25.02
CA SER I 51 27.90 15.83 25.29
C SER I 51 28.60 16.07 23.96
N LEU I 52 29.30 17.18 23.80
CA LEU I 52 29.97 17.46 22.55
C LEU I 52 31.44 17.09 22.63
N LYS I 53 31.89 16.24 21.71
CA LYS I 53 33.30 15.89 21.64
C LYS I 53 33.88 16.63 20.48
N PHE I 54 34.70 17.65 20.74
CA PHE I 54 35.23 18.46 19.66
C PHE I 54 36.34 17.73 18.93
N ILE I 55 36.29 17.79 17.60
CA ILE I 55 37.23 17.06 16.76
C ILE I 55 38.11 18.04 16.03
N ASN I 56 37.51 19.14 15.58
CA ASN I 56 38.28 20.12 14.85
C ASN I 56 37.68 21.49 14.89
N ILE I 57 38.57 22.49 14.81
CA ILE I 57 38.18 23.89 14.70
C ILE I 57 38.81 24.39 13.40
N LEU I 58 37.95 24.71 12.43
CA LEU I 58 38.39 24.81 11.03
C LEU I 58 38.58 26.21 10.57
N GLU I 59 37.70 27.09 11.03
CA GLU I 59 37.80 28.47 10.65
C GLU I 59 37.31 29.29 11.82
N VAL I 60 37.98 30.40 12.02
CA VAL I 60 37.75 31.26 13.15
C VAL I 60 37.86 32.69 12.60
N ASN I 61 36.95 33.57 13.01
CA ASN I 61 36.99 34.94 12.56
C ASN I 61 36.72 35.86 13.72
N GLU I 62 37.76 36.54 14.20
CA GLU I 62 37.64 37.38 15.39
C GLU I 62 36.94 38.71 15.11
N ILE I 63 36.89 39.10 13.84
CA ILE I 63 36.15 40.29 13.44
C ILE I 63 34.64 40.05 13.43
N THR I 64 34.21 38.91 12.89
CA THR I 64 32.78 38.61 12.77
C THR I 64 32.25 37.78 13.94
N ASN I 65 33.14 37.33 14.82
CA ASN I 65 32.77 36.45 15.92
C ASN I 65 32.04 35.18 15.45
N GLU I 66 32.63 34.50 14.48
CA GLU I 66 32.08 33.28 13.93
C GLU I 66 33.13 32.17 13.95
N VAL I 67 32.67 30.96 14.17
CA VAL I 67 33.58 29.85 14.25
C VAL I 67 32.97 28.66 13.51
N ASP I 68 33.82 27.87 12.88
CA ASP I 68 33.39 26.70 12.13
C ASP I 68 33.97 25.50 12.85
N VAL I 69 33.13 24.53 13.18
CA VAL I 69 33.53 23.49 14.14
C VAL I 69 33.04 22.09 13.72
N VAL I 70 33.87 21.08 13.94
CA VAL I 70 33.44 19.70 13.79
C VAL I 70 33.41 19.02 15.13
N PHE I 71 32.26 18.42 15.47
CA PHE I 71 32.13 17.72 16.76
C PHE I 71 31.26 16.47 16.66
N TRP I 72 31.46 15.55 17.59
CA TRP I 72 30.66 14.36 17.70
C TRP I 72 29.66 14.62 18.82
N GLN I 73 28.37 14.59 18.47
CA GLN I 73 27.32 14.91 19.43
C GLN I 73 26.81 13.65 20.11
N GLN I 74 27.43 13.31 21.23
CA GLN I 74 27.03 12.13 21.98
C GLN I 74 25.68 12.38 22.60
N THR I 75 24.70 11.57 22.25
CA THR I 75 23.33 11.77 22.67
C THR I 75 22.74 10.45 23.13
N THR I 76 22.25 10.41 24.37
CA THR I 76 21.69 9.18 24.89
C THR I 76 20.39 9.44 25.62
N TRP I 77 19.50 8.45 25.56
CA TRP I 77 18.22 8.50 26.24
C TRP I 77 17.66 7.09 26.25
N SER I 78 16.61 6.90 27.02
CA SER I 78 16.00 5.59 27.14
C SER I 78 14.65 5.57 26.41
N ASP I 79 14.43 4.53 25.62
CA ASP I 79 13.13 4.30 24.97
C ASP I 79 12.71 2.86 25.24
N ARG I 80 11.90 2.66 26.27
CA ARG I 80 11.56 1.31 26.71
C ARG I 80 10.68 0.56 25.72
N THR I 81 10.05 1.27 24.77
CA THR I 81 9.26 0.61 23.75
C THR I 81 10.15 -0.18 22.78
N LEU I 82 11.46 -0.07 22.93
CA LEU I 82 12.39 -0.72 22.01
C LEU I 82 13.03 -1.94 22.64
N ALA I 83 12.76 -2.15 23.93
CA ALA I 83 13.46 -3.21 24.66
C ALA I 83 13.07 -4.61 24.17
N TRP I 84 13.99 -5.56 24.32
CA TRP I 84 13.69 -6.95 23.96
C TRP I 84 14.43 -7.89 24.91
N ASN I 85 13.96 -9.14 24.98
CA ASN I 85 14.60 -10.15 25.80
C ASN I 85 15.97 -10.53 25.22
N SER I 86 17.02 -10.24 25.98
CA SER I 86 18.37 -10.41 25.48
C SER I 86 18.88 -11.85 25.53
N SER I 87 18.10 -12.72 26.18
CA SER I 87 18.46 -14.13 26.31
C SER I 87 18.56 -14.78 24.93
N HIS I 88 19.71 -15.38 24.66
CA HIS I 88 19.98 -16.06 23.38
C HIS I 88 19.77 -15.13 22.19
N SER I 89 19.99 -13.85 22.41
CA SER I 89 19.84 -12.85 21.35
C SER I 89 20.98 -11.85 21.46
N PRO I 90 21.26 -11.12 20.37
CA PRO I 90 22.23 -10.03 20.43
C PRO I 90 21.82 -8.99 21.45
N ASP I 91 22.83 -8.36 22.05
CA ASP I 91 22.62 -7.41 23.13
C ASP I 91 22.36 -6.00 22.60
N GLN I 92 22.80 -5.75 21.36
CA GLN I 92 22.67 -4.42 20.74
C GLN I 92 22.52 -4.52 19.23
N VAL I 93 21.81 -3.56 18.63
CA VAL I 93 21.72 -3.50 17.19
C VAL I 93 21.91 -2.06 16.72
N SER I 94 22.23 -1.90 15.44
CA SER I 94 22.30 -0.58 14.79
C SER I 94 21.00 -0.32 14.03
N VAL I 95 20.39 0.82 14.29
CA VAL I 95 19.08 1.15 13.75
C VAL I 95 19.11 2.50 13.03
N PRO I 96 18.59 2.55 11.78
CA PRO I 96 18.48 3.84 11.09
C PRO I 96 17.61 4.77 11.92
N ILE I 97 18.02 6.03 12.08
CA ILE I 97 17.28 6.91 12.98
C ILE I 97 15.90 7.23 12.44
N SER I 98 15.70 7.02 11.15
CA SER I 98 14.38 7.20 10.55
C SER I 98 13.36 6.24 11.16
N SER I 99 13.85 5.17 11.81
CA SER I 99 12.94 4.23 12.49
C SER I 99 12.78 4.51 13.98
N LEU I 100 13.37 5.61 14.47
CA LEU I 100 13.36 5.89 15.90
C LEU I 100 12.87 7.27 16.19
N TRP I 101 12.30 7.46 17.37
CA TRP I 101 12.18 8.83 17.87
C TRP I 101 13.55 9.31 18.26
N VAL I 102 13.84 10.55 17.89
CA VAL I 102 15.11 11.20 18.22
C VAL I 102 14.82 12.60 18.75
N PRO I 103 15.52 13.04 19.81
CA PRO I 103 15.22 14.34 20.39
C PRO I 103 15.43 15.46 19.41
N ASP I 104 14.55 16.47 19.44
CA ASP I 104 14.62 17.55 18.47
C ASP I 104 15.61 18.61 18.98
N LEU I 105 16.86 18.22 19.19
CA LEU I 105 17.86 19.16 19.70
C LEU I 105 18.23 20.18 18.63
N ALA I 106 18.49 21.40 19.08
CA ALA I 106 19.02 22.43 18.19
C ALA I 106 20.11 23.23 18.88
N ALA I 107 21.02 23.76 18.07
CA ALA I 107 22.05 24.66 18.58
C ALA I 107 21.52 26.08 18.40
N TYR I 108 21.17 26.72 19.50
CA TYR I 108 20.47 28.01 19.45
C TYR I 108 21.28 29.16 18.82
N ASN I 109 22.61 29.10 18.88
CA ASN I 109 23.43 30.12 18.25
C ASN I 109 24.15 29.66 16.99
N ALA I 110 23.62 28.61 16.37
CA ALA I 110 24.14 28.15 15.09
C ALA I 110 23.75 29.14 14.01
N ILE I 111 24.61 29.28 13.01
CA ILE I 111 24.29 30.17 11.89
C ILE I 111 24.40 29.43 10.56
N SER I 112 24.61 28.14 10.62
CA SER I 112 24.51 27.30 9.42
C SER I 112 23.78 26.02 9.77
N LYS I 113 23.21 25.38 8.74
CA LYS I 113 22.61 24.06 8.88
C LYS I 113 23.64 23.08 9.41
N PRO I 114 23.23 22.18 10.31
CA PRO I 114 24.16 21.13 10.70
C PRO I 114 24.44 20.16 9.55
N GLU I 115 25.71 19.99 9.21
CA GLU I 115 26.14 19.10 8.15
C GLU I 115 26.58 17.78 8.79
N VAL I 116 25.79 16.73 8.60
CA VAL I 116 26.07 15.44 9.20
C VAL I 116 27.03 14.66 8.31
N LEU I 117 28.11 14.15 8.90
CA LEU I 117 29.21 13.58 8.15
C LEU I 117 29.28 12.07 8.30
N THR I 118 28.37 11.50 9.09
CA THR I 118 28.43 10.08 9.39
C THR I 118 27.13 9.36 9.01
N PRO I 119 27.19 8.03 8.86
CA PRO I 119 25.95 7.26 8.63
C PRO I 119 24.93 7.53 9.73
N GLN I 120 23.69 7.81 9.35
CA GLN I 120 22.67 8.18 10.32
C GLN I 120 22.05 6.95 11.00
N LEU I 121 22.83 6.32 11.87
CA LEU I 121 22.43 5.12 12.59
C LEU I 121 22.61 5.38 14.09
N ALA I 122 21.70 4.81 14.88
CA ALA I 122 21.85 4.81 16.33
C ALA I 122 22.16 3.41 16.79
N ARG I 123 22.68 3.30 18.01
CA ARG I 123 22.99 2.02 18.59
C ARG I 123 21.96 1.82 19.70
N VAL I 124 21.24 0.71 19.63
CA VAL I 124 20.18 0.43 20.59
C VAL I 124 20.50 -0.83 21.41
N VAL I 125 20.44 -0.70 22.74
CA VAL I 125 20.72 -1.80 23.64
C VAL I 125 19.40 -2.46 24.03
N SER I 126 19.45 -3.75 24.36
CA SER I 126 18.25 -4.54 24.63
C SER I 126 17.36 -4.00 25.75
N ASP I 127 17.93 -3.19 26.65
CA ASP I 127 17.13 -2.56 27.69
C ASP I 127 16.45 -1.26 27.26
N GLY I 128 16.63 -0.88 26.00
CA GLY I 128 15.98 0.31 25.49
C GLY I 128 16.85 1.56 25.53
N GLU I 129 18.11 1.41 25.90
CA GLU I 129 18.98 2.58 25.86
C GLU I 129 19.40 2.87 24.42
N VAL I 130 19.42 4.14 24.08
CA VAL I 130 19.79 4.49 22.73
C VAL I 130 20.98 5.40 22.76
N LEU I 131 21.94 5.14 21.87
CA LEU I 131 23.07 6.04 21.66
C LEU I 131 23.07 6.50 20.21
N TYR I 132 23.01 7.81 20.01
CA TYR I 132 23.07 8.40 18.70
C TYR I 132 24.20 9.42 18.73
N MET I 133 25.14 9.34 17.78
CA MET I 133 26.36 10.16 17.85
C MET I 133 26.85 10.58 16.47
N PRO I 134 26.17 11.57 15.88
CA PRO I 134 26.57 12.03 14.55
C PRO I 134 27.78 12.93 14.63
N SER I 135 28.65 12.85 13.63
CA SER I 135 29.68 13.84 13.46
C SER I 135 29.06 15.01 12.72
N ILE I 136 29.17 16.20 13.28
CA ILE I 136 28.53 17.39 12.73
C ILE I 136 29.55 18.49 12.46
N ARG I 137 29.46 19.10 11.27
CA ARG I 137 30.18 20.33 11.00
C ARG I 137 29.16 21.44 10.92
N GLN I 138 29.41 22.51 11.67
CA GLN I 138 28.42 23.56 11.80
C GLN I 138 29.13 24.86 12.18
N ARG I 139 28.54 25.98 11.79
CA ARG I 139 29.10 27.29 12.09
C ARG I 139 28.31 28.00 13.20
N PHE I 140 29.00 28.67 14.10
CA PHE I 140 28.37 29.28 15.26
C PHE I 140 28.72 30.76 15.40
N SER I 141 27.79 31.52 15.95
CA SER I 141 28.07 32.88 16.38
C SER I 141 28.38 32.79 17.85
N CYS I 142 29.61 33.16 18.22
CA CYS I 142 30.04 33.13 19.62
C CYS I 142 31.30 34.01 19.81
N ASP I 143 31.73 34.16 21.05
CA ASP I 143 32.81 35.07 21.39
C ASP I 143 34.19 34.51 21.02
N VAL I 144 34.77 35.08 19.98
CA VAL I 144 36.06 34.62 19.48
C VAL I 144 37.20 35.50 20.02
N SER I 145 36.84 36.56 20.75
CA SER I 145 37.85 37.50 21.24
C SER I 145 38.85 36.81 22.15
N GLY I 146 40.14 37.03 21.87
CA GLY I 146 41.20 36.45 22.67
C GLY I 146 41.78 35.16 22.12
N VAL I 147 41.36 34.78 20.92
CA VAL I 147 41.79 33.50 20.35
C VAL I 147 43.31 33.45 20.16
N ASP I 148 43.92 34.61 19.92
CA ASP I 148 45.36 34.71 19.64
C ASP I 148 46.20 34.99 20.87
N THR I 149 45.58 34.94 22.04
CA THR I 149 46.28 35.16 23.30
C THR I 149 46.44 33.82 24.00
N GLU I 150 47.23 33.74 25.06
CA GLU I 150 47.36 32.43 25.68
C GLU I 150 46.20 32.10 26.63
N SER I 151 45.41 33.09 27.00
CA SER I 151 44.17 32.81 27.73
C SER I 151 43.13 32.18 26.79
N GLY I 152 43.24 32.47 25.50
CA GLY I 152 42.36 31.93 24.50
C GLY I 152 40.97 32.56 24.48
N ALA I 153 40.15 32.09 23.56
CA ALA I 153 38.76 32.53 23.47
C ALA I 153 37.87 31.52 24.20
N THR I 154 36.71 31.99 24.64
CA THR I 154 35.69 31.09 25.19
C THR I 154 34.40 31.21 24.38
N CYS I 155 34.16 30.19 23.57
CA CYS I 155 32.99 30.13 22.70
C CYS I 155 31.92 29.27 23.37
N ARG I 156 30.73 29.84 23.56
CA ARG I 156 29.64 29.09 24.18
C ARG I 156 28.61 28.60 23.17
N ILE I 157 28.33 27.30 23.23
CA ILE I 157 27.35 26.69 22.35
C ILE I 157 26.16 26.21 23.15
N LYS I 158 24.98 26.72 22.79
CA LYS I 158 23.76 26.37 23.50
C LYS I 158 22.90 25.34 22.75
N ILE I 159 22.71 24.17 23.36
CA ILE I 159 21.97 23.07 22.76
C ILE I 159 20.81 22.61 23.64
N GLY I 160 19.60 22.58 23.07
CA GLY I 160 18.43 22.09 23.77
C GLY I 160 17.30 21.74 22.83
N SER I 161 16.25 21.15 23.39
CA SER I 161 15.08 20.80 22.60
C SER I 161 14.48 22.06 21.97
N TRP I 162 14.08 21.98 20.70
CA TRP I 162 13.50 23.15 20.07
C TRP I 162 12.06 23.34 20.54
N THR I 163 11.32 22.25 20.72
CA THR I 163 9.88 22.38 20.98
C THR I 163 9.37 21.70 22.25
N HIS I 164 10.19 20.90 22.92
CA HIS I 164 9.74 20.17 24.11
C HIS I 164 10.24 20.82 25.41
N HIS I 165 9.31 21.18 26.30
CA HIS I 165 9.69 21.78 27.57
C HIS I 165 10.15 20.75 28.60
N SER I 166 10.50 21.23 29.80
CA SER I 166 11.23 20.44 30.80
C SER I 166 10.45 19.25 31.37
N ARG I 167 9.13 19.26 31.22
CA ARG I 167 8.35 18.12 31.64
C ARG I 167 8.24 17.07 30.54
N GLU I 168 8.75 17.38 29.34
CA GLU I 168 8.73 16.42 28.25
C GLU I 168 10.13 15.90 27.93
N ILE I 169 11.09 16.82 27.85
CA ILE I 169 12.51 16.49 27.72
C ILE I 169 13.32 17.28 28.74
N SER I 170 14.17 16.59 29.49
CA SER I 170 15.17 17.25 30.32
C SER I 170 16.55 16.94 29.74
N VAL I 171 17.43 17.92 29.71
CA VAL I 171 18.75 17.68 29.18
C VAL I 171 19.79 17.83 30.26
N ASP I 172 20.80 16.97 30.20
CA ASP I 172 21.84 16.96 31.22
C ASP I 172 23.16 16.67 30.53
N PRO I 173 24.24 17.31 30.98
CA PRO I 173 25.53 16.87 30.45
C PRO I 173 25.87 15.50 31.04
N THR I 174 26.84 14.78 30.51
CA THR I 174 27.30 13.61 31.25
C THR I 174 28.76 13.72 31.67
N ASP I 180 37.62 14.97 28.37
CA ASP I 180 37.72 16.24 27.65
C ASP I 180 38.92 16.25 26.71
N SER I 181 38.75 16.92 25.57
CA SER I 181 39.78 17.07 24.54
C SER I 181 40.25 15.74 23.92
N GLU I 182 39.47 14.68 24.11
CA GLU I 182 39.96 13.33 23.85
C GLU I 182 40.20 12.94 22.38
N TYR I 183 39.40 13.47 21.45
CA TYR I 183 39.46 13.10 20.04
C TYR I 183 39.84 14.28 19.16
N PHE I 184 40.28 15.36 19.78
CA PHE I 184 40.61 16.56 19.02
C PHE I 184 41.81 16.30 18.12
N SER I 185 41.70 16.76 16.89
CA SER I 185 42.73 16.51 15.88
C SER I 185 44.01 17.24 16.24
N GLN I 186 45.13 16.53 16.14
CA GLN I 186 46.43 17.12 16.43
C GLN I 186 46.89 18.05 15.33
N TYR I 187 46.18 18.06 14.20
CA TYR I 187 46.63 18.83 13.05
C TYR I 187 45.88 20.14 12.90
N SER I 188 45.00 20.45 13.85
CA SER I 188 44.28 21.71 13.84
C SER I 188 45.22 22.87 14.11
N ARG I 189 44.91 24.03 13.56
CA ARG I 189 45.62 25.26 13.87
C ARG I 189 45.41 25.60 15.32
N PHE I 190 44.38 25.02 15.90
CA PHE I 190 43.97 25.40 17.26
C PHE I 190 44.15 24.28 18.26
N GLU I 191 44.00 24.62 19.54
CA GLU I 191 44.14 23.65 20.61
C GLU I 191 43.12 23.98 21.69
N ILE I 192 42.68 22.96 22.40
CA ILE I 192 41.64 23.15 23.40
C ILE I 192 42.25 23.28 24.77
N LEU I 193 41.89 24.35 25.48
CA LEU I 193 42.36 24.55 26.84
C LEU I 193 41.42 23.91 27.84
N ASP I 194 40.12 24.08 27.62
CA ASP I 194 39.14 23.50 28.53
C ASP I 194 37.75 23.45 27.89
N VAL I 195 36.95 22.48 28.32
CA VAL I 195 35.56 22.39 27.89
C VAL I 195 34.71 22.19 29.14
N THR I 196 33.77 23.09 29.38
CA THR I 196 32.85 22.91 30.50
C THR I 196 31.40 22.98 30.04
N GLN I 197 30.52 22.30 30.76
CA GLN I 197 29.10 22.27 30.40
C GLN I 197 28.23 22.75 31.58
N LYS I 198 27.28 23.62 31.29
CA LYS I 198 26.34 24.13 32.30
C LYS I 198 24.90 23.73 31.88
N LYS I 199 23.99 23.63 32.83
CA LYS I 199 22.62 23.24 32.51
C LYS I 199 21.65 24.34 32.84
N ASN I 200 20.98 24.88 31.83
CA ASN I 200 20.10 26.01 32.04
C ASN I 200 18.62 25.68 31.90
N SER I 201 17.78 26.45 32.59
CA SER I 201 16.34 26.44 32.35
C SER I 201 15.96 27.86 31.96
N VAL I 202 15.24 27.98 30.84
CA VAL I 202 14.88 29.28 30.30
C VAL I 202 13.39 29.31 30.08
N THR I 203 12.74 30.41 30.43
CA THR I 203 11.34 30.58 30.07
C THR I 203 11.22 31.53 28.87
N TYR I 204 10.37 31.19 27.92
CA TYR I 204 10.17 32.02 26.75
C TYR I 204 8.76 32.59 26.78
N SER I 205 8.56 33.72 26.10
CA SER I 205 7.27 34.41 26.09
C SER I 205 6.08 33.56 25.63
N CYS I 206 6.31 32.68 24.66
CA CYS I 206 5.26 31.86 24.09
C CYS I 206 4.57 30.95 25.10
N CYS I 207 5.35 30.41 26.02
CA CYS I 207 4.88 29.29 26.83
C CYS I 207 5.17 29.54 28.30
N PRO I 208 4.33 28.98 29.18
CA PRO I 208 4.56 29.12 30.61
C PRO I 208 5.65 28.18 31.11
N GLU I 209 5.84 27.06 30.43
CA GLU I 209 6.80 26.06 30.91
C GLU I 209 8.24 26.44 30.61
N ALA I 210 9.18 25.84 31.34
CA ALA I 210 10.59 26.13 31.14
C ALA I 210 11.20 25.15 30.16
N TYR I 211 12.18 25.63 29.41
CA TYR I 211 12.90 24.80 28.45
C TYR I 211 14.34 24.63 28.87
N GLU I 212 14.83 23.39 28.84
CA GLU I 212 16.18 23.14 29.30
C GLU I 212 17.19 23.16 28.16
N ASP I 213 18.40 23.60 28.45
CA ASP I 213 19.48 23.52 27.48
C ASP I 213 20.80 23.17 28.18
N VAL I 214 21.74 22.66 27.40
CA VAL I 214 23.09 22.52 27.89
C VAL I 214 23.92 23.60 27.21
N GLU I 215 24.71 24.31 28.01
CA GLU I 215 25.59 25.34 27.47
C GLU I 215 27.02 24.82 27.56
N VAL I 216 27.64 24.68 26.40
CA VAL I 216 28.97 24.12 26.33
C VAL I 216 29.99 25.24 26.10
N SER I 217 30.90 25.42 27.04
CA SER I 217 31.93 26.47 26.92
C SER I 217 33.23 25.88 26.41
N LEU I 218 33.60 26.26 25.20
CA LEU I 218 34.80 25.78 24.58
C LEU I 218 35.89 26.84 24.70
N ASN I 219 36.88 26.58 25.57
CA ASN I 219 38.03 27.48 25.73
C ASN I 219 39.19 26.99 24.86
N PHE I 220 39.55 27.76 23.85
CA PHE I 220 40.55 27.34 22.88
C PHE I 220 41.41 28.52 22.41
N ARG I 221 42.53 28.23 21.75
CA ARG I 221 43.42 29.29 21.26
C ARG I 221 44.23 28.82 20.06
N LYS I 222 44.78 29.79 19.33
CA LYS I 222 45.70 29.52 18.24
C LYS I 222 46.96 28.90 18.81
N LYS I 223 47.62 28.07 18.00
CA LYS I 223 48.81 27.37 18.47
C LYS I 223 50.06 28.25 18.39
N LEU J 20 -6.99 9.99 26.22
CA LEU J 20 -6.01 10.06 25.16
C LEU J 20 -4.61 10.22 25.71
N ASP J 21 -3.64 9.53 25.11
CA ASP J 21 -2.25 9.84 25.40
C ASP J 21 -1.59 10.53 24.20
N ARG J 22 -0.33 10.93 24.38
CA ARG J 22 0.43 11.62 23.35
C ARG J 22 0.42 10.86 22.04
N ALA J 23 0.67 9.56 22.10
CA ALA J 23 0.71 8.70 20.91
C ALA J 23 -0.61 8.69 20.13
N ASP J 24 -1.74 8.68 20.85
CA ASP J 24 -3.06 8.70 20.23
C ASP J 24 -3.31 10.02 19.50
N ILE J 25 -3.06 11.13 20.19
CA ILE J 25 -3.24 12.46 19.61
C ILE J 25 -2.43 12.59 18.33
N LEU J 26 -1.18 12.16 18.38
CA LEU J 26 -0.31 12.28 17.21
C LEU J 26 -0.73 11.35 16.09
N TYR J 27 -1.15 10.14 16.44
CA TYR J 27 -1.70 9.21 15.46
C TYR J 27 -2.93 9.79 14.77
N ASN J 28 -3.88 10.27 15.57
CA ASN J 28 -5.10 10.88 15.04
C ASN J 28 -4.82 12.01 14.09
N ILE J 29 -3.89 12.89 14.46
CA ILE J 29 -3.52 14.03 13.64
C ILE J 29 -2.91 13.56 12.32
N ARG J 30 -1.95 12.65 12.40
CA ARG J 30 -1.34 12.10 11.20
C ARG J 30 -2.35 11.41 10.26
N GLN J 31 -3.24 10.59 10.83
CA GLN J 31 -4.21 9.85 10.03
C GLN J 31 -5.31 10.71 9.36
N THR J 32 -5.60 11.89 9.92
CA THR J 32 -6.67 12.72 9.38
C THR J 32 -6.19 14.06 8.89
N SER J 33 -4.87 14.24 8.84
CA SER J 33 -4.26 15.50 8.40
C SER J 33 -4.52 15.80 6.94
N ARG J 34 -4.94 17.04 6.68
CA ARG J 34 -4.98 17.54 5.30
C ARG J 34 -4.02 18.74 5.18
N PRO J 35 -2.72 18.48 5.10
CA PRO J 35 -1.73 19.56 5.04
C PRO J 35 -1.87 20.46 3.79
N ASP J 36 -2.58 19.97 2.78
CA ASP J 36 -2.82 20.74 1.56
C ASP J 36 -4.02 21.67 1.68
N VAL J 37 -4.74 21.58 2.79
CA VAL J 37 -6.01 22.27 2.90
C VAL J 37 -6.01 23.35 3.96
N ILE J 38 -6.15 24.59 3.53
CA ILE J 38 -6.19 25.71 4.45
C ILE J 38 -7.43 25.56 5.33
N PRO J 39 -7.26 25.65 6.66
CA PRO J 39 -8.39 25.39 7.55
C PRO J 39 -9.31 26.60 7.74
N THR J 40 -9.83 27.14 6.64
CA THR J 40 -10.83 28.22 6.70
C THR J 40 -12.15 27.68 7.19
N GLN J 41 -12.83 28.49 7.99
CA GLN J 41 -14.15 28.15 8.50
C GLN J 41 -15.14 29.28 8.30
N ARG J 42 -16.33 28.95 7.78
CA ARG J 42 -17.42 29.90 7.60
C ARG J 42 -16.97 31.02 6.65
N ASP J 43 -16.08 30.64 5.73
CA ASP J 43 -15.53 31.55 4.73
C ASP J 43 -14.92 32.82 5.33
N ARG J 44 -14.50 32.75 6.59
CA ARG J 44 -13.61 33.74 7.16
C ARG J 44 -12.17 33.28 6.86
N PRO J 45 -11.28 34.23 6.59
CA PRO J 45 -9.87 33.90 6.38
C PRO J 45 -9.25 33.29 7.62
N VAL J 46 -8.20 32.48 7.46
CA VAL J 46 -7.40 32.04 8.59
C VAL J 46 -6.58 33.24 9.03
N ALA J 47 -6.72 33.63 10.29
CA ALA J 47 -5.90 34.73 10.79
C ALA J 47 -4.54 34.22 11.20
N VAL J 48 -3.49 34.69 10.54
CA VAL J 48 -2.12 34.30 10.86
C VAL J 48 -1.37 35.44 11.50
N SER J 49 -0.74 35.19 12.63
CA SER J 49 0.15 36.17 13.26
C SER J 49 1.60 35.83 12.95
N VAL J 50 2.34 36.83 12.48
CA VAL J 50 3.76 36.68 12.13
C VAL J 50 4.58 37.73 12.86
N SER J 51 5.71 37.31 13.39
CA SER J 51 6.56 38.18 14.19
C SER J 51 8.00 37.71 14.04
N LEU J 52 8.91 38.61 13.66
CA LEU J 52 10.28 38.19 13.48
C LEU J 52 11.11 38.56 14.70
N LYS J 53 11.78 37.58 15.28
CA LYS J 53 12.71 37.84 16.36
C LYS J 53 14.11 37.75 15.80
N PHE J 54 14.78 38.88 15.67
CA PHE J 54 16.12 38.88 15.11
C PHE J 54 17.15 38.36 16.09
N ILE J 55 18.01 37.47 15.60
CA ILE J 55 18.98 36.79 16.42
C ILE J 55 20.38 37.25 16.06
N ASN J 56 20.61 37.44 14.76
CA ASN J 56 21.92 37.86 14.33
C ASN J 56 21.89 38.57 12.99
N ILE J 57 22.82 39.49 12.81
CA ILE J 57 23.05 40.13 11.51
C ILE J 57 24.50 39.81 11.15
N LEU J 58 24.68 39.04 10.09
CA LEU J 58 25.95 38.34 9.86
C LEU J 58 26.81 39.03 8.81
N GLU J 59 26.15 39.59 7.81
CA GLU J 59 26.88 40.23 6.74
C GLU J 59 26.01 41.33 6.22
N VAL J 60 26.67 42.43 5.92
CA VAL J 60 26.00 43.64 5.51
C VAL J 60 26.86 44.25 4.41
N ASN J 61 26.22 44.72 3.35
CA ASN J 61 26.97 45.30 2.23
C ASN J 61 26.28 46.57 1.75
N GLU J 62 26.87 47.71 2.06
CA GLU J 62 26.23 49.01 1.78
C GLU J 62 26.33 49.37 0.29
N ILE J 63 27.25 48.73 -0.41
CA ILE J 63 27.39 48.93 -1.84
C ILE J 63 26.29 48.20 -2.61
N THR J 64 26.06 46.94 -2.27
CA THR J 64 25.05 46.14 -2.98
C THR J 64 23.65 46.20 -2.34
N ASN J 65 23.53 46.87 -1.19
CA ASN J 65 22.30 46.88 -0.43
C ASN J 65 21.74 45.48 -0.13
N GLU J 66 22.59 44.63 0.42
CA GLU J 66 22.20 43.28 0.77
C GLU J 66 22.55 43.01 2.22
N VAL J 67 21.74 42.21 2.88
CA VAL J 67 21.99 41.89 4.26
C VAL J 67 21.74 40.41 4.47
N ASP J 68 22.52 39.79 5.36
CA ASP J 68 22.38 38.38 5.71
C ASP J 68 21.93 38.30 7.16
N VAL J 69 20.84 37.59 7.42
CA VAL J 69 20.19 37.72 8.71
C VAL J 69 19.73 36.37 9.26
N VAL J 70 19.81 36.20 10.57
CA VAL J 70 19.20 35.04 11.20
C VAL J 70 18.08 35.51 12.11
N PHE J 71 16.88 34.95 11.91
CA PHE J 71 15.73 35.30 12.74
C PHE J 71 14.81 34.12 13.07
N TRP J 72 14.06 34.26 14.15
CA TRP J 72 13.10 33.25 14.54
C TRP J 72 11.75 33.77 14.08
N GLN J 73 11.10 33.04 13.18
CA GLN J 73 9.84 33.49 12.60
C GLN J 73 8.65 32.94 13.39
N GLN J 74 8.20 33.70 14.38
CA GLN J 74 7.08 33.30 15.21
C GLN J 74 5.80 33.35 14.40
N THR J 75 5.16 32.19 14.23
CA THR J 75 4.00 32.06 13.37
C THR J 75 2.89 31.33 14.09
N THR J 76 1.75 31.99 14.26
CA THR J 76 0.61 31.36 14.94
C THR J 76 -0.69 31.50 14.16
N TRP J 77 -1.55 30.51 14.32
CA TRP J 77 -2.86 30.49 13.67
C TRP J 77 -3.67 29.39 14.33
N SER J 78 -4.95 29.34 14.00
CA SER J 78 -5.83 28.38 14.61
C SER J 78 -6.27 27.38 13.56
N ASP J 79 -6.20 26.09 13.89
CA ASP J 79 -6.72 25.01 13.03
C ASP J 79 -7.61 24.11 13.86
N ARG J 80 -8.92 24.39 13.84
CA ARG J 80 -9.85 23.67 14.70
C ARG J 80 -10.01 22.18 14.37
N THR J 81 -9.61 21.76 13.17
CA THR J 81 -9.60 20.36 12.82
C THR J 81 -8.58 19.55 13.61
N LEU J 82 -7.77 20.21 14.43
CA LEU J 82 -6.72 19.53 15.19
C LEU J 82 -7.09 19.43 16.65
N ALA J 83 -8.18 20.08 17.05
CA ALA J 83 -8.53 20.14 18.47
C ALA J 83 -8.88 18.77 19.06
N TRP J 84 -8.64 18.59 20.35
CA TRP J 84 -9.05 17.36 21.05
C TRP J 84 -9.48 17.71 22.47
N ASN J 85 -10.15 16.76 23.12
CA ASN J 85 -10.57 16.93 24.51
C ASN J 85 -9.37 16.81 25.44
N SER J 86 -9.06 17.90 26.13
CA SER J 86 -7.85 17.98 26.94
C SER J 86 -7.99 17.29 28.31
N SER J 87 -9.22 16.90 28.66
CA SER J 87 -9.47 16.22 29.93
C SER J 87 -8.74 14.89 29.95
N HIS J 88 -8.08 14.53 31.04
CA HIS J 88 -7.42 13.23 31.07
C HIS J 88 -6.40 13.12 29.90
N SER J 89 -5.79 14.23 29.46
CA SER J 89 -4.86 14.20 28.32
C SER J 89 -3.86 15.36 28.33
N PRO J 90 -2.72 15.18 27.65
CA PRO J 90 -1.77 16.30 27.49
C PRO J 90 -2.43 17.50 26.81
N ASP J 91 -1.99 18.69 27.20
CA ASP J 91 -2.55 19.94 26.73
C ASP J 91 -1.97 20.33 25.36
N GLN J 92 -0.74 19.88 25.09
CA GLN J 92 -0.02 20.24 23.88
C GLN J 92 0.85 19.08 23.38
N VAL J 93 1.11 19.04 22.08
CA VAL J 93 2.04 18.09 21.52
C VAL J 93 2.91 18.77 20.48
N SER J 94 4.02 18.14 20.13
CA SER J 94 4.89 18.59 19.06
C SER J 94 4.60 17.73 17.83
N VAL J 95 4.28 18.39 16.71
CA VAL J 95 3.90 17.72 15.47
C VAL J 95 4.82 18.11 14.32
N PRO J 96 5.31 17.13 13.54
CA PRO J 96 6.08 17.46 12.34
C PRO J 96 5.20 18.27 11.41
N ILE J 97 5.73 19.34 10.81
CA ILE J 97 4.90 20.20 9.99
C ILE J 97 4.42 19.50 8.74
N SER J 98 5.06 18.41 8.37
CA SER J 98 4.63 17.64 7.21
C SER J 98 3.25 17.04 7.44
N SER J 99 2.82 16.96 8.69
CA SER J 99 1.48 16.49 9.02
C SER J 99 0.46 17.62 9.19
N LEU J 100 0.84 18.86 8.94
CA LEU J 100 -0.04 19.99 9.21
C LEU J 100 -0.15 20.92 8.02
N TRP J 101 -1.29 21.60 7.87
CA TRP J 101 -1.31 22.74 6.98
C TRP J 101 -0.48 23.84 7.63
N VAL J 102 0.33 24.52 6.82
CA VAL J 102 1.19 25.61 7.28
C VAL J 102 1.03 26.74 6.27
N PRO J 103 0.90 27.99 6.73
CA PRO J 103 0.72 29.11 5.79
C PRO J 103 1.88 29.22 4.83
N ASP J 104 1.60 29.53 3.57
CA ASP J 104 2.63 29.58 2.53
C ASP J 104 3.29 30.97 2.54
N LEU J 105 3.82 31.38 3.69
CA LEU J 105 4.48 32.69 3.79
C LEU J 105 5.78 32.76 3.00
N ALA J 106 6.04 33.94 2.42
CA ALA J 106 7.31 34.17 1.72
C ALA J 106 7.81 35.56 2.03
N ALA J 107 9.14 35.72 2.04
CA ALA J 107 9.73 37.03 2.15
C ALA J 107 9.88 37.60 0.73
N TYR J 108 9.12 38.64 0.42
CA TYR J 108 9.05 39.17 -0.94
C TYR J 108 10.38 39.73 -1.47
N ASN J 109 11.23 40.23 -0.57
CA ASN J 109 12.52 40.82 -1.01
C ASN J 109 13.70 39.94 -0.62
N ALA J 110 13.44 38.65 -0.43
CA ALA J 110 14.52 37.69 -0.19
C ALA J 110 15.27 37.39 -1.46
N ILE J 111 16.59 37.24 -1.35
CA ILE J 111 17.42 36.96 -2.53
C ILE J 111 18.21 35.66 -2.35
N SER J 112 17.96 34.96 -1.25
CA SER J 112 18.39 33.58 -1.11
C SER J 112 17.27 32.68 -0.55
N LYS J 113 17.43 31.38 -0.73
CA LYS J 113 16.51 30.39 -0.21
C LYS J 113 16.54 30.49 1.31
N PRO J 114 15.37 30.36 1.97
CA PRO J 114 15.42 30.35 3.43
C PRO J 114 16.10 29.06 3.93
N GLU J 115 17.12 29.22 4.75
CA GLU J 115 17.86 28.11 5.31
C GLU J 115 17.33 27.85 6.72
N VAL J 116 16.60 26.76 6.91
CA VAL J 116 15.98 26.46 8.20
C VAL J 116 17.00 25.75 9.11
N LEU J 117 17.18 26.26 10.32
CA LEU J 117 18.26 25.79 11.16
C LEU J 117 17.77 24.92 12.32
N THR J 118 16.46 24.72 12.38
CA THR J 118 15.86 24.06 13.54
C THR J 118 15.00 22.89 13.11
N PRO J 119 14.71 21.97 14.06
CA PRO J 119 13.82 20.86 13.74
C PRO J 119 12.47 21.38 13.25
N GLN J 120 11.98 20.81 12.16
CA GLN J 120 10.73 21.29 11.58
C GLN J 120 9.48 20.75 12.29
N LEU J 121 9.26 21.23 13.51
CA LEU J 121 8.18 20.80 14.36
C LEU J 121 7.35 22.00 14.79
N ALA J 122 6.03 21.82 14.86
CA ALA J 122 5.18 22.87 15.39
C ALA J 122 4.61 22.43 16.71
N ARG J 123 4.15 23.37 17.50
CA ARG J 123 3.57 23.07 18.80
C ARG J 123 2.08 23.30 18.68
N VAL J 124 1.30 22.26 18.99
CA VAL J 124 -0.14 22.31 18.81
C VAL J 124 -0.90 22.16 20.14
N VAL J 125 -1.79 23.11 20.41
CA VAL J 125 -2.53 23.13 21.66
C VAL J 125 -3.87 22.42 21.45
N SER J 126 -4.43 21.86 22.52
CA SER J 126 -5.66 21.06 22.39
C SER J 126 -6.82 21.87 21.78
N ASP J 127 -6.81 23.19 21.91
CA ASP J 127 -7.88 23.98 21.29
C ASP J 127 -7.67 24.26 19.81
N GLY J 128 -6.59 23.73 19.24
CA GLY J 128 -6.33 23.91 17.83
C GLY J 128 -5.38 25.05 17.48
N GLU J 129 -4.84 25.72 18.49
CA GLU J 129 -3.86 26.77 18.25
C GLU J 129 -2.55 26.12 17.83
N VAL J 130 -1.87 26.71 16.87
CA VAL J 130 -0.62 26.15 16.39
C VAL J 130 0.45 27.22 16.49
N LEU J 131 1.62 26.85 16.99
CA LEU J 131 2.79 27.72 16.98
C LEU J 131 3.91 27.04 16.23
N TYR J 132 4.39 27.70 15.18
CA TYR J 132 5.50 27.23 14.37
C TYR J 132 6.55 28.34 14.35
N MET J 133 7.79 28.01 14.71
CA MET J 133 8.82 29.04 14.89
C MET J 133 10.18 28.54 14.46
N PRO J 134 10.41 28.50 13.14
CA PRO J 134 11.71 28.04 12.63
C PRO J 134 12.76 29.12 12.76
N SER J 135 14.00 28.74 13.04
CA SER J 135 15.10 29.65 12.92
C SER J 135 15.56 29.67 11.50
N ILE J 136 15.61 30.85 10.90
CA ILE J 136 15.90 30.98 9.48
C ILE J 136 17.10 31.88 9.23
N ARG J 137 17.98 31.47 8.33
CA ARG J 137 19.03 32.35 7.86
C ARG J 137 18.78 32.63 6.39
N GLN J 138 18.75 33.90 6.04
CA GLN J 138 18.28 34.28 4.72
C GLN J 138 18.88 35.63 4.34
N ARG J 139 19.03 35.86 3.04
CA ARG J 139 19.62 37.09 2.56
C ARG J 139 18.55 38.01 1.93
N PHE J 140 18.66 39.30 2.18
CA PHE J 140 17.62 40.21 1.71
C PHE J 140 18.21 41.38 0.93
N SER J 141 17.41 41.90 0.00
CA SER J 141 17.73 43.12 -0.68
C SER J 141 16.94 44.21 0.03
N CYS J 142 17.65 45.14 0.65
CA CYS J 142 17.00 46.21 1.41
C CYS J 142 17.97 47.38 1.63
N ASP J 143 17.46 48.47 2.21
CA ASP J 143 18.25 49.69 2.33
C ASP J 143 19.26 49.58 3.46
N VAL J 144 20.53 49.50 3.09
CA VAL J 144 21.61 49.35 4.06
C VAL J 144 22.30 50.71 4.30
N SER J 145 21.85 51.73 3.59
CA SER J 145 22.49 53.04 3.70
C SER J 145 22.35 53.62 5.11
N GLY J 146 23.48 54.04 5.68
CA GLY J 146 23.51 54.64 7.00
C GLY J 146 23.87 53.67 8.10
N VAL J 147 24.28 52.46 7.74
CA VAL J 147 24.58 51.44 8.73
C VAL J 147 25.74 51.85 9.65
N ASP J 148 26.66 52.64 9.12
CA ASP J 148 27.85 53.09 9.87
C ASP J 148 27.67 54.41 10.59
N THR J 149 26.45 54.92 10.61
CA THR J 149 26.15 56.17 11.30
C THR J 149 25.40 55.89 12.59
N GLU J 150 25.23 56.92 13.42
CA GLU J 150 24.53 56.76 14.69
C GLU J 150 23.06 56.45 14.43
N SER J 151 22.49 57.04 13.39
CA SER J 151 21.06 56.83 13.05
C SER J 151 20.80 55.41 12.57
N GLY J 152 21.83 54.79 11.98
CA GLY J 152 21.74 53.42 11.53
C GLY J 152 20.98 53.26 10.22
N ALA J 153 20.94 52.03 9.72
CA ALA J 153 20.15 51.73 8.53
C ALA J 153 18.75 51.25 8.91
N THR J 154 17.81 51.39 7.98
CA THR J 154 16.50 50.80 8.16
C THR J 154 16.19 49.85 7.02
N CYS J 155 16.26 48.56 7.34
CA CYS J 155 16.04 47.50 6.37
C CYS J 155 14.62 46.97 6.53
N ARG J 156 13.83 47.02 5.46
CA ARG J 156 12.46 46.54 5.50
C ARG J 156 12.31 45.15 4.89
N ILE J 157 11.71 44.24 5.66
CA ILE J 157 11.43 42.88 5.18
C ILE J 157 9.92 42.64 5.05
N LYS J 158 9.51 42.28 3.84
CA LYS J 158 8.10 42.09 3.55
C LYS J 158 7.71 40.59 3.53
N ILE J 159 6.82 40.20 4.45
CA ILE J 159 6.39 38.81 4.56
C ILE J 159 4.89 38.66 4.47
N GLY J 160 4.44 37.77 3.58
CA GLY J 160 3.03 37.50 3.41
C GLY J 160 2.79 36.18 2.67
N SER J 161 1.52 35.77 2.56
CA SER J 161 1.18 34.58 1.80
C SER J 161 1.58 34.76 0.36
N TRP J 162 2.14 33.72 -0.24
CA TRP J 162 2.48 33.78 -1.66
C TRP J 162 1.25 33.68 -2.54
N THR J 163 0.28 32.84 -2.15
CA THR J 163 -0.83 32.53 -3.06
C THR J 163 -2.25 32.75 -2.50
N HIS J 164 -2.36 33.07 -1.23
CA HIS J 164 -3.67 33.25 -0.62
C HIS J 164 -3.99 34.71 -0.37
N HIS J 165 -5.11 35.19 -0.90
CA HIS J 165 -5.53 36.56 -0.70
C HIS J 165 -6.21 36.79 0.64
N SER J 166 -6.67 38.02 0.85
CA SER J 166 -7.07 38.48 2.19
C SER J 166 -8.34 37.83 2.73
N ARG J 167 -9.11 37.18 1.86
CA ARG J 167 -10.27 36.44 2.32
C ARG J 167 -9.92 35.01 2.66
N GLU J 168 -8.69 34.61 2.39
CA GLU J 168 -8.25 33.25 2.72
C GLU J 168 -7.25 33.27 3.87
N ILE J 169 -6.26 34.16 3.78
CA ILE J 169 -5.30 34.38 4.85
C ILE J 169 -5.20 35.87 5.14
N SER J 170 -5.37 36.24 6.41
CA SER J 170 -5.03 37.59 6.82
C SER J 170 -3.81 37.53 7.72
N VAL J 171 -2.88 38.48 7.57
CA VAL J 171 -1.70 38.50 8.41
C VAL J 171 -1.68 39.71 9.29
N ASP J 172 -1.22 39.51 10.52
CA ASP J 172 -1.19 40.58 11.50
C ASP J 172 0.05 40.44 12.33
N PRO J 173 0.70 41.56 12.67
CA PRO J 173 1.81 41.42 13.62
C PRO J 173 1.29 41.06 15.01
N THR J 174 2.18 40.67 15.93
CA THR J 174 1.78 40.42 17.31
C THR J 174 1.94 41.69 18.17
N ASP J 179 11.10 43.26 24.00
CA ASP J 179 12.40 43.88 23.78
C ASP J 179 12.90 43.48 22.39
N ASP J 180 13.25 44.49 21.58
CA ASP J 180 13.69 44.23 20.22
C ASP J 180 15.03 43.48 20.13
N SER J 181 15.83 43.55 21.20
CA SER J 181 17.09 42.83 21.23
C SER J 181 17.01 41.60 22.13
N GLU J 182 15.79 41.23 22.51
CA GLU J 182 15.58 40.19 23.51
C GLU J 182 16.39 38.93 23.23
N TYR J 183 16.40 38.47 21.98
CA TYR J 183 17.19 37.28 21.71
C TYR J 183 18.37 37.63 20.81
N PHE J 184 18.59 38.91 20.56
CA PHE J 184 19.65 39.29 19.65
C PHE J 184 21.01 38.99 20.27
N SER J 185 21.90 38.43 19.46
CA SER J 185 23.17 37.97 19.95
C SER J 185 24.03 39.16 20.38
N GLN J 186 24.63 39.05 21.57
CA GLN J 186 25.48 40.13 22.06
C GLN J 186 26.81 40.18 21.30
N TYR J 187 27.09 39.15 20.50
CA TYR J 187 28.40 39.03 19.86
C TYR J 187 28.39 39.47 18.40
N SER J 188 27.24 39.96 17.93
CA SER J 188 27.15 40.49 16.58
C SER J 188 27.96 41.78 16.44
N ARG J 189 28.45 42.04 15.23
CA ARG J 189 29.09 43.31 14.92
C ARG J 189 28.07 44.41 15.00
N PHE J 190 26.80 44.05 14.97
CA PHE J 190 25.75 45.06 14.87
C PHE J 190 24.87 45.08 16.10
N GLU J 191 24.02 46.08 16.17
CA GLU J 191 23.10 46.23 17.30
C GLU J 191 21.79 46.79 16.78
N ILE J 192 20.70 46.44 17.46
CA ILE J 192 19.39 46.82 16.97
C ILE J 192 18.91 48.05 17.70
N LEU J 193 18.45 49.03 16.95
CA LEU J 193 17.96 50.27 17.53
C LEU J 193 16.46 50.20 17.72
N ASP J 194 15.77 49.58 16.77
CA ASP J 194 14.32 49.49 16.83
C ASP J 194 13.80 48.52 15.78
N VAL J 195 12.69 47.86 16.09
CA VAL J 195 12.00 47.00 15.14
C VAL J 195 10.53 47.36 15.13
N THR J 196 10.01 47.79 13.99
CA THR J 196 8.57 48.07 13.88
C THR J 196 7.93 47.19 12.81
N GLN J 197 6.68 46.83 13.02
CA GLN J 197 5.98 45.94 12.11
C GLN J 197 4.66 46.58 11.70
N LYS J 198 4.26 46.39 10.46
CA LYS J 198 3.07 47.05 9.94
C LYS J 198 2.39 46.23 8.84
N LYS J 199 1.08 46.04 8.95
CA LYS J 199 0.34 45.31 7.93
C LYS J 199 0.07 46.19 6.72
N ASN J 200 0.17 45.61 5.52
CA ASN J 200 -0.25 46.25 4.27
C ASN J 200 -1.22 45.37 3.49
N SER J 201 -2.04 45.99 2.63
CA SER J 201 -2.82 45.26 1.66
C SER J 201 -2.40 45.73 0.30
N VAL J 202 -2.12 44.79 -0.60
CA VAL J 202 -1.62 45.14 -1.92
C VAL J 202 -2.47 44.44 -2.95
N THR J 203 -2.79 45.12 -4.05
CA THR J 203 -3.47 44.44 -5.13
C THR J 203 -2.48 44.20 -6.27
N TYR J 204 -2.52 43.00 -6.82
CA TYR J 204 -1.62 42.67 -7.92
C TYR J 204 -2.39 42.53 -9.22
N SER J 205 -1.68 42.86 -10.30
CA SER J 205 -2.13 42.68 -11.67
C SER J 205 -2.73 41.30 -11.80
N CYS J 206 -2.11 40.33 -11.13
CA CYS J 206 -2.63 38.98 -11.04
C CYS J 206 -4.14 38.94 -10.88
N CYS J 207 -4.60 39.52 -9.78
CA CYS J 207 -5.92 39.21 -9.27
C CYS J 207 -6.58 40.42 -8.62
N PRO J 208 -7.90 40.46 -8.72
CA PRO J 208 -8.70 41.52 -8.11
C PRO J 208 -8.51 41.57 -6.61
N GLU J 209 -8.52 40.41 -5.95
CA GLU J 209 -8.47 40.41 -4.49
C GLU J 209 -7.15 40.99 -3.98
N ALA J 210 -7.21 41.52 -2.77
CA ALA J 210 -6.04 42.10 -2.13
C ALA J 210 -5.27 41.05 -1.33
N TYR J 211 -3.95 41.20 -1.29
CA TYR J 211 -3.08 40.29 -0.57
C TYR J 211 -2.44 41.01 0.60
N GLU J 212 -2.43 40.37 1.76
CA GLU J 212 -1.91 41.04 2.95
C GLU J 212 -0.45 40.67 3.22
N ASP J 213 0.30 41.62 3.75
CA ASP J 213 1.66 41.32 4.18
C ASP J 213 1.96 42.03 5.48
N VAL J 214 2.99 41.55 6.16
CA VAL J 214 3.55 42.32 7.28
C VAL J 214 4.88 42.86 6.82
N GLU J 215 5.09 44.16 7.05
CA GLU J 215 6.36 44.80 6.70
C GLU J 215 7.10 45.06 7.99
N VAL J 216 8.25 44.43 8.13
CA VAL J 216 9.07 44.54 9.32
C VAL J 216 10.27 45.47 9.09
N SER J 217 10.31 46.56 9.84
CA SER J 217 11.39 47.56 9.66
C SER J 217 12.44 47.35 10.72
N LEU J 218 13.63 46.94 10.26
CA LEU J 218 14.72 46.68 11.19
C LEU J 218 15.70 47.86 11.17
N ASN J 219 15.73 48.63 12.26
CA ASN J 219 16.65 49.76 12.36
C ASN J 219 17.87 49.32 13.16
N PHE J 220 19.03 49.28 12.51
CA PHE J 220 20.22 48.72 13.14
C PHE J 220 21.45 49.49 12.70
N ARG J 221 22.57 49.27 13.37
CA ARG J 221 23.82 49.97 13.04
C ARG J 221 25.05 49.20 13.49
N LYS J 222 26.18 49.52 12.86
CA LYS J 222 27.46 48.97 13.28
C LYS J 222 27.82 49.45 14.69
N LYS J 223 28.09 48.50 15.58
CA LYS J 223 28.60 48.80 16.91
C LYS J 223 29.87 49.63 16.81
N GLY J 224 30.12 50.45 17.84
CA GLY J 224 31.36 51.20 18.00
C GLY J 224 31.94 51.85 16.76
#